data_8R72
#
_entry.id   8R72
#
_cell.length_a   53.870
_cell.length_b   137.400
_cell.length_c   203.330
_cell.angle_alpha   90.000
_cell.angle_beta   90.000
_cell.angle_gamma   90.000
#
_symmetry.space_group_name_H-M   'P 21 21 21'
#
loop_
_entity.id
_entity.type
_entity.pdbx_description
1 polymer Heparinase
2 branched 'beta-D-glucopyranuronic acid-(1-3)-2-acetamido-2-deoxy-beta-D-glucopyranose-(1-4)-beta-D-glucopyranuronic acid-(1-3)-2-acetamido-2-deoxy-beta-D-glucopyranose'
3 non-polymer 'ZINC ION'
4 water water
#
_entity_poly.entity_id   1
_entity_poly.type   'polypeptide(L)'
_entity_poly.pdbx_seq_one_letter_code
;MGSSHHHHHHSSGLVPRGSHMASNAYTERDMLQKAADETTLKNVLVMKQAWVPYPAYTDRAAWDSLMGSNKQRLIAAGEK
LLDYKWQLIPATAYLEYERTGNRKIMEVPYDANRQALNTLMLAELAEGKGRFIDQLLNGAYMSCEMNSWVLSAHLPRQSS
KRSLPDFREQIIDLGSGGYGALMAWVHYFFRKPFDKINPVVSLQMRKAIKERILDPYMNDDDMWWMAFNWQPGEIINNWN
PWCNSNALQCFLLMENNKDRLAKAVYRSMKSVDKFINFVKSDGACEEGTSAWGHAAGKLYDYLQILSDGTGGKISLLNEP
MIRRMGEYMSRSYVGNGWVVNFADASAQGGGDPLLIYRFGKAVNSNEMMHFAAYLLNGRKPYATMGNDAFRSLQSLLCCN
DLAKETPKHDMPDVTWYPETEFCYMKNKNGMFVAAKGGFNNESHNHNDVGTFSLYVNTIPVILDAGVGTYTKQTFGKDRY
TIWTMQSNYHNLPMINGIPQKYGQEYKATNTTCNEKKRVFSTDIAAAYPSEAKVKNWIRSYTLDDRKLTITDSYTLEEAV
APNQVNFMTWGNVTFPSQGKIQIEVKGQKVELDYPTLFKAELETIQLDDPRLSNVWGKEIYRITLKTNEKKETGNYKFVI
QQIK
;
_entity_poly.pdbx_strand_id   A,B
#
loop_
_chem_comp.id
_chem_comp.type
_chem_comp.name
_chem_comp.formula
BDP D-saccharide, beta linking 'beta-D-glucopyranuronic acid' 'C6 H10 O7'
NAG D-saccharide, beta linking 2-acetamido-2-deoxy-beta-D-glucopyranose 'C8 H15 N O6'
ZN non-polymer 'ZINC ION' 'Zn 2'
#
# COMPACT_ATOMS: atom_id res chain seq x y z
N GLU A 28 -42.84 -12.14 -14.15
CA GLU A 28 -42.12 -13.43 -14.33
C GLU A 28 -42.01 -13.78 -15.80
N ARG A 29 -41.13 -13.08 -16.52
CA ARG A 29 -40.89 -13.36 -17.94
C ARG A 29 -39.80 -14.41 -18.10
N ASP A 30 -38.77 -14.34 -17.25
CA ASP A 30 -37.70 -15.32 -17.21
C ASP A 30 -37.09 -15.53 -18.60
N MET A 31 -36.70 -14.41 -19.24
CA MET A 31 -36.40 -14.40 -20.66
C MET A 31 -35.14 -15.23 -20.92
N LEU A 32 -34.18 -15.14 -19.99
CA LEU A 32 -32.89 -15.82 -20.12
C LEU A 32 -33.01 -17.34 -19.91
N GLN A 33 -33.74 -17.74 -18.84
CA GLN A 33 -33.98 -19.15 -18.57
C GLN A 33 -34.75 -19.79 -19.73
N LYS A 34 -35.67 -19.05 -20.33
CA LYS A 34 -36.39 -19.55 -21.51
C LYS A 34 -35.43 -19.71 -22.68
N ALA A 35 -34.52 -18.74 -22.87
CA ALA A 35 -33.59 -18.80 -23.98
C ALA A 35 -32.60 -19.97 -23.84
N ALA A 36 -32.29 -20.40 -22.60
CA ALA A 36 -31.44 -21.59 -22.38
C ALA A 36 -31.45 -22.06 -20.93
N ASP A 37 -31.21 -23.37 -20.75
CA ASP A 37 -30.96 -23.96 -19.44
C ASP A 37 -29.49 -24.37 -19.38
N GLU A 38 -29.04 -24.91 -18.26
CA GLU A 38 -27.62 -25.21 -18.10
C GLU A 38 -27.12 -26.11 -19.25
N THR A 39 -27.92 -27.13 -19.63
CA THR A 39 -27.56 -28.09 -20.66
C THR A 39 -27.36 -27.42 -22.01
N THR A 40 -28.20 -26.43 -22.34
CA THR A 40 -28.04 -25.73 -23.60
C THR A 40 -26.73 -24.95 -23.60
N LEU A 41 -26.57 -24.22 -22.50
CA LEU A 41 -25.53 -23.22 -22.30
C LEU A 41 -24.16 -23.87 -22.50
N LYS A 42 -23.96 -25.06 -21.92
CA LYS A 42 -22.73 -25.81 -22.06
C LYS A 42 -22.44 -26.18 -23.53
N ASN A 43 -23.44 -26.55 -24.31
CA ASN A 43 -23.19 -26.91 -25.70
C ASN A 43 -22.62 -25.71 -26.48
N VAL A 44 -22.87 -24.47 -26.02
CA VAL A 44 -22.65 -23.30 -26.85
C VAL A 44 -21.63 -22.35 -26.23
N LEU A 45 -21.13 -22.60 -25.02
CA LEU A 45 -20.10 -21.75 -24.43
C LEU A 45 -18.82 -21.81 -25.26
N VAL A 46 -18.11 -20.69 -25.30
CA VAL A 46 -16.86 -20.62 -26.01
C VAL A 46 -15.71 -20.63 -24.99
N MET A 47 -14.87 -21.66 -25.07
CA MET A 47 -13.80 -21.91 -24.12
C MET A 47 -12.50 -21.27 -24.58
N LYS A 48 -11.56 -21.18 -23.64
CA LYS A 48 -10.20 -20.75 -23.91
C LYS A 48 -10.20 -19.31 -24.42
N GLN A 49 -11.20 -18.53 -24.00
CA GLN A 49 -11.28 -17.11 -24.29
C GLN A 49 -11.19 -16.80 -25.80
N ALA A 50 -11.76 -17.68 -26.64
CA ALA A 50 -11.69 -17.52 -28.10
C ALA A 50 -12.72 -16.51 -28.57
N TRP A 51 -13.66 -16.19 -27.68
CA TRP A 51 -14.71 -15.18 -27.86
C TRP A 51 -14.12 -13.78 -27.85
N VAL A 52 -12.93 -13.63 -27.30
CA VAL A 52 -12.37 -12.29 -27.12
C VAL A 52 -12.22 -11.66 -28.50
N PRO A 53 -12.75 -10.44 -28.70
CA PRO A 53 -12.73 -9.76 -30.00
C PRO A 53 -11.55 -8.85 -30.32
N TYR A 54 -10.58 -8.75 -29.40
CA TYR A 54 -9.47 -7.83 -29.59
C TYR A 54 -8.26 -8.62 -30.12
N PRO A 55 -7.33 -7.97 -30.85
CA PRO A 55 -6.11 -8.66 -31.29
C PRO A 55 -5.28 -9.29 -30.16
N ALA A 56 -4.45 -10.25 -30.57
CA ALA A 56 -3.38 -10.72 -29.70
C ALA A 56 -2.45 -9.55 -29.34
N TYR A 57 -2.11 -9.40 -28.04
CA TYR A 57 -1.21 -8.35 -27.60
C TYR A 57 -0.01 -8.23 -28.52
N THR A 58 0.37 -9.36 -29.15
CA THR A 58 1.56 -9.45 -29.97
C THR A 58 1.30 -8.93 -31.37
N ASP A 59 0.04 -8.77 -31.78
CA ASP A 59 -0.30 -8.46 -33.15
C ASP A 59 -0.33 -6.96 -33.31
N ARG A 60 0.85 -6.37 -33.51
CA ARG A 60 1.02 -4.93 -33.48
C ARG A 60 0.28 -4.26 -34.63
N ALA A 61 0.21 -4.92 -35.78
CA ALA A 61 -0.38 -4.34 -36.96
C ALA A 61 -1.89 -4.29 -36.83
N ALA A 62 -2.46 -5.33 -36.21
CA ALA A 62 -3.89 -5.41 -36.03
C ALA A 62 -4.37 -4.36 -35.02
N TRP A 63 -3.54 -4.08 -33.99
CA TRP A 63 -3.84 -3.09 -32.95
C TRP A 63 -3.79 -1.66 -33.50
N ASP A 64 -2.67 -1.31 -34.15
CA ASP A 64 -2.53 -0.12 -34.99
C ASP A 64 -3.80 0.19 -35.79
N SER A 65 -4.32 -0.79 -36.56
CA SER A 65 -5.51 -0.57 -37.38
C SER A 65 -6.73 -0.32 -36.49
N LEU A 66 -6.88 -1.16 -35.47
CA LEU A 66 -7.99 -1.01 -34.56
C LEU A 66 -7.90 0.34 -33.85
N MET A 67 -6.68 0.69 -33.42
CA MET A 67 -6.50 1.83 -32.52
C MET A 67 -6.82 3.13 -33.24
N GLY A 68 -6.54 3.20 -34.54
CA GLY A 68 -6.69 4.46 -35.24
C GLY A 68 -5.90 5.53 -34.50
N SER A 69 -6.45 6.73 -34.44
CA SER A 69 -5.76 7.82 -33.77
C SER A 69 -5.99 7.78 -32.26
N ASN A 70 -6.49 6.66 -31.71
CA ASN A 70 -6.51 6.45 -30.27
C ASN A 70 -5.11 6.13 -29.75
N LYS A 71 -4.31 5.50 -30.60
CA LYS A 71 -3.01 4.97 -30.22
C LYS A 71 -2.16 6.04 -29.54
N GLN A 72 -1.99 7.15 -30.23
CA GLN A 72 -1.08 8.19 -29.77
C GLN A 72 -1.63 8.86 -28.52
N ARG A 73 -2.96 9.00 -28.36
CA ARG A 73 -3.44 9.66 -27.16
C ARG A 73 -3.45 8.68 -25.97
N LEU A 74 -3.65 7.38 -26.22
CA LEU A 74 -3.57 6.41 -25.15
C LEU A 74 -2.13 6.21 -24.66
N ILE A 75 -1.16 6.30 -25.59
CA ILE A 75 0.23 6.12 -25.21
C ILE A 75 0.65 7.29 -24.32
N ALA A 76 0.09 8.48 -24.60
CA ALA A 76 0.39 9.69 -23.87
C ALA A 76 -0.17 9.62 -22.44
N ALA A 77 -1.41 9.15 -22.31
CA ALA A 77 -2.03 8.91 -21.01
C ALA A 77 -1.18 7.95 -20.17
N GLY A 78 -0.64 6.91 -20.80
CA GLY A 78 0.27 5.98 -20.13
C GLY A 78 1.61 6.63 -19.78
N GLU A 79 2.06 7.59 -20.60
CA GLU A 79 3.34 8.25 -20.37
C GLU A 79 3.31 8.98 -19.03
N LYS A 80 2.19 9.67 -18.75
CA LYS A 80 1.99 10.44 -17.53
C LYS A 80 1.91 9.56 -16.28
N LEU A 81 1.93 8.23 -16.41
CA LEU A 81 1.72 7.37 -15.26
C LEU A 81 2.94 6.48 -15.03
N LEU A 82 3.98 6.68 -15.84
CA LEU A 82 5.20 5.89 -15.74
C LEU A 82 5.88 6.00 -14.38
N ASP A 83 5.56 7.05 -13.62
CA ASP A 83 6.09 7.25 -12.28
C ASP A 83 4.96 7.36 -11.24
N TYR A 84 3.73 6.93 -11.61
CA TYR A 84 2.60 6.99 -10.68
C TYR A 84 2.89 6.13 -9.44
N LYS A 85 2.76 6.73 -8.25
CA LYS A 85 2.95 6.00 -7.02
C LYS A 85 1.60 5.41 -6.65
N TRP A 86 1.51 4.08 -6.68
CA TRP A 86 0.31 3.38 -6.29
C TRP A 86 -0.08 3.77 -4.86
N GLN A 87 -1.36 4.05 -4.65
CA GLN A 87 -1.74 4.60 -3.36
C GLN A 87 -2.09 3.46 -2.43
N LEU A 88 -1.57 3.53 -1.20
CA LEU A 88 -2.02 2.63 -0.15
C LEU A 88 -3.30 3.20 0.44
N ILE A 89 -4.17 2.32 0.90
CA ILE A 89 -5.38 2.74 1.57
C ILE A 89 -5.28 2.35 3.05
N PRO A 90 -5.06 3.31 3.97
CA PRO A 90 -4.89 2.96 5.38
C PRO A 90 -6.21 2.53 6.02
N ALA A 91 -6.09 1.72 7.06
CA ALA A 91 -7.21 1.26 7.86
C ALA A 91 -8.09 2.43 8.27
N THR A 92 -7.48 3.56 8.66
CA THR A 92 -8.21 4.72 9.14
C THR A 92 -9.12 5.27 8.05
N ALA A 93 -8.76 5.04 6.78
CA ALA A 93 -9.58 5.48 5.68
C ALA A 93 -10.90 4.72 5.71
N TYR A 94 -10.83 3.40 5.96
CA TYR A 94 -12.00 2.53 6.07
C TYR A 94 -12.76 2.83 7.36
N LEU A 95 -12.06 3.17 8.44
CA LEU A 95 -12.68 3.38 9.74
C LEU A 95 -13.52 4.64 9.72
N GLU A 96 -13.18 5.56 8.81
CA GLU A 96 -13.87 6.84 8.71
C GLU A 96 -15.34 6.69 8.26
N TYR A 97 -15.73 5.59 7.58
CA TYR A 97 -17.11 5.45 7.15
C TYR A 97 -17.99 5.33 8.40
N GLU A 98 -17.52 4.59 9.41
CA GLU A 98 -18.21 4.42 10.69
C GLU A 98 -18.13 5.68 11.56
N ARG A 99 -16.99 6.37 11.54
CA ARG A 99 -16.82 7.47 12.46
C ARG A 99 -17.67 8.66 12.01
N THR A 100 -17.69 8.96 10.71
CA THR A 100 -18.28 10.21 10.21
C THR A 100 -19.05 10.04 8.90
N GLY A 101 -18.98 8.83 8.29
CA GLY A 101 -19.70 8.51 7.08
C GLY A 101 -19.01 9.00 5.80
N ASN A 102 -17.73 9.36 5.92
CA ASN A 102 -16.92 9.82 4.80
C ASN A 102 -16.56 8.64 3.89
N ARG A 103 -16.90 8.78 2.60
CA ARG A 103 -16.67 7.75 1.59
C ARG A 103 -15.43 8.05 0.75
N LYS A 104 -15.22 9.33 0.43
CA LYS A 104 -14.17 9.77 -0.49
C LYS A 104 -12.75 9.55 0.06
N ILE A 105 -12.54 9.66 1.37
CA ILE A 105 -11.22 9.45 1.93
C ILE A 105 -10.67 8.10 1.45
N MET A 106 -11.56 7.12 1.27
CA MET A 106 -11.14 5.80 0.82
C MET A 106 -11.23 5.66 -0.71
N GLU A 107 -12.29 6.21 -1.30
CA GLU A 107 -12.64 5.97 -2.68
C GLU A 107 -11.76 6.75 -3.64
N VAL A 108 -11.24 7.91 -3.21
CA VAL A 108 -10.48 8.77 -4.10
C VAL A 108 -9.21 8.00 -4.49
N PRO A 109 -8.40 7.50 -3.53
CA PRO A 109 -7.21 6.73 -3.85
C PRO A 109 -7.52 5.43 -4.59
N TYR A 110 -8.59 4.73 -4.19
CA TYR A 110 -8.97 3.50 -4.87
C TYR A 110 -9.24 3.79 -6.34
N ASP A 111 -10.02 4.84 -6.62
CA ASP A 111 -10.39 5.11 -8.00
C ASP A 111 -9.18 5.59 -8.76
N ALA A 112 -8.24 6.24 -8.07
CA ALA A 112 -7.04 6.66 -8.77
C ALA A 112 -6.22 5.44 -9.19
N ASN A 113 -6.09 4.49 -8.29
CA ASN A 113 -5.41 3.25 -8.58
C ASN A 113 -6.06 2.54 -9.77
N ARG A 114 -7.39 2.45 -9.80
CA ARG A 114 -8.01 1.67 -10.85
C ARG A 114 -7.83 2.38 -12.19
N GLN A 115 -8.20 3.66 -12.24
CA GLN A 115 -8.09 4.44 -13.44
C GLN A 115 -6.68 4.27 -14.01
N ALA A 116 -5.65 4.39 -13.16
CA ALA A 116 -4.28 4.33 -13.61
C ALA A 116 -4.02 2.96 -14.25
N LEU A 117 -4.55 1.90 -13.64
CA LEU A 117 -4.29 0.53 -14.07
C LEU A 117 -4.97 0.31 -15.41
N ASN A 118 -6.24 0.67 -15.48
CA ASN A 118 -6.99 0.60 -16.71
C ASN A 118 -6.35 1.39 -17.84
N THR A 119 -5.71 2.52 -17.51
CA THR A 119 -5.11 3.37 -18.52
C THR A 119 -3.87 2.69 -19.05
N LEU A 120 -3.00 2.33 -18.10
CA LEU A 120 -1.77 1.60 -18.40
C LEU A 120 -2.06 0.36 -19.26
N MET A 121 -3.21 -0.26 -19.09
CA MET A 121 -3.58 -1.43 -19.87
C MET A 121 -3.80 -0.97 -21.31
N LEU A 122 -4.61 0.07 -21.49
CA LEU A 122 -4.87 0.65 -22.80
C LEU A 122 -3.57 1.12 -23.44
N ALA A 123 -2.72 1.81 -22.68
CA ALA A 123 -1.47 2.33 -23.22
C ALA A 123 -0.64 1.19 -23.81
N GLU A 124 -0.53 0.08 -23.06
CA GLU A 124 0.42 -0.97 -23.40
C GLU A 124 -0.10 -1.74 -24.60
N LEU A 125 -1.42 -1.95 -24.63
CA LEU A 125 -2.06 -2.51 -25.79
C LEU A 125 -1.75 -1.68 -27.03
N ALA A 126 -1.77 -0.33 -26.86
CA ALA A 126 -1.61 0.62 -27.96
C ALA A 126 -0.19 0.58 -28.51
N GLU A 127 0.81 0.52 -27.60
CA GLU A 127 2.21 0.72 -27.92
C GLU A 127 2.96 -0.60 -28.12
N GLY A 128 2.68 -1.57 -27.24
CA GLY A 128 3.06 -2.96 -27.42
C GLY A 128 4.57 -3.20 -27.35
N LYS A 129 5.34 -2.27 -26.76
CA LYS A 129 6.80 -2.38 -26.66
C LYS A 129 7.27 -2.73 -25.25
N GLY A 130 6.33 -2.95 -24.30
CA GLY A 130 6.66 -3.43 -22.97
C GLY A 130 7.04 -2.35 -21.96
N ARG A 131 6.86 -1.08 -22.32
CA ARG A 131 7.31 0.08 -21.57
C ARG A 131 6.46 0.35 -20.32
N PHE A 132 5.18 -0.06 -20.34
CA PHE A 132 4.27 0.09 -19.22
C PHE A 132 4.05 -1.22 -18.45
N ILE A 133 4.82 -2.25 -18.74
CA ILE A 133 4.55 -3.55 -18.17
C ILE A 133 4.91 -3.49 -16.69
N ASP A 134 6.04 -2.84 -16.39
CA ASP A 134 6.50 -2.76 -15.01
C ASP A 134 5.43 -2.10 -14.12
N GLN A 135 4.82 -1.01 -14.60
CA GLN A 135 3.78 -0.37 -13.83
C GLN A 135 2.51 -1.23 -13.78
N LEU A 136 2.14 -1.87 -14.90
CA LEU A 136 1.02 -2.81 -14.88
C LEU A 136 1.27 -3.92 -13.86
N LEU A 137 2.52 -4.36 -13.77
CA LEU A 137 2.85 -5.44 -12.87
C LEU A 137 2.69 -4.96 -11.43
N ASN A 138 3.20 -3.75 -11.17
CA ASN A 138 3.08 -3.11 -9.87
C ASN A 138 1.62 -2.99 -9.46
N GLY A 139 0.78 -2.49 -10.35
CA GLY A 139 -0.63 -2.30 -10.05
C GLY A 139 -1.31 -3.62 -9.66
N ALA A 140 -0.98 -4.67 -10.39
CA ALA A 140 -1.61 -5.95 -10.16
C ALA A 140 -1.15 -6.53 -8.81
N TYR A 141 0.15 -6.47 -8.57
CA TYR A 141 0.73 -7.01 -7.36
C TYR A 141 0.20 -6.23 -6.16
N MET A 142 0.28 -4.90 -6.22
CA MET A 142 -0.23 -4.09 -5.15
C MET A 142 -1.66 -4.51 -4.86
N SER A 143 -2.47 -4.72 -5.92
CA SER A 143 -3.88 -5.03 -5.73
C SER A 143 -4.07 -6.38 -5.02
N CYS A 144 -3.17 -7.36 -5.21
CA CYS A 144 -3.31 -8.67 -4.57
C CYS A 144 -2.95 -8.60 -3.09
N GLU A 145 -2.07 -7.65 -2.72
CA GLU A 145 -1.73 -7.39 -1.33
C GLU A 145 -2.91 -6.76 -0.59
N MET A 146 -3.80 -6.09 -1.30
CA MET A 146 -4.94 -5.50 -0.62
C MET A 146 -5.75 -6.64 -0.01
N ASN A 147 -6.28 -6.43 1.20
CA ASN A 147 -7.18 -7.42 1.77
C ASN A 147 -8.44 -7.57 0.94
N SER A 148 -8.97 -6.47 0.40
CA SER A 148 -10.28 -6.48 -0.25
C SER A 148 -10.34 -5.44 -1.35
N TRP A 149 -11.30 -5.58 -2.25
CA TRP A 149 -11.54 -4.60 -3.29
C TRP A 149 -12.90 -3.93 -3.09
N VAL A 150 -13.54 -4.20 -1.94
CA VAL A 150 -14.86 -3.64 -1.63
C VAL A 150 -14.73 -2.23 -1.05
N LEU A 151 -15.63 -1.32 -1.47
CA LEU A 151 -15.65 0.05 -0.98
C LEU A 151 -16.01 0.03 0.50
N SER A 152 -15.43 0.93 1.30
CA SER A 152 -15.66 0.98 2.74
C SER A 152 -17.16 1.03 3.01
N ALA A 153 -17.91 1.75 2.17
CA ALA A 153 -19.35 1.98 2.39
C ALA A 153 -20.19 0.72 2.22
N HIS A 154 -19.64 -0.28 1.53
CA HIS A 154 -20.35 -1.51 1.21
C HIS A 154 -19.94 -2.66 2.12
N LEU A 155 -18.77 -2.55 2.76
CA LEU A 155 -18.23 -3.63 3.57
C LEU A 155 -19.16 -3.94 4.74
N PRO A 156 -19.88 -2.97 5.34
CA PRO A 156 -20.75 -3.26 6.47
C PRO A 156 -21.77 -4.37 6.21
N ARG A 157 -21.87 -4.81 4.96
CA ARG A 157 -22.74 -5.93 4.62
C ARG A 157 -22.08 -7.27 4.96
N GLN A 158 -20.80 -7.27 5.36
CA GLN A 158 -20.08 -8.51 5.66
C GLN A 158 -20.59 -9.01 7.00
N SER A 159 -20.23 -10.26 7.35
CA SER A 159 -20.64 -10.87 8.61
C SER A 159 -20.46 -9.94 9.80
N SER A 160 -19.20 -9.52 10.02
CA SER A 160 -18.85 -8.71 11.17
C SER A 160 -19.60 -7.39 11.17
N LYS A 161 -19.97 -6.89 9.98
CA LYS A 161 -20.77 -5.68 9.77
C LYS A 161 -19.92 -4.39 9.89
N ARG A 162 -18.59 -4.52 9.78
CA ARG A 162 -17.68 -3.39 9.89
C ARG A 162 -17.26 -2.91 8.51
N SER A 163 -16.67 -1.71 8.49
CA SER A 163 -16.26 -1.00 7.28
C SER A 163 -14.82 -1.35 6.90
N LEU A 164 -14.09 -2.03 7.80
CA LEU A 164 -12.72 -2.38 7.53
C LEU A 164 -12.74 -3.78 6.88
N PRO A 165 -11.89 -4.07 5.86
CA PRO A 165 -11.82 -5.42 5.29
C PRO A 165 -11.52 -6.49 6.33
N ASP A 166 -12.02 -7.70 6.08
CA ASP A 166 -11.78 -8.84 6.95
C ASP A 166 -11.18 -9.95 6.09
N PHE A 167 -9.89 -10.23 6.33
CA PHE A 167 -9.14 -11.14 5.46
C PHE A 167 -9.87 -12.48 5.30
N ARG A 168 -10.75 -12.82 6.26
CA ARG A 168 -11.40 -14.13 6.25
C ARG A 168 -12.59 -14.21 5.27
N GLU A 169 -13.12 -13.07 4.81
CA GLU A 169 -14.40 -13.05 4.10
C GLU A 169 -14.33 -12.02 2.96
N GLN A 170 -14.85 -12.43 1.79
CA GLN A 170 -15.01 -11.56 0.63
C GLN A 170 -16.48 -11.47 0.26
N ILE A 171 -16.98 -10.25 0.12
CA ILE A 171 -18.25 -10.06 -0.56
C ILE A 171 -17.93 -9.32 -1.85
N ILE A 172 -18.93 -9.23 -2.73
CA ILE A 172 -18.81 -8.49 -3.97
C ILE A 172 -19.68 -7.24 -3.91
N ASP A 173 -19.12 -6.10 -4.33
CA ASP A 173 -19.90 -4.89 -4.52
C ASP A 173 -19.59 -4.30 -5.90
N LEU A 174 -20.07 -3.07 -6.14
CA LEU A 174 -19.88 -2.39 -7.41
C LEU A 174 -18.40 -2.16 -7.67
N GLY A 175 -17.65 -1.75 -6.64
CA GLY A 175 -16.21 -1.59 -6.71
C GLY A 175 -15.52 -2.92 -7.08
N SER A 176 -15.57 -3.91 -6.15
CA SER A 176 -14.80 -5.14 -6.30
C SER A 176 -15.11 -5.88 -7.61
N GLY A 177 -16.39 -5.99 -7.97
CA GLY A 177 -16.73 -6.55 -9.26
C GLY A 177 -15.95 -5.85 -10.37
N GLY A 178 -15.89 -4.51 -10.27
CA GLY A 178 -15.24 -3.67 -11.26
C GLY A 178 -13.73 -3.88 -11.21
N TYR A 179 -13.19 -3.90 -9.99
CA TYR A 179 -11.75 -4.11 -9.82
C TYR A 179 -11.41 -5.50 -10.36
N GLY A 180 -12.31 -6.47 -10.11
CA GLY A 180 -12.11 -7.83 -10.56
C GLY A 180 -12.00 -7.93 -12.08
N ALA A 181 -12.98 -7.39 -12.80
CA ALA A 181 -12.99 -7.48 -14.25
C ALA A 181 -11.70 -6.91 -14.82
N LEU A 182 -11.23 -5.80 -14.23
CA LEU A 182 -10.02 -5.13 -14.69
C LEU A 182 -8.82 -6.05 -14.47
N MET A 183 -8.76 -6.67 -13.29
CA MET A 183 -7.62 -7.51 -13.00
C MET A 183 -7.59 -8.65 -14.00
N ALA A 184 -8.76 -9.23 -14.23
CA ALA A 184 -8.93 -10.36 -15.13
C ALA A 184 -8.51 -9.97 -16.56
N TRP A 185 -8.84 -8.76 -16.99
CA TRP A 185 -8.48 -8.35 -18.34
C TRP A 185 -6.98 -8.10 -18.42
N VAL A 186 -6.38 -7.55 -17.35
CA VAL A 186 -4.94 -7.34 -17.28
C VAL A 186 -4.23 -8.69 -17.35
N HIS A 187 -4.74 -9.67 -16.59
CA HIS A 187 -4.22 -11.03 -16.62
C HIS A 187 -4.30 -11.62 -18.02
N TYR A 188 -5.44 -11.41 -18.68
CA TYR A 188 -5.67 -12.01 -19.97
C TYR A 188 -4.63 -11.50 -20.96
N PHE A 189 -4.53 -10.16 -21.07
CA PHE A 189 -3.62 -9.57 -22.04
C PHE A 189 -2.14 -9.77 -21.69
N PHE A 190 -1.79 -9.62 -20.41
CA PHE A 190 -0.39 -9.43 -20.07
C PHE A 190 0.25 -10.62 -19.35
N ARG A 191 -0.35 -11.81 -19.43
CA ARG A 191 0.21 -12.96 -18.73
C ARG A 191 1.61 -13.30 -19.23
N LYS A 192 1.82 -13.34 -20.56
CA LYS A 192 3.11 -13.81 -21.09
C LYS A 192 4.21 -12.85 -20.63
N PRO A 193 4.08 -11.52 -20.85
CA PRO A 193 5.11 -10.61 -20.36
C PRO A 193 5.31 -10.70 -18.86
N PHE A 194 4.21 -10.85 -18.11
CA PHE A 194 4.28 -10.95 -16.65
C PHE A 194 5.08 -12.20 -16.24
N ASP A 195 4.81 -13.33 -16.90
CA ASP A 195 5.44 -14.58 -16.51
C ASP A 195 6.95 -14.52 -16.79
N LYS A 196 7.35 -13.91 -17.92
CA LYS A 196 8.77 -13.75 -18.22
C LYS A 196 9.43 -13.09 -17.02
N ILE A 197 8.86 -11.97 -16.56
CA ILE A 197 9.39 -11.24 -15.44
C ILE A 197 9.40 -12.11 -14.17
N ASN A 198 8.22 -12.59 -13.73
CA ASN A 198 8.12 -13.46 -12.57
C ASN A 198 6.72 -14.09 -12.46
N PRO A 199 6.59 -15.42 -12.68
CA PRO A 199 5.26 -16.04 -12.79
C PRO A 199 4.38 -16.07 -11.54
N VAL A 200 4.92 -15.66 -10.39
CA VAL A 200 4.15 -15.64 -9.16
C VAL A 200 3.10 -14.53 -9.17
N VAL A 201 3.30 -13.50 -10.01
CA VAL A 201 2.38 -12.36 -10.00
C VAL A 201 1.06 -12.80 -10.62
N SER A 202 1.14 -13.39 -11.83
CA SER A 202 -0.04 -13.87 -12.52
C SER A 202 -0.72 -14.99 -11.74
N LEU A 203 0.04 -15.74 -10.94
CA LEU A 203 -0.48 -16.77 -10.04
C LEU A 203 -1.30 -16.15 -8.91
N GLN A 204 -0.73 -15.18 -8.21
CA GLN A 204 -1.51 -14.51 -7.19
C GLN A 204 -2.68 -13.77 -7.83
N MET A 205 -2.55 -13.35 -9.09
CA MET A 205 -3.66 -12.71 -9.74
C MET A 205 -4.83 -13.70 -9.88
N ARG A 206 -4.53 -14.93 -10.30
CA ARG A 206 -5.55 -15.95 -10.45
C ARG A 206 -6.21 -16.30 -9.12
N LYS A 207 -5.47 -16.20 -8.03
CA LYS A 207 -6.00 -16.56 -6.72
C LYS A 207 -6.86 -15.41 -6.16
N ALA A 208 -6.41 -14.16 -6.35
CA ALA A 208 -7.17 -13.01 -5.93
C ALA A 208 -8.54 -12.99 -6.60
N ILE A 209 -8.56 -13.12 -7.92
CA ILE A 209 -9.83 -13.09 -8.63
C ILE A 209 -10.71 -14.23 -8.12
N LYS A 210 -10.10 -15.38 -7.76
CA LYS A 210 -10.88 -16.56 -7.43
C LYS A 210 -11.54 -16.41 -6.07
N GLU A 211 -10.81 -15.91 -5.07
CA GLU A 211 -11.37 -15.74 -3.73
C GLU A 211 -12.32 -14.55 -3.62
N ARG A 212 -12.12 -13.54 -4.48
CA ARG A 212 -12.78 -12.25 -4.33
C ARG A 212 -13.97 -12.14 -5.26
N ILE A 213 -13.99 -12.93 -6.33
CA ILE A 213 -15.07 -12.91 -7.32
C ILE A 213 -15.63 -14.32 -7.51
N LEU A 214 -14.86 -15.25 -8.08
CA LEU A 214 -15.44 -16.51 -8.55
C LEU A 214 -16.12 -17.27 -7.39
N ASP A 215 -15.45 -17.42 -6.25
CA ASP A 215 -15.92 -18.27 -5.15
C ASP A 215 -17.07 -17.63 -4.35
N PRO A 216 -16.99 -16.36 -3.87
CA PRO A 216 -18.12 -15.73 -3.21
C PRO A 216 -19.37 -15.73 -4.11
N TYR A 217 -19.19 -15.40 -5.40
CA TYR A 217 -20.29 -15.40 -6.35
C TYR A 217 -20.95 -16.78 -6.42
N MET A 218 -20.15 -17.85 -6.52
CA MET A 218 -20.68 -19.21 -6.57
C MET A 218 -21.28 -19.70 -5.26
N ASN A 219 -20.75 -19.29 -4.09
CA ASN A 219 -20.91 -19.97 -2.81
C ASN A 219 -21.87 -19.24 -1.87
N ASP A 220 -22.28 -18.01 -2.23
CA ASP A 220 -23.05 -17.16 -1.33
C ASP A 220 -24.32 -16.76 -2.09
N ASP A 221 -25.46 -17.21 -1.57
CA ASP A 221 -26.72 -17.12 -2.28
C ASP A 221 -27.38 -15.78 -1.95
N ASP A 222 -26.85 -15.12 -0.92
CA ASP A 222 -27.66 -14.21 -0.13
C ASP A 222 -27.20 -12.76 -0.30
N MET A 223 -26.32 -12.51 -1.26
CA MET A 223 -25.95 -11.14 -1.60
C MET A 223 -27.22 -10.46 -2.14
N TRP A 224 -27.56 -9.30 -1.57
CA TRP A 224 -28.84 -8.68 -1.83
C TRP A 224 -29.02 -8.45 -3.34
N TRP A 225 -27.98 -7.98 -4.04
CA TRP A 225 -28.11 -7.62 -5.44
C TRP A 225 -28.33 -8.83 -6.37
N MET A 226 -28.03 -10.07 -5.94
CA MET A 226 -28.29 -11.26 -6.75
C MET A 226 -29.79 -11.55 -6.83
N ALA A 227 -30.51 -11.18 -5.76
CA ALA A 227 -31.96 -11.22 -5.66
C ALA A 227 -32.53 -12.64 -5.79
N PHE A 228 -31.72 -13.66 -5.50
CA PHE A 228 -32.28 -14.92 -5.02
C PHE A 228 -32.92 -14.57 -3.68
N ASN A 229 -34.06 -15.17 -3.35
CA ASN A 229 -34.84 -14.81 -2.16
C ASN A 229 -35.49 -13.44 -2.29
N TRP A 230 -35.70 -12.95 -3.52
CA TRP A 230 -36.36 -11.66 -3.68
C TRP A 230 -37.84 -11.82 -3.36
N GLN A 231 -38.37 -10.83 -2.63
CA GLN A 231 -39.76 -10.83 -2.19
C GLN A 231 -40.42 -9.51 -2.56
N PRO A 232 -41.71 -9.50 -2.94
CA PRO A 232 -42.44 -8.25 -3.20
C PRO A 232 -42.10 -7.10 -2.23
N GLY A 233 -41.93 -5.89 -2.79
CA GLY A 233 -41.64 -4.69 -2.01
C GLY A 233 -40.21 -4.65 -1.45
N GLU A 234 -39.28 -5.40 -2.07
CA GLU A 234 -37.84 -5.23 -1.89
C GLU A 234 -37.25 -4.76 -3.21
N ILE A 235 -36.04 -4.20 -3.14
CA ILE A 235 -35.49 -3.48 -4.28
C ILE A 235 -34.53 -4.37 -5.07
N ILE A 236 -34.68 -4.32 -6.40
CA ILE A 236 -33.72 -4.79 -7.38
C ILE A 236 -33.41 -3.59 -8.27
N ASN A 237 -32.10 -3.34 -8.47
CA ASN A 237 -31.65 -2.15 -9.16
C ASN A 237 -30.37 -2.46 -9.94
N ASN A 238 -29.67 -1.38 -10.32
CA ASN A 238 -28.53 -1.41 -11.22
C ASN A 238 -27.43 -2.35 -10.73
N TRP A 239 -27.32 -2.53 -9.39
CA TRP A 239 -26.35 -3.42 -8.79
C TRP A 239 -26.38 -4.81 -9.42
N ASN A 240 -27.59 -5.31 -9.74
CA ASN A 240 -27.82 -6.63 -10.29
C ASN A 240 -27.16 -6.77 -11.67
N PRO A 241 -27.55 -6.01 -12.72
CA PRO A 241 -26.89 -6.16 -14.02
C PRO A 241 -25.44 -5.71 -13.99
N TRP A 242 -25.15 -4.71 -13.14
CA TRP A 242 -23.79 -4.18 -13.03
C TRP A 242 -22.84 -5.24 -12.48
N CYS A 243 -23.15 -5.81 -11.30
CA CYS A 243 -22.26 -6.79 -10.68
C CYS A 243 -22.27 -8.10 -11.49
N ASN A 244 -23.44 -8.54 -11.94
CA ASN A 244 -23.52 -9.78 -12.68
C ASN A 244 -22.68 -9.68 -13.96
N SER A 245 -22.66 -8.50 -14.59
CA SER A 245 -21.96 -8.32 -15.85
C SER A 245 -20.46 -8.45 -15.62
N ASN A 246 -19.99 -7.95 -14.46
CA ASN A 246 -18.59 -8.00 -14.10
C ASN A 246 -18.19 -9.40 -13.62
N ALA A 247 -19.08 -10.08 -12.87
CA ALA A 247 -18.81 -11.44 -12.43
C ALA A 247 -18.63 -12.30 -13.67
N LEU A 248 -19.58 -12.19 -14.59
CA LEU A 248 -19.56 -12.95 -15.83
C LEU A 248 -18.24 -12.75 -16.59
N GLN A 249 -17.76 -11.51 -16.68
CA GLN A 249 -16.47 -11.28 -17.31
C GLN A 249 -15.40 -12.13 -16.63
N CYS A 250 -15.35 -12.08 -15.29
CA CYS A 250 -14.30 -12.75 -14.56
C CYS A 250 -14.36 -14.24 -14.88
N PHE A 251 -15.59 -14.76 -14.94
CA PHE A 251 -15.77 -16.18 -15.19
C PHE A 251 -15.31 -16.49 -16.60
N LEU A 252 -15.67 -15.64 -17.56
CA LEU A 252 -15.33 -15.98 -18.94
C LEU A 252 -13.84 -15.87 -19.17
N LEU A 253 -13.15 -15.01 -18.41
CA LEU A 253 -11.72 -14.82 -18.59
C LEU A 253 -10.89 -15.81 -17.78
N MET A 254 -11.45 -16.40 -16.70
CA MET A 254 -10.61 -17.00 -15.66
C MET A 254 -10.98 -18.46 -15.38
N GLU A 255 -12.23 -18.86 -15.65
CA GLU A 255 -12.71 -20.20 -15.35
C GLU A 255 -12.61 -21.05 -16.61
N ASN A 256 -11.67 -22.01 -16.66
CA ASN A 256 -11.41 -22.80 -17.85
C ASN A 256 -12.04 -24.18 -17.76
N ASN A 257 -12.68 -24.47 -16.62
CA ASN A 257 -13.48 -25.67 -16.42
C ASN A 257 -14.93 -25.44 -16.83
N LYS A 258 -15.38 -26.23 -17.82
CA LYS A 258 -16.63 -25.97 -18.53
C LYS A 258 -17.84 -26.22 -17.65
N ASP A 259 -17.77 -27.28 -16.83
CA ASP A 259 -18.82 -27.60 -15.89
C ASP A 259 -19.02 -26.46 -14.89
N ARG A 260 -17.92 -25.88 -14.39
CA ARG A 260 -18.00 -24.79 -13.41
C ARG A 260 -18.49 -23.51 -14.09
N LEU A 261 -17.96 -23.23 -15.30
CA LEU A 261 -18.28 -22.02 -16.05
C LEU A 261 -19.78 -21.98 -16.35
N ALA A 262 -20.30 -23.10 -16.87
CA ALA A 262 -21.71 -23.19 -17.23
C ALA A 262 -22.60 -22.99 -16.02
N LYS A 263 -22.22 -23.58 -14.89
CA LYS A 263 -22.97 -23.39 -13.67
C LYS A 263 -22.89 -21.92 -13.25
N ALA A 264 -21.75 -21.25 -13.47
CA ALA A 264 -21.64 -19.86 -13.06
C ALA A 264 -22.47 -18.95 -13.97
N VAL A 265 -22.46 -19.26 -15.28
CA VAL A 265 -23.20 -18.44 -16.23
C VAL A 265 -24.69 -18.64 -16.03
N TYR A 266 -25.14 -19.89 -15.87
CA TYR A 266 -26.56 -20.17 -15.63
C TYR A 266 -27.02 -19.47 -14.35
N ARG A 267 -26.16 -19.49 -13.33
CA ARG A 267 -26.44 -18.75 -12.12
C ARG A 267 -26.63 -17.26 -12.48
N SER A 268 -25.83 -16.77 -13.43
CA SER A 268 -25.83 -15.36 -13.72
C SER A 268 -27.11 -14.98 -14.48
N MET A 269 -27.55 -15.88 -15.38
CA MET A 269 -28.79 -15.73 -16.09
C MET A 269 -29.97 -15.80 -15.11
N LYS A 270 -30.00 -16.79 -14.20
CA LYS A 270 -31.08 -16.83 -13.23
C LYS A 270 -31.19 -15.50 -12.48
N SER A 271 -30.05 -14.95 -12.06
CA SER A 271 -29.99 -13.70 -11.31
C SER A 271 -30.50 -12.50 -12.12
N VAL A 272 -30.04 -12.38 -13.36
CA VAL A 272 -30.35 -11.19 -14.12
C VAL A 272 -31.81 -11.24 -14.55
N ASP A 273 -32.36 -12.44 -14.72
CA ASP A 273 -33.77 -12.55 -14.98
C ASP A 273 -34.57 -11.76 -13.93
N LYS A 274 -34.10 -11.71 -12.68
CA LYS A 274 -34.84 -11.03 -11.60
C LYS A 274 -34.92 -9.52 -11.87
N PHE A 275 -33.88 -8.95 -12.46
CA PHE A 275 -33.89 -7.55 -12.84
C PHE A 275 -34.83 -7.31 -14.02
N ILE A 276 -34.68 -8.14 -15.07
CA ILE A 276 -35.52 -8.08 -16.25
C ILE A 276 -36.99 -8.20 -15.86
N ASN A 277 -37.30 -9.11 -14.92
CA ASN A 277 -38.65 -9.34 -14.40
C ASN A 277 -39.14 -8.10 -13.64
N PHE A 278 -38.24 -7.33 -13.03
CA PHE A 278 -38.68 -6.33 -12.09
C PHE A 278 -39.10 -5.07 -12.82
N VAL A 279 -38.32 -4.64 -13.82
CA VAL A 279 -38.57 -3.39 -14.54
C VAL A 279 -39.79 -3.56 -15.44
N LYS A 280 -40.36 -2.44 -15.91
CA LYS A 280 -41.61 -2.45 -16.66
C LYS A 280 -41.26 -2.69 -18.12
N SER A 281 -42.09 -3.43 -18.84
CA SER A 281 -41.74 -3.88 -20.18
C SER A 281 -41.73 -2.70 -21.13
N ASP A 282 -42.44 -1.61 -20.79
CA ASP A 282 -42.57 -0.49 -21.73
C ASP A 282 -41.25 0.26 -21.91
N GLY A 283 -40.22 -0.01 -21.09
CA GLY A 283 -38.86 0.43 -21.40
C GLY A 283 -38.35 1.56 -20.50
N ALA A 284 -39.28 2.22 -19.80
CA ALA A 284 -38.99 3.42 -19.06
C ALA A 284 -38.25 3.07 -17.78
N CYS A 285 -37.09 3.72 -17.59
CA CYS A 285 -36.34 3.75 -16.34
C CYS A 285 -36.93 4.89 -15.48
N GLU A 286 -37.63 4.56 -14.38
CA GLU A 286 -38.53 5.55 -13.75
C GLU A 286 -37.82 6.41 -12.69
N GLU A 287 -36.50 6.26 -12.51
CA GLU A 287 -35.72 7.24 -11.76
C GLU A 287 -35.15 8.31 -12.71
N GLY A 288 -35.27 8.06 -14.01
CA GLY A 288 -34.83 8.99 -15.04
C GLY A 288 -33.48 8.59 -15.61
N THR A 289 -32.93 9.46 -16.44
CA THR A 289 -31.81 9.11 -17.28
C THR A 289 -30.49 9.05 -16.51
N SER A 290 -30.46 9.47 -15.23
CA SER A 290 -29.18 9.56 -14.53
C SER A 290 -28.69 8.18 -14.10
N ALA A 291 -29.62 7.24 -13.85
CA ALA A 291 -29.28 5.85 -13.64
C ALA A 291 -29.09 5.08 -14.95
N TRP A 292 -29.55 5.62 -16.09
CA TRP A 292 -29.75 4.84 -17.30
C TRP A 292 -28.48 4.07 -17.67
N GLY A 293 -27.33 4.79 -17.66
CA GLY A 293 -26.04 4.25 -18.04
C GLY A 293 -25.62 2.96 -17.31
N HIS A 294 -25.97 2.83 -16.02
CA HIS A 294 -25.52 1.70 -15.24
C HIS A 294 -26.73 0.84 -14.87
N ALA A 295 -27.88 1.12 -15.48
CA ALA A 295 -29.07 0.34 -15.24
C ALA A 295 -29.36 -0.44 -16.51
N ALA A 296 -30.10 0.17 -17.45
CA ALA A 296 -30.33 -0.42 -18.76
C ALA A 296 -29.01 -0.60 -19.51
N GLY A 297 -28.11 0.38 -19.36
CA GLY A 297 -26.78 0.34 -19.94
C GLY A 297 -26.05 -0.93 -19.52
N LYS A 298 -26.11 -1.28 -18.24
CA LYS A 298 -25.33 -2.40 -17.75
C LYS A 298 -26.05 -3.71 -17.99
N LEU A 299 -27.36 -3.68 -18.31
CA LEU A 299 -28.04 -4.89 -18.72
C LEU A 299 -27.61 -5.17 -20.16
N TYR A 300 -27.44 -4.09 -20.93
CA TYR A 300 -26.86 -4.21 -22.25
C TYR A 300 -25.48 -4.88 -22.12
N ASP A 301 -24.58 -4.33 -21.31
CA ASP A 301 -23.25 -4.90 -21.25
C ASP A 301 -23.37 -6.41 -20.98
N TYR A 302 -24.23 -6.81 -20.03
CA TYR A 302 -24.32 -8.20 -19.60
C TYR A 302 -24.81 -9.12 -20.73
N LEU A 303 -25.79 -8.67 -21.52
CA LEU A 303 -26.25 -9.50 -22.63
C LEU A 303 -25.18 -9.57 -23.71
N GLN A 304 -24.47 -8.46 -23.93
CA GLN A 304 -23.41 -8.40 -24.92
C GLN A 304 -22.31 -9.39 -24.53
N ILE A 305 -21.89 -9.33 -23.26
CA ILE A 305 -20.91 -10.25 -22.72
C ILE A 305 -21.38 -11.70 -22.83
N LEU A 306 -22.64 -11.94 -22.42
CA LEU A 306 -23.24 -13.26 -22.53
C LEU A 306 -23.35 -13.73 -23.98
N SER A 307 -23.73 -12.84 -24.90
CA SER A 307 -23.71 -13.19 -26.32
C SER A 307 -22.30 -13.57 -26.75
N ASP A 308 -21.34 -12.67 -26.49
CA ASP A 308 -19.96 -12.94 -26.86
C ASP A 308 -19.59 -14.31 -26.29
N GLY A 309 -20.00 -14.52 -25.03
CA GLY A 309 -19.70 -15.76 -24.32
C GLY A 309 -20.24 -17.00 -25.02
N THR A 310 -21.37 -16.87 -25.71
CA THR A 310 -22.02 -18.05 -26.27
C THR A 310 -21.97 -18.03 -27.81
N GLY A 311 -21.00 -17.32 -28.39
CA GLY A 311 -20.87 -17.22 -29.84
C GLY A 311 -22.19 -16.87 -30.53
N GLY A 312 -22.96 -15.95 -29.94
CA GLY A 312 -24.18 -15.47 -30.56
C GLY A 312 -25.44 -16.24 -30.15
N LYS A 313 -25.26 -17.41 -29.55
CA LYS A 313 -26.34 -18.37 -29.45
C LYS A 313 -27.32 -18.01 -28.33
N ILE A 314 -26.89 -17.21 -27.34
CA ILE A 314 -27.80 -16.80 -26.27
C ILE A 314 -27.74 -15.28 -26.13
N SER A 315 -28.82 -14.65 -26.59
CA SER A 315 -28.85 -13.25 -26.89
C SER A 315 -30.28 -12.74 -26.81
N LEU A 316 -30.51 -11.73 -25.96
CA LEU A 316 -31.78 -11.06 -25.91
C LEU A 316 -31.72 -9.73 -26.62
N LEU A 317 -30.71 -9.56 -27.50
CA LEU A 317 -30.41 -8.26 -28.09
C LEU A 317 -31.46 -7.94 -29.14
N ASN A 318 -32.10 -8.98 -29.69
CA ASN A 318 -33.23 -8.86 -30.59
C ASN A 318 -34.57 -8.71 -29.86
N GLU A 319 -34.57 -8.63 -28.53
CA GLU A 319 -35.85 -8.59 -27.84
C GLU A 319 -36.36 -7.15 -27.85
N PRO A 320 -37.58 -6.90 -28.35
CA PRO A 320 -38.16 -5.54 -28.37
C PRO A 320 -38.13 -4.79 -27.04
N MET A 321 -38.32 -5.51 -25.92
CA MET A 321 -38.33 -4.88 -24.60
C MET A 321 -36.97 -4.24 -24.29
N ILE A 322 -35.89 -4.82 -24.77
CA ILE A 322 -34.55 -4.32 -24.49
C ILE A 322 -34.33 -3.06 -25.31
N ARG A 323 -34.88 -3.06 -26.53
CA ARG A 323 -34.73 -1.96 -27.45
C ARG A 323 -35.44 -0.73 -26.89
N ARG A 324 -36.63 -0.91 -26.32
CA ARG A 324 -37.33 0.17 -25.66
C ARG A 324 -36.52 0.76 -24.49
N MET A 325 -35.82 -0.09 -23.74
CA MET A 325 -35.07 0.35 -22.57
C MET A 325 -33.88 1.21 -23.00
N GLY A 326 -33.28 0.85 -24.14
CA GLY A 326 -32.23 1.64 -24.76
C GLY A 326 -32.78 2.98 -25.22
N GLU A 327 -33.88 2.94 -25.98
CA GLU A 327 -34.44 4.12 -26.61
C GLU A 327 -35.01 5.07 -25.58
N TYR A 328 -35.31 4.59 -24.37
CA TYR A 328 -35.78 5.48 -23.33
C TYR A 328 -34.82 6.66 -23.17
N MET A 329 -33.52 6.42 -23.30
CA MET A 329 -32.54 7.46 -23.07
C MET A 329 -32.65 8.51 -24.18
N SER A 330 -33.01 8.08 -25.40
CA SER A 330 -33.14 8.98 -26.53
C SER A 330 -34.38 9.86 -26.38
N ARG A 331 -35.52 9.19 -26.12
CA ARG A 331 -36.80 9.86 -26.01
C ARG A 331 -36.76 10.84 -24.85
N SER A 332 -36.05 10.50 -23.78
CA SER A 332 -36.07 11.30 -22.56
C SER A 332 -35.12 12.49 -22.58
N TYR A 333 -34.23 12.54 -23.59
CA TYR A 333 -33.23 13.59 -23.70
C TYR A 333 -33.80 14.70 -24.58
N VAL A 334 -34.21 15.82 -23.98
CA VAL A 334 -34.89 16.86 -24.74
C VAL A 334 -33.90 17.59 -25.66
N GLY A 335 -32.77 18.05 -25.11
CA GLY A 335 -31.65 18.61 -25.87
C GLY A 335 -30.88 19.59 -24.99
N ASN A 336 -29.64 19.94 -25.39
CA ASN A 336 -28.79 20.91 -24.70
C ASN A 336 -28.75 20.69 -23.18
N GLY A 337 -28.53 19.43 -22.77
CA GLY A 337 -28.34 19.10 -21.38
C GLY A 337 -29.65 18.81 -20.64
N TRP A 338 -30.81 19.14 -21.23
CA TRP A 338 -32.08 19.02 -20.53
C TRP A 338 -32.75 17.66 -20.79
N VAL A 339 -33.17 17.03 -19.69
CA VAL A 339 -33.88 15.77 -19.73
C VAL A 339 -35.16 15.93 -18.90
N VAL A 340 -36.16 15.08 -19.21
CA VAL A 340 -37.32 14.89 -18.39
C VAL A 340 -36.88 14.39 -17.01
N ASN A 341 -37.48 14.99 -15.97
CA ASN A 341 -37.04 14.76 -14.60
C ASN A 341 -38.28 14.73 -13.70
N PHE A 342 -39.10 13.71 -13.95
CA PHE A 342 -40.03 13.25 -12.93
C PHE A 342 -39.24 12.63 -11.78
N ALA A 343 -39.87 12.64 -10.59
CA ALA A 343 -39.33 12.04 -9.38
C ALA A 343 -38.05 12.77 -8.95
N ASP A 344 -37.27 12.18 -8.05
CA ASP A 344 -36.15 12.88 -7.46
C ASP A 344 -34.96 12.83 -8.41
N ALA A 345 -35.01 13.61 -9.50
CA ALA A 345 -33.96 13.56 -10.50
C ALA A 345 -33.60 14.95 -10.98
N SER A 346 -32.45 15.03 -11.65
CA SER A 346 -31.88 16.29 -12.08
C SER A 346 -32.42 16.64 -13.46
N ALA A 347 -32.81 17.90 -13.61
CA ALA A 347 -33.29 18.42 -14.89
C ALA A 347 -32.17 18.44 -15.94
N GLN A 348 -30.90 18.41 -15.53
CA GLN A 348 -29.75 18.31 -16.42
C GLN A 348 -29.31 16.86 -16.41
N GLY A 349 -29.01 16.34 -17.60
CA GLY A 349 -28.56 14.97 -17.77
C GLY A 349 -27.63 14.89 -18.97
N GLY A 350 -27.17 13.68 -19.30
CA GLY A 350 -26.30 13.45 -20.43
C GLY A 350 -26.11 11.95 -20.68
N GLY A 351 -25.01 11.55 -21.34
CA GLY A 351 -24.88 10.22 -21.88
C GLY A 351 -23.48 9.94 -22.39
N ASP A 352 -23.06 8.68 -22.31
CA ASP A 352 -21.83 8.22 -22.89
C ASP A 352 -22.15 7.90 -24.34
N PRO A 353 -21.73 8.74 -25.31
CA PRO A 353 -22.17 8.52 -26.69
C PRO A 353 -21.76 7.14 -27.15
N LEU A 354 -20.51 6.76 -26.85
CA LEU A 354 -19.94 5.52 -27.35
C LEU A 354 -20.73 4.32 -26.86
N LEU A 355 -21.20 4.36 -25.61
CA LEU A 355 -22.05 3.30 -25.08
C LEU A 355 -23.41 3.34 -25.75
N ILE A 356 -23.96 4.52 -25.95
CA ILE A 356 -25.29 4.61 -26.53
C ILE A 356 -25.26 4.05 -27.95
N TYR A 357 -24.15 4.27 -28.65
CA TYR A 357 -23.94 3.74 -29.99
C TYR A 357 -23.90 2.21 -29.99
N ARG A 358 -23.08 1.63 -29.10
CA ARG A 358 -22.94 0.18 -29.06
C ARG A 358 -24.29 -0.48 -28.74
N PHE A 359 -25.00 0.08 -27.74
CA PHE A 359 -26.28 -0.42 -27.30
C PHE A 359 -27.23 -0.33 -28.50
N GLY A 360 -27.21 0.82 -29.19
CA GLY A 360 -28.04 1.09 -30.36
C GLY A 360 -27.80 0.12 -31.50
N LYS A 361 -26.54 -0.12 -31.84
CA LYS A 361 -26.22 -1.04 -32.92
C LYS A 361 -26.64 -2.45 -32.56
N ALA A 362 -26.44 -2.88 -31.30
CA ALA A 362 -26.70 -4.26 -30.94
C ALA A 362 -28.19 -4.60 -30.97
N VAL A 363 -29.07 -3.61 -30.70
CA VAL A 363 -30.51 -3.83 -30.69
C VAL A 363 -31.10 -3.27 -31.99
N ASN A 364 -30.21 -2.76 -32.84
CA ASN A 364 -30.50 -2.32 -34.21
C ASN A 364 -31.51 -1.18 -34.22
N SER A 365 -31.20 -0.13 -33.43
CA SER A 365 -32.04 1.05 -33.30
C SER A 365 -31.29 2.23 -33.90
N ASN A 366 -31.59 2.56 -35.15
CA ASN A 366 -31.03 3.71 -35.83
C ASN A 366 -31.24 4.97 -34.99
N GLU A 367 -32.39 5.09 -34.32
CA GLU A 367 -32.63 6.29 -33.53
C GLU A 367 -31.51 6.48 -32.52
N MET A 368 -31.08 5.38 -31.88
CA MET A 368 -30.10 5.46 -30.81
C MET A 368 -28.71 5.75 -31.38
N MET A 369 -28.41 5.15 -32.54
CA MET A 369 -27.13 5.39 -33.21
C MET A 369 -27.02 6.86 -33.61
N HIS A 370 -28.05 7.39 -34.26
CA HIS A 370 -28.03 8.78 -34.70
C HIS A 370 -27.94 9.69 -33.49
N PHE A 371 -28.64 9.28 -32.42
CA PHE A 371 -28.67 10.04 -31.19
C PHE A 371 -27.27 10.13 -30.60
N ALA A 372 -26.57 8.99 -30.55
CA ALA A 372 -25.23 8.99 -29.99
C ALA A 372 -24.40 10.02 -30.73
N ALA A 373 -24.54 10.09 -32.06
CA ALA A 373 -23.72 10.98 -32.87
C ALA A 373 -24.06 12.43 -32.55
N TYR A 374 -25.36 12.72 -32.41
CA TYR A 374 -25.82 14.03 -32.00
C TYR A 374 -25.19 14.42 -30.67
N LEU A 375 -25.06 13.44 -29.77
CA LEU A 375 -24.67 13.72 -28.40
C LEU A 375 -23.18 14.02 -28.32
N LEU A 376 -22.42 13.65 -29.37
CA LEU A 376 -21.01 13.92 -29.49
C LEU A 376 -20.74 15.41 -29.63
N ASN A 377 -21.76 16.19 -30.02
CA ASN A 377 -21.61 17.65 -30.15
C ASN A 377 -20.36 17.95 -31.00
N GLY A 378 -20.26 17.34 -32.17
CA GLY A 378 -19.20 17.73 -33.10
C GLY A 378 -17.83 17.15 -32.77
N ARG A 379 -17.69 16.54 -31.57
CA ARG A 379 -16.44 15.94 -31.15
C ARG A 379 -16.23 14.58 -31.82
N LYS A 380 -14.99 14.32 -32.23
CA LYS A 380 -14.51 13.00 -32.62
C LYS A 380 -14.56 12.04 -31.43
N PRO A 381 -15.13 10.82 -31.55
CA PRO A 381 -15.20 9.88 -30.43
C PRO A 381 -13.87 9.18 -30.17
N TYR A 382 -13.32 9.37 -28.98
CA TYR A 382 -12.10 8.73 -28.56
C TYR A 382 -12.42 7.68 -27.49
N ALA A 383 -11.42 6.89 -27.14
CA ALA A 383 -11.62 5.70 -26.32
C ALA A 383 -12.12 6.09 -24.94
N THR A 384 -13.04 5.29 -24.36
CA THR A 384 -13.54 5.56 -23.02
C THR A 384 -12.44 5.23 -22.02
N MET A 385 -12.10 6.20 -21.16
CA MET A 385 -11.05 5.99 -20.17
C MET A 385 -11.69 5.43 -18.91
N GLY A 386 -11.71 6.17 -17.79
CA GLY A 386 -12.27 5.68 -16.53
C GLY A 386 -11.63 4.37 -16.05
N ASN A 387 -12.43 3.53 -15.39
CA ASN A 387 -11.94 2.31 -14.76
C ASN A 387 -12.69 1.06 -15.22
N ASP A 388 -13.68 1.21 -16.09
CA ASP A 388 -14.49 0.09 -16.53
C ASP A 388 -13.86 -0.48 -17.81
N ALA A 389 -13.02 -1.50 -17.58
CA ALA A 389 -12.24 -2.18 -18.61
C ALA A 389 -13.09 -2.59 -19.81
N PHE A 390 -14.30 -3.10 -19.55
CA PHE A 390 -15.17 -3.57 -20.61
C PHE A 390 -15.60 -2.42 -21.52
N ARG A 391 -16.07 -1.32 -20.93
CA ARG A 391 -16.49 -0.21 -21.76
C ARG A 391 -15.26 0.34 -22.48
N SER A 392 -14.13 0.43 -21.76
CA SER A 392 -12.93 0.98 -22.37
C SER A 392 -12.54 0.20 -23.63
N LEU A 393 -12.41 -1.12 -23.51
CA LEU A 393 -12.03 -1.98 -24.61
C LEU A 393 -13.09 -1.97 -25.71
N GLN A 394 -14.36 -2.16 -25.36
CA GLN A 394 -15.43 -2.14 -26.35
C GLN A 394 -15.45 -0.82 -27.13
N SER A 395 -15.05 0.28 -26.48
CA SER A 395 -15.08 1.60 -27.12
C SER A 395 -14.13 1.65 -28.31
N LEU A 396 -13.02 0.90 -28.24
CA LEU A 396 -12.03 0.86 -29.30
C LEU A 396 -12.64 0.33 -30.58
N LEU A 397 -13.44 -0.73 -30.43
CA LEU A 397 -14.10 -1.40 -31.54
C LEU A 397 -15.09 -0.46 -32.26
N CYS A 398 -15.74 0.44 -31.52
CA CYS A 398 -16.89 1.16 -32.07
C CYS A 398 -16.56 2.58 -32.52
N CYS A 399 -15.32 3.05 -32.23
CA CYS A 399 -14.93 4.44 -32.48
C CYS A 399 -15.09 4.81 -33.95
N ASN A 400 -14.63 3.92 -34.85
CA ASN A 400 -14.51 4.25 -36.26
C ASN A 400 -15.90 4.41 -36.87
N ASP A 401 -16.79 3.48 -36.55
CA ASP A 401 -18.16 3.55 -37.03
C ASP A 401 -18.85 4.80 -36.48
N LEU A 402 -18.79 4.99 -35.17
CA LEU A 402 -19.56 6.06 -34.55
C LEU A 402 -19.12 7.40 -35.14
N ALA A 403 -17.84 7.53 -35.49
CA ALA A 403 -17.31 8.73 -36.14
C ALA A 403 -18.01 8.98 -37.48
N LYS A 404 -18.35 7.91 -38.23
CA LYS A 404 -18.94 8.03 -39.56
C LYS A 404 -20.45 8.33 -39.49
N GLU A 405 -21.04 8.30 -38.29
CA GLU A 405 -22.50 8.36 -38.15
C GLU A 405 -22.96 9.81 -38.23
N THR A 406 -24.10 10.02 -38.89
CA THR A 406 -24.65 11.36 -39.04
C THR A 406 -25.42 11.72 -37.78
N PRO A 407 -25.21 12.92 -37.19
CA PRO A 407 -25.88 13.33 -35.96
C PRO A 407 -27.30 13.74 -36.23
N LYS A 408 -28.25 13.11 -35.55
CA LYS A 408 -29.66 13.36 -35.80
C LYS A 408 -30.42 12.97 -34.54
N HIS A 409 -31.28 13.86 -34.04
CA HIS A 409 -32.10 13.48 -32.90
C HIS A 409 -33.59 13.45 -33.26
N ASP A 410 -33.95 12.58 -34.21
CA ASP A 410 -35.33 12.43 -34.67
C ASP A 410 -36.06 11.34 -33.88
N MET A 411 -37.38 11.51 -33.76
CA MET A 411 -38.19 10.57 -33.00
C MET A 411 -39.67 10.90 -33.17
N PRO A 412 -40.59 9.94 -32.93
CA PRO A 412 -42.00 10.16 -33.17
C PRO A 412 -42.45 11.37 -32.35
N ASP A 413 -43.53 12.03 -32.81
CA ASP A 413 -44.10 13.16 -32.10
C ASP A 413 -44.53 12.74 -30.71
N VAL A 414 -44.79 11.44 -30.54
CA VAL A 414 -45.39 10.93 -29.33
C VAL A 414 -44.74 9.61 -28.93
N THR A 415 -44.34 9.53 -27.66
CA THR A 415 -43.84 8.32 -27.06
C THR A 415 -44.72 8.06 -25.85
N TRP A 416 -45.32 6.88 -25.79
CA TRP A 416 -46.27 6.55 -24.75
C TRP A 416 -45.84 5.27 -24.05
N TYR A 417 -45.37 5.42 -22.80
CA TYR A 417 -45.03 4.33 -21.90
C TYR A 417 -46.23 4.02 -21.00
N PRO A 418 -47.10 3.05 -21.39
CA PRO A 418 -48.39 2.83 -20.71
C PRO A 418 -48.37 2.22 -19.30
N GLU A 419 -47.39 1.37 -18.94
CA GLU A 419 -47.31 0.88 -17.56
C GLU A 419 -46.75 1.94 -16.63
N THR A 420 -45.69 2.63 -17.08
CA THR A 420 -45.00 3.61 -16.26
C THR A 420 -45.83 4.90 -16.15
N GLU A 421 -46.63 5.16 -17.19
CA GLU A 421 -47.54 6.30 -17.28
C GLU A 421 -46.75 7.60 -17.46
N PHE A 422 -45.77 7.52 -18.38
CA PHE A 422 -45.01 8.65 -18.91
C PHE A 422 -45.41 8.85 -20.37
N CYS A 423 -45.80 10.09 -20.73
CA CYS A 423 -46.19 10.46 -22.09
C CYS A 423 -45.38 11.68 -22.54
N TYR A 424 -44.65 11.50 -23.65
CA TYR A 424 -43.85 12.58 -24.23
C TYR A 424 -44.51 12.96 -25.56
N MET A 425 -44.70 14.28 -25.80
CA MET A 425 -45.43 14.80 -26.95
C MET A 425 -44.73 16.07 -27.46
N LYS A 426 -44.55 16.20 -28.79
CA LYS A 426 -43.76 17.29 -29.38
C LYS A 426 -44.30 17.66 -30.76
N ASN A 427 -43.99 18.90 -31.21
CA ASN A 427 -44.48 19.42 -32.48
C ASN A 427 -43.28 19.85 -33.31
N LYS A 428 -43.53 20.28 -34.53
CA LYS A 428 -42.44 20.63 -35.41
C LYS A 428 -41.86 22.00 -35.11
N ASN A 429 -42.53 22.84 -34.30
CA ASN A 429 -42.09 24.22 -34.01
C ASN A 429 -41.41 24.32 -32.64
N GLY A 430 -40.93 23.19 -32.08
CA GLY A 430 -39.93 23.20 -31.03
C GLY A 430 -40.47 22.95 -29.62
N MET A 431 -41.77 22.63 -29.48
CA MET A 431 -42.38 22.35 -28.19
C MET A 431 -42.22 20.88 -27.84
N PHE A 432 -41.94 20.62 -26.55
CA PHE A 432 -41.93 19.26 -26.00
C PHE A 432 -42.69 19.28 -24.67
N VAL A 433 -43.65 18.37 -24.54
CA VAL A 433 -44.41 18.16 -23.31
C VAL A 433 -44.16 16.75 -22.78
N ALA A 434 -43.75 16.64 -21.50
CA ALA A 434 -43.79 15.37 -20.79
C ALA A 434 -44.95 15.41 -19.79
N ALA A 435 -45.69 14.31 -19.69
CA ALA A 435 -46.75 14.20 -18.71
C ALA A 435 -46.76 12.79 -18.12
N LYS A 436 -47.39 12.68 -16.94
CA LYS A 436 -47.41 11.42 -16.23
C LYS A 436 -48.71 11.28 -15.43
N GLY A 437 -49.13 10.02 -15.31
CA GLY A 437 -50.13 9.67 -14.34
C GLY A 437 -49.41 9.17 -13.10
N GLY A 438 -49.48 7.85 -12.86
CA GLY A 438 -48.58 7.19 -11.93
C GLY A 438 -49.27 6.98 -10.59
N PHE A 439 -48.43 6.75 -9.57
CA PHE A 439 -48.88 6.61 -8.19
C PHE A 439 -47.84 7.25 -7.28
N ASN A 440 -48.25 7.62 -6.07
CA ASN A 440 -47.37 8.37 -5.21
C ASN A 440 -46.63 7.38 -4.32
N ASN A 441 -45.95 6.44 -4.98
CA ASN A 441 -44.97 5.60 -4.33
C ASN A 441 -44.04 5.04 -5.41
N GLU A 442 -43.78 5.85 -6.45
CA GLU A 442 -42.86 5.49 -7.51
C GLU A 442 -41.44 5.51 -6.91
N SER A 443 -40.48 4.90 -7.59
CA SER A 443 -39.08 5.05 -7.21
C SER A 443 -38.73 6.55 -7.13
N HIS A 444 -37.94 6.91 -6.09
CA HIS A 444 -37.52 8.27 -5.79
C HIS A 444 -38.72 9.22 -5.83
N ASN A 445 -39.84 8.77 -5.27
CA ASN A 445 -41.15 9.34 -5.55
C ASN A 445 -41.20 10.85 -5.32
N HIS A 446 -41.89 11.55 -6.25
CA HIS A 446 -42.46 12.85 -5.99
C HIS A 446 -43.98 12.73 -6.03
N ASN A 447 -44.65 13.43 -5.12
CA ASN A 447 -46.10 13.51 -5.20
C ASN A 447 -46.43 14.28 -6.46
N ASP A 448 -46.56 13.57 -7.59
CA ASP A 448 -46.59 14.27 -8.86
C ASP A 448 -47.56 13.63 -9.85
N VAL A 449 -48.68 13.07 -9.37
CA VAL A 449 -49.63 12.46 -10.28
C VAL A 449 -50.27 13.54 -11.14
N GLY A 450 -50.12 13.43 -12.46
CA GLY A 450 -50.81 14.29 -13.41
C GLY A 450 -49.99 15.49 -13.93
N THR A 451 -48.80 15.75 -13.37
CA THR A 451 -48.03 16.96 -13.68
C THR A 451 -47.58 16.93 -15.14
N PHE A 452 -47.07 18.07 -15.59
CA PHE A 452 -46.45 18.17 -16.89
C PHE A 452 -45.22 19.04 -16.80
N SER A 453 -44.33 18.86 -17.81
CA SER A 453 -43.15 19.67 -18.00
C SER A 453 -43.21 20.20 -19.44
N LEU A 454 -43.05 21.50 -19.64
CA LEU A 454 -43.04 22.04 -20.99
C LEU A 454 -41.67 22.67 -21.28
N TYR A 455 -41.11 22.23 -22.42
CA TYR A 455 -39.84 22.72 -22.95
C TYR A 455 -40.09 23.35 -24.32
N VAL A 456 -39.41 24.47 -24.60
CA VAL A 456 -39.51 25.17 -25.86
C VAL A 456 -38.08 25.31 -26.39
N ASN A 457 -37.81 24.68 -27.55
CA ASN A 457 -36.49 24.60 -28.16
C ASN A 457 -35.47 24.05 -27.16
N THR A 458 -35.89 23.00 -26.42
CA THR A 458 -35.11 22.27 -25.43
C THR A 458 -34.96 23.04 -24.12
N ILE A 459 -35.60 24.20 -23.97
CA ILE A 459 -35.40 24.97 -22.77
C ILE A 459 -36.65 24.86 -21.91
N PRO A 460 -36.51 24.46 -20.62
CA PRO A 460 -37.62 24.37 -19.70
C PRO A 460 -38.35 25.71 -19.64
N VAL A 461 -39.68 25.64 -19.67
CA VAL A 461 -40.49 26.84 -19.60
C VAL A 461 -41.46 26.72 -18.43
N ILE A 462 -42.17 25.58 -18.38
CA ILE A 462 -42.89 25.08 -17.22
C ILE A 462 -42.10 23.89 -16.72
N LEU A 463 -41.58 23.96 -15.50
CA LEU A 463 -40.48 23.09 -15.13
C LEU A 463 -40.89 22.11 -14.02
N ASP A 464 -40.05 21.08 -13.87
CA ASP A 464 -40.06 20.21 -12.70
C ASP A 464 -38.77 20.46 -11.91
N ALA A 465 -38.89 21.01 -10.70
CA ALA A 465 -37.74 21.45 -9.92
C ALA A 465 -36.64 20.38 -9.82
N GLY A 466 -36.98 19.19 -9.34
CA GLY A 466 -36.03 18.08 -9.34
C GLY A 466 -35.37 17.82 -7.99
N VAL A 467 -34.15 17.30 -8.06
CA VAL A 467 -33.49 16.66 -6.93
C VAL A 467 -32.68 17.67 -6.12
N GLY A 468 -32.77 17.51 -4.79
CA GLY A 468 -32.06 18.37 -3.84
C GLY A 468 -30.95 17.61 -3.12
N THR A 469 -30.10 18.39 -2.42
CA THR A 469 -29.14 17.85 -1.49
C THR A 469 -29.91 17.13 -0.37
N TYR A 470 -29.48 15.91 -0.03
CA TYR A 470 -30.19 15.10 0.94
C TYR A 470 -30.14 15.74 2.34
N THR A 471 -31.29 15.70 3.04
CA THR A 471 -31.36 15.99 4.46
C THR A 471 -31.77 14.71 5.20
N LYS A 472 -31.88 14.78 6.53
CA LYS A 472 -32.42 13.67 7.32
C LYS A 472 -33.90 13.48 7.00
N GLN A 473 -34.63 14.58 6.79
CA GLN A 473 -36.04 14.51 6.45
C GLN A 473 -36.28 13.78 5.13
N THR A 474 -35.26 13.68 4.25
CA THR A 474 -35.48 13.20 2.88
C THR A 474 -36.20 11.86 2.88
N PHE A 475 -35.79 10.98 3.80
CA PHE A 475 -36.33 9.63 3.90
C PHE A 475 -37.22 9.53 5.15
N GLY A 476 -38.05 8.51 5.17
CA GLY A 476 -39.03 8.35 6.24
C GLY A 476 -40.08 9.44 6.16
N LYS A 477 -40.91 9.54 7.22
CA LYS A 477 -41.93 10.58 7.27
C LYS A 477 -41.22 11.93 7.15
N ASP A 478 -41.97 12.99 6.91
CA ASP A 478 -41.37 14.31 6.72
C ASP A 478 -40.72 14.45 5.33
N ARG A 479 -40.65 13.37 4.54
CA ARG A 479 -40.21 13.46 3.15
C ARG A 479 -40.98 14.58 2.46
N TYR A 480 -42.28 14.68 2.77
CA TYR A 480 -43.21 15.54 2.04
C TYR A 480 -43.39 16.87 2.76
N THR A 481 -42.43 17.21 3.64
CA THR A 481 -42.24 18.57 4.11
C THR A 481 -41.13 19.27 3.32
N ILE A 482 -40.48 18.56 2.39
CA ILE A 482 -39.53 19.20 1.48
C ILE A 482 -40.27 19.64 0.22
N TRP A 483 -40.12 20.92 -0.13
CA TRP A 483 -40.99 21.55 -1.11
C TRP A 483 -40.88 20.85 -2.46
N THR A 484 -39.65 20.43 -2.84
CA THR A 484 -39.40 19.84 -4.15
C THR A 484 -40.24 18.56 -4.35
N MET A 485 -40.67 17.98 -3.22
CA MET A 485 -41.33 16.69 -3.20
C MET A 485 -42.86 16.81 -3.26
N GLN A 486 -43.41 18.02 -3.11
CA GLN A 486 -44.84 18.22 -2.96
C GLN A 486 -45.52 18.56 -4.28
N SER A 487 -46.80 18.20 -4.37
CA SER A 487 -47.63 18.53 -5.50
C SER A 487 -47.79 20.05 -5.58
N ASN A 488 -47.73 20.68 -4.40
CA ASN A 488 -47.80 22.13 -4.27
C ASN A 488 -46.80 22.85 -5.17
N TYR A 489 -45.63 22.25 -5.37
CA TYR A 489 -44.58 22.85 -6.20
C TYR A 489 -44.39 22.01 -7.48
N HIS A 490 -45.42 21.28 -7.89
CA HIS A 490 -45.48 20.73 -9.23
C HIS A 490 -46.64 21.41 -9.97
N ASN A 491 -46.91 20.97 -11.21
CA ASN A 491 -47.81 21.67 -12.11
C ASN A 491 -49.19 21.02 -12.09
N LEU A 492 -49.93 21.41 -11.05
CA LEU A 492 -51.00 20.61 -10.52
C LEU A 492 -51.86 21.51 -9.64
N PRO A 493 -53.15 21.16 -9.49
CA PRO A 493 -54.03 21.84 -8.55
C PRO A 493 -53.82 21.37 -7.11
N MET A 494 -54.30 22.24 -6.21
CA MET A 494 -54.61 21.88 -4.83
C MET A 494 -56.12 21.91 -4.73
N ILE A 495 -56.72 20.73 -4.58
CA ILE A 495 -58.17 20.61 -4.69
C ILE A 495 -58.75 20.98 -3.32
N ASN A 496 -59.71 21.93 -3.32
CA ASN A 496 -60.20 22.56 -2.10
C ASN A 496 -59.02 22.90 -1.18
N GLY A 497 -57.97 23.48 -1.76
CA GLY A 497 -56.85 23.98 -0.99
C GLY A 497 -56.01 22.88 -0.35
N ILE A 498 -56.05 21.67 -0.91
CA ILE A 498 -55.31 20.55 -0.35
C ILE A 498 -54.51 19.85 -1.45
N PRO A 499 -53.22 19.53 -1.21
CA PRO A 499 -52.38 18.85 -2.19
C PRO A 499 -52.47 17.34 -2.08
N GLN A 500 -51.66 16.65 -2.87
CA GLN A 500 -51.66 15.20 -2.93
C GLN A 500 -51.05 14.66 -1.64
N LYS A 501 -51.36 13.39 -1.34
CA LYS A 501 -50.75 12.71 -0.22
C LYS A 501 -49.84 11.60 -0.74
N TYR A 502 -48.85 11.25 0.08
CA TYR A 502 -47.96 10.15 -0.21
C TYR A 502 -48.73 8.84 -0.13
N GLY A 503 -48.30 7.87 -0.93
CA GLY A 503 -48.70 6.48 -0.74
C GLY A 503 -49.06 5.75 -2.04
N GLN A 504 -48.79 4.44 -2.01
CA GLN A 504 -49.08 3.48 -3.07
C GLN A 504 -50.45 3.76 -3.68
N GLU A 505 -51.45 3.89 -2.79
CA GLU A 505 -52.84 3.87 -3.19
C GLU A 505 -53.26 5.21 -3.78
N TYR A 506 -52.48 6.27 -3.54
CA TYR A 506 -52.78 7.60 -4.07
C TYR A 506 -52.27 7.71 -5.51
N LYS A 507 -53.20 7.70 -6.47
CA LYS A 507 -52.85 7.31 -7.84
C LYS A 507 -53.82 7.85 -8.88
N ALA A 508 -53.38 7.65 -10.13
CA ALA A 508 -54.11 7.97 -11.35
C ALA A 508 -55.11 6.86 -11.65
N THR A 509 -56.23 7.26 -12.27
CA THR A 509 -57.16 6.34 -12.88
C THR A 509 -57.48 6.90 -14.28
N ASN A 510 -57.85 5.99 -15.21
CA ASN A 510 -58.23 6.30 -16.59
C ASN A 510 -57.15 7.08 -17.34
N THR A 511 -55.89 6.70 -17.17
CA THR A 511 -54.85 7.38 -17.91
C THR A 511 -54.96 6.92 -19.37
N THR A 512 -55.15 7.88 -20.30
CA THR A 512 -55.09 7.58 -21.72
C THR A 512 -54.13 8.55 -22.41
N CYS A 513 -53.74 8.12 -23.61
CA CYS A 513 -52.95 8.89 -24.52
C CYS A 513 -53.47 8.58 -25.92
N ASN A 514 -54.05 9.59 -26.57
CA ASN A 514 -54.34 9.47 -27.99
C ASN A 514 -53.08 9.87 -28.75
N GLU A 515 -52.39 8.90 -29.35
CA GLU A 515 -51.05 9.16 -29.88
C GLU A 515 -51.18 10.04 -31.13
N LYS A 516 -52.31 9.97 -31.83
CA LYS A 516 -52.42 10.70 -33.09
C LYS A 516 -52.92 12.13 -32.88
N LYS A 517 -53.83 12.34 -31.91
CA LYS A 517 -54.33 13.68 -31.58
C LYS A 517 -53.40 14.43 -30.60
N ARG A 518 -52.42 13.72 -30.02
CA ARG A 518 -51.53 14.24 -29.00
C ARG A 518 -52.33 14.74 -27.81
N VAL A 519 -53.10 13.81 -27.22
CA VAL A 519 -53.93 14.10 -26.06
C VAL A 519 -53.63 13.09 -24.95
N PHE A 520 -53.07 13.61 -23.88
CA PHE A 520 -52.93 12.86 -22.67
C PHE A 520 -54.10 13.28 -21.77
N SER A 521 -54.73 12.32 -21.09
CA SER A 521 -55.75 12.67 -20.11
C SER A 521 -55.70 11.68 -18.96
N THR A 522 -55.97 12.14 -17.74
CA THR A 522 -55.93 11.26 -16.59
C THR A 522 -56.82 11.83 -15.47
N ASP A 523 -57.34 10.93 -14.62
CA ASP A 523 -58.12 11.32 -13.45
C ASP A 523 -57.19 11.23 -12.24
N ILE A 524 -56.96 12.38 -11.58
CA ILE A 524 -55.97 12.51 -10.52
C ILE A 524 -56.65 12.53 -9.14
N ALA A 525 -57.98 12.36 -9.09
CA ALA A 525 -58.76 12.43 -7.87
C ALA A 525 -58.20 11.53 -6.76
N ALA A 526 -57.90 10.27 -7.10
CA ALA A 526 -57.56 9.28 -6.09
C ALA A 526 -56.15 9.50 -5.52
N ALA A 527 -55.40 10.45 -6.10
CA ALA A 527 -54.10 10.82 -5.60
C ALA A 527 -54.21 11.87 -4.49
N TYR A 528 -55.41 12.39 -4.25
CA TYR A 528 -55.61 13.32 -3.16
C TYR A 528 -56.32 12.60 -2.01
N PRO A 529 -56.18 13.11 -0.77
CA PRO A 529 -56.72 12.41 0.40
C PRO A 529 -58.22 12.69 0.51
N SER A 530 -58.85 12.17 1.59
CA SER A 530 -60.25 12.37 1.91
C SER A 530 -60.56 13.86 2.05
N GLU A 531 -59.74 14.55 2.85
CA GLU A 531 -59.93 15.95 3.16
C GLU A 531 -60.15 16.77 1.88
N ALA A 532 -59.73 16.22 0.73
CA ALA A 532 -59.86 16.92 -0.53
C ALA A 532 -61.30 16.93 -1.02
N LYS A 533 -62.04 15.87 -0.67
CA LYS A 533 -63.46 15.76 -0.96
C LYS A 533 -63.68 15.98 -2.44
N VAL A 534 -63.16 15.02 -3.22
CA VAL A 534 -63.10 15.12 -4.67
C VAL A 534 -63.49 13.77 -5.28
N LYS A 535 -64.52 13.78 -6.15
CA LYS A 535 -64.95 12.56 -6.82
C LYS A 535 -64.08 12.37 -8.04
N ASN A 536 -64.08 13.37 -8.93
CA ASN A 536 -63.38 13.29 -10.21
C ASN A 536 -62.53 14.54 -10.42
N TRP A 537 -61.28 14.37 -10.86
CA TRP A 537 -60.55 15.49 -11.44
C TRP A 537 -59.80 15.06 -12.70
N ILE A 538 -60.27 15.50 -13.87
CA ILE A 538 -59.58 15.15 -15.09
C ILE A 538 -58.67 16.30 -15.50
N ARG A 539 -57.36 16.09 -15.36
CA ARG A 539 -56.31 16.92 -15.94
C ARG A 539 -55.97 16.39 -17.33
N SER A 540 -55.97 17.26 -18.33
CA SER A 540 -55.76 16.81 -19.69
C SER A 540 -54.82 17.77 -20.42
N TYR A 541 -53.98 17.20 -21.31
CA TYR A 541 -53.01 17.97 -22.07
C TYR A 541 -53.21 17.66 -23.55
N THR A 542 -53.37 18.71 -24.38
CA THR A 542 -53.45 18.57 -25.83
C THR A 542 -52.37 19.45 -26.45
N LEU A 543 -51.48 18.84 -27.25
CA LEU A 543 -50.52 19.61 -28.03
C LEU A 543 -50.99 19.64 -29.48
N ASP A 544 -51.01 20.85 -30.07
CA ASP A 544 -51.13 21.01 -31.50
C ASP A 544 -49.80 21.54 -32.02
N ASP A 545 -49.82 22.12 -33.22
CA ASP A 545 -48.59 22.52 -33.88
C ASP A 545 -48.05 23.83 -33.30
N ARG A 546 -48.78 24.50 -32.39
CA ARG A 546 -48.36 25.80 -31.86
C ARG A 546 -48.62 25.96 -30.36
N LYS A 547 -49.63 25.31 -29.81
CA LYS A 547 -49.96 25.62 -28.43
C LYS A 547 -50.31 24.35 -27.67
N LEU A 548 -50.04 24.39 -26.36
CA LEU A 548 -50.38 23.35 -25.41
C LEU A 548 -51.65 23.80 -24.69
N THR A 549 -52.66 22.95 -24.68
CA THR A 549 -53.90 23.29 -24.03
C THR A 549 -54.03 22.38 -22.84
N ILE A 550 -53.98 23.00 -21.66
CA ILE A 550 -54.12 22.30 -20.40
C ILE A 550 -55.57 22.48 -19.97
N THR A 551 -56.28 21.38 -19.66
CA THR A 551 -57.69 21.46 -19.26
C THR A 551 -57.89 20.77 -17.90
N ASP A 552 -58.72 21.41 -17.07
CA ASP A 552 -59.20 20.84 -15.82
C ASP A 552 -60.71 20.76 -15.85
N SER A 553 -61.23 19.69 -15.25
CA SER A 553 -62.65 19.40 -15.24
C SER A 553 -62.92 18.53 -14.02
N TYR A 554 -63.72 19.01 -13.08
CA TYR A 554 -63.73 18.42 -11.75
C TYR A 554 -65.15 18.27 -11.20
N THR A 555 -65.32 17.22 -10.39
CA THR A 555 -66.50 17.06 -9.56
C THR A 555 -66.07 16.75 -8.14
N LEU A 556 -66.63 17.53 -7.19
CA LEU A 556 -66.27 17.46 -5.79
C LEU A 556 -67.40 16.80 -5.03
N GLU A 557 -67.07 16.30 -3.83
CA GLU A 557 -68.08 15.83 -2.90
C GLU A 557 -68.68 17.01 -2.14
N GLU A 558 -67.85 18.01 -1.81
CA GLU A 558 -68.30 19.17 -1.07
C GLU A 558 -67.26 20.26 -1.24
N ALA A 559 -67.69 21.44 -1.70
CA ALA A 559 -66.79 22.55 -1.96
C ALA A 559 -66.42 23.22 -0.63
N VAL A 560 -65.29 22.81 -0.06
CA VAL A 560 -64.83 23.30 1.22
C VAL A 560 -64.10 24.63 1.00
N ALA A 561 -62.99 24.58 0.27
CA ALA A 561 -62.15 25.74 0.03
C ALA A 561 -62.11 26.04 -1.46
N PRO A 562 -61.64 27.24 -1.91
CA PRO A 562 -61.42 27.48 -3.33
C PRO A 562 -60.30 26.60 -3.90
N ASN A 563 -60.34 26.35 -5.21
CA ASN A 563 -59.27 25.59 -5.83
C ASN A 563 -58.06 26.52 -6.00
N GLN A 564 -56.87 25.91 -6.15
CA GLN A 564 -55.64 26.64 -6.43
C GLN A 564 -54.83 25.84 -7.45
N VAL A 565 -54.31 26.52 -8.47
CA VAL A 565 -53.58 25.87 -9.55
C VAL A 565 -52.20 26.52 -9.67
N ASN A 566 -51.15 25.69 -9.68
CA ASN A 566 -49.79 26.18 -9.68
C ASN A 566 -49.07 25.78 -10.96
N PHE A 567 -48.06 26.60 -11.33
CA PHE A 567 -47.15 26.34 -12.44
C PHE A 567 -45.74 26.79 -12.08
N MET A 568 -44.73 25.91 -12.25
CA MET A 568 -43.35 26.24 -11.90
C MET A 568 -42.63 26.80 -13.12
N THR A 569 -41.80 27.84 -12.93
CA THR A 569 -41.13 28.44 -14.08
C THR A 569 -39.88 29.19 -13.65
N TRP A 570 -39.20 29.81 -14.62
CA TRP A 570 -38.01 30.57 -14.31
C TRP A 570 -37.70 31.60 -15.40
N GLY A 571 -36.63 32.38 -15.20
CA GLY A 571 -36.24 33.47 -16.10
C GLY A 571 -37.06 34.72 -15.82
N ASN A 572 -37.55 35.37 -16.89
CA ASN A 572 -38.18 36.68 -16.79
C ASN A 572 -39.69 36.53 -16.96
N VAL A 573 -40.46 36.76 -15.89
CA VAL A 573 -41.90 36.53 -15.88
C VAL A 573 -42.63 37.86 -15.74
N THR A 574 -43.55 38.16 -16.66
CA THR A 574 -44.31 39.41 -16.58
C THR A 574 -45.81 39.12 -16.68
N PHE A 575 -46.61 40.16 -16.37
CA PHE A 575 -48.06 40.08 -16.22
C PHE A 575 -48.74 41.21 -16.98
N PRO A 576 -48.62 41.25 -18.34
CA PRO A 576 -49.08 42.39 -19.12
C PRO A 576 -50.53 42.80 -18.88
N SER A 577 -51.41 41.85 -18.49
CA SER A 577 -52.82 42.15 -18.24
C SER A 577 -53.47 41.03 -17.44
N GLN A 578 -54.73 41.20 -17.04
CA GLN A 578 -55.49 40.11 -16.44
C GLN A 578 -55.53 38.90 -17.38
N GLY A 579 -55.28 37.71 -16.82
CA GLY A 579 -55.40 36.47 -17.55
C GLY A 579 -54.26 36.24 -18.54
N LYS A 580 -53.19 37.07 -18.48
CA LYS A 580 -52.01 36.83 -19.30
C LYS A 580 -50.75 36.82 -18.43
N ILE A 581 -49.86 35.86 -18.70
CA ILE A 581 -48.52 35.78 -18.14
C ILE A 581 -47.55 35.56 -19.28
N GLN A 582 -46.40 36.26 -19.26
CA GLN A 582 -45.33 36.07 -20.24
C GLN A 582 -44.07 35.54 -19.55
N ILE A 583 -43.40 34.60 -20.20
CA ILE A 583 -42.19 34.02 -19.65
C ILE A 583 -41.13 34.15 -20.74
N GLU A 584 -39.99 34.75 -20.40
CA GLU A 584 -38.87 34.87 -21.32
C GLU A 584 -37.65 34.30 -20.63
N VAL A 585 -37.04 33.27 -21.22
CA VAL A 585 -35.95 32.60 -20.56
C VAL A 585 -35.01 31.99 -21.60
N LYS A 586 -33.71 32.23 -21.43
CA LYS A 586 -32.69 31.70 -22.32
C LYS A 586 -33.09 31.90 -23.78
N GLY A 587 -33.73 33.05 -24.07
CA GLY A 587 -34.06 33.43 -25.44
C GLY A 587 -35.32 32.75 -25.98
N GLN A 588 -36.12 32.13 -25.12
CA GLN A 588 -37.39 31.58 -25.53
C GLN A 588 -38.45 32.44 -24.89
N LYS A 589 -39.63 32.50 -25.50
CA LYS A 589 -40.69 33.39 -25.02
C LYS A 589 -42.04 32.71 -25.23
N VAL A 590 -42.85 32.62 -24.17
CA VAL A 590 -44.20 32.08 -24.28
C VAL A 590 -45.22 33.01 -23.62
N GLU A 591 -46.51 32.75 -23.88
CA GLU A 591 -47.63 33.38 -23.21
C GLU A 591 -48.52 32.33 -22.57
N LEU A 592 -49.02 32.60 -21.36
CA LEU A 592 -49.83 31.66 -20.58
C LEU A 592 -51.19 32.27 -20.24
N ASP A 593 -52.22 31.79 -20.93
CA ASP A 593 -53.53 32.38 -20.83
C ASP A 593 -54.28 31.57 -19.79
N TYR A 594 -54.92 32.27 -18.85
CA TYR A 594 -55.54 31.61 -17.70
C TYR A 594 -56.90 32.26 -17.42
N PRO A 595 -57.87 31.51 -16.84
CA PRO A 595 -59.23 32.02 -16.64
C PRO A 595 -59.23 33.24 -15.71
N THR A 596 -59.89 34.32 -16.14
CA THR A 596 -59.75 35.62 -15.50
C THR A 596 -60.35 35.59 -14.10
N LEU A 597 -61.13 34.56 -13.78
CA LEU A 597 -61.57 34.35 -12.40
C LEU A 597 -60.41 34.22 -11.41
N PHE A 598 -59.17 33.99 -11.90
CA PHE A 598 -58.03 33.70 -11.04
C PHE A 598 -57.18 34.95 -10.81
N LYS A 599 -56.64 35.08 -9.59
CA LYS A 599 -55.68 36.14 -9.27
C LYS A 599 -54.27 35.55 -9.21
N ALA A 600 -53.42 36.04 -10.12
CA ALA A 600 -52.09 35.50 -10.36
C ALA A 600 -51.05 36.20 -9.49
N GLU A 601 -50.31 35.44 -8.68
CA GLU A 601 -49.16 35.98 -7.97
C GLU A 601 -47.89 35.24 -8.38
N LEU A 602 -46.73 35.84 -8.08
CA LEU A 602 -45.44 35.22 -8.34
C LEU A 602 -44.66 35.08 -7.04
N GLU A 603 -44.39 33.84 -6.62
CA GLU A 603 -43.54 33.56 -5.46
C GLU A 603 -42.11 33.31 -5.93
N THR A 604 -41.18 34.08 -5.38
CA THR A 604 -39.77 33.86 -5.64
C THR A 604 -39.31 32.75 -4.71
N ILE A 605 -38.49 31.84 -5.26
CA ILE A 605 -37.88 30.77 -4.51
C ILE A 605 -36.38 30.91 -4.66
N GLN A 606 -35.70 31.49 -3.65
CA GLN A 606 -34.25 31.61 -3.65
C GLN A 606 -33.67 30.23 -3.39
N LEU A 607 -32.61 29.84 -4.11
CA LEU A 607 -32.05 28.49 -4.01
C LEU A 607 -30.71 28.47 -3.25
N ASP A 608 -30.79 28.17 -1.93
CA ASP A 608 -29.64 27.95 -1.07
C ASP A 608 -28.88 26.68 -1.47
N ASP A 609 -29.63 25.71 -1.96
CA ASP A 609 -29.15 24.36 -2.17
C ASP A 609 -28.35 24.32 -3.47
N PRO A 610 -27.00 24.22 -3.44
CA PRO A 610 -26.23 24.20 -4.67
C PRO A 610 -26.71 23.19 -5.71
N ARG A 611 -27.24 22.05 -5.24
CA ARG A 611 -27.68 20.99 -6.14
C ARG A 611 -28.80 21.52 -7.06
N LEU A 612 -29.58 22.47 -6.57
CA LEU A 612 -30.62 23.07 -7.36
C LEU A 612 -30.10 24.31 -8.09
N SER A 613 -29.30 25.14 -7.41
CA SER A 613 -28.82 26.38 -8.01
C SER A 613 -27.85 26.12 -9.17
N ASN A 614 -27.24 24.94 -9.21
CA ASN A 614 -26.30 24.64 -10.28
C ASN A 614 -27.02 24.30 -11.58
N VAL A 615 -28.31 23.96 -11.48
CA VAL A 615 -29.15 23.74 -12.65
C VAL A 615 -29.89 25.02 -12.99
N TRP A 616 -30.54 25.60 -11.98
CA TRP A 616 -31.60 26.56 -12.18
C TRP A 616 -31.11 28.01 -12.10
N GLY A 617 -29.99 28.24 -11.40
CA GLY A 617 -29.57 29.59 -11.07
C GLY A 617 -30.00 29.98 -9.65
N LYS A 618 -30.02 31.29 -9.38
CA LYS A 618 -30.27 31.84 -8.05
C LYS A 618 -31.68 31.51 -7.55
N GLU A 619 -32.66 31.56 -8.44
CA GLU A 619 -34.05 31.50 -8.01
C GLU A 619 -34.93 30.94 -9.12
N ILE A 620 -36.02 30.27 -8.72
CA ILE A 620 -37.14 29.98 -9.60
C ILE A 620 -38.44 30.48 -8.98
N TYR A 621 -39.55 30.35 -9.70
CA TYR A 621 -40.80 30.97 -9.29
C TYR A 621 -41.91 29.93 -9.32
N ARG A 622 -42.85 30.05 -8.40
CA ARG A 622 -44.11 29.35 -8.53
C ARG A 622 -45.18 30.41 -8.85
N ILE A 623 -45.87 30.23 -9.99
CA ILE A 623 -47.03 31.03 -10.32
C ILE A 623 -48.21 30.44 -9.54
N THR A 624 -48.81 31.23 -8.64
CA THR A 624 -50.00 30.79 -7.90
C THR A 624 -51.24 31.48 -8.44
N LEU A 625 -52.29 30.68 -8.71
CA LEU A 625 -53.55 31.16 -9.27
C LEU A 625 -54.67 30.89 -8.26
N LYS A 626 -55.12 31.95 -7.57
CA LYS A 626 -56.06 31.82 -6.46
C LYS A 626 -57.37 32.52 -6.81
N THR A 627 -58.46 32.08 -6.16
CA THR A 627 -59.80 32.56 -6.48
C THR A 627 -60.68 32.57 -5.23
N ASN A 628 -61.81 33.28 -5.33
CA ASN A 628 -62.84 33.30 -4.30
C ASN A 628 -63.92 32.25 -4.61
N GLU A 629 -64.27 32.10 -5.88
CA GLU A 629 -65.16 31.04 -6.36
C GLU A 629 -65.14 29.82 -5.46
N LYS A 630 -66.28 29.12 -5.43
CA LYS A 630 -66.38 27.84 -4.75
C LYS A 630 -67.62 27.13 -5.28
N LYS A 631 -67.43 25.93 -5.83
CA LYS A 631 -68.48 25.20 -6.50
C LYS A 631 -68.13 23.73 -6.38
N GLU A 632 -69.15 22.89 -6.56
CA GLU A 632 -68.96 21.45 -6.54
C GLU A 632 -68.47 20.97 -7.91
N THR A 633 -68.71 21.77 -8.96
CA THR A 633 -68.30 21.40 -10.30
C THR A 633 -67.87 22.62 -11.09
N GLY A 634 -66.91 22.39 -12.01
CA GLY A 634 -66.39 23.43 -12.85
C GLY A 634 -65.20 22.98 -13.71
N ASN A 635 -64.55 23.99 -14.30
CA ASN A 635 -63.94 23.84 -15.61
C ASN A 635 -62.90 24.94 -15.84
N TYR A 636 -61.61 24.58 -16.00
CA TYR A 636 -60.52 25.54 -16.25
C TYR A 636 -59.77 25.20 -17.54
N LYS A 637 -59.51 26.21 -18.38
CA LYS A 637 -58.69 26.05 -19.57
C LYS A 637 -57.48 26.99 -19.45
N PHE A 638 -56.30 26.50 -19.87
CA PHE A 638 -55.07 27.29 -19.95
C PHE A 638 -54.39 26.97 -21.28
N VAL A 639 -53.65 27.95 -21.80
CA VAL A 639 -53.04 27.88 -23.11
C VAL A 639 -51.67 28.55 -23.07
N ILE A 640 -50.68 27.83 -23.58
CA ILE A 640 -49.30 28.29 -23.64
C ILE A 640 -48.83 28.15 -25.08
N GLN A 641 -48.20 29.21 -25.63
CA GLN A 641 -47.75 29.23 -27.02
C GLN A 641 -46.58 30.21 -27.16
N GLN A 642 -45.87 30.22 -28.29
CA GLN A 642 -44.69 31.07 -28.38
C GLN A 642 -45.03 32.48 -28.85
N ILE A 643 -44.31 33.49 -28.34
CA ILE A 643 -44.49 34.88 -28.75
C ILE A 643 -43.14 35.53 -29.04
N GLU B 28 32.57 -27.50 20.87
CA GLU B 28 31.36 -28.22 21.35
C GLU B 28 31.16 -27.97 22.86
N ARG B 29 30.97 -26.71 23.24
CA ARG B 29 30.74 -26.38 24.64
C ARG B 29 29.31 -26.71 25.03
N ASP B 30 28.35 -26.36 24.14
CA ASP B 30 26.94 -26.72 24.29
C ASP B 30 26.41 -26.21 25.63
N MET B 31 26.62 -24.93 25.92
CA MET B 31 26.47 -24.40 27.26
C MET B 31 25.01 -24.23 27.69
N LEU B 32 24.10 -24.06 26.71
CA LEU B 32 22.68 -23.94 26.94
C LEU B 32 22.03 -25.32 27.05
N GLN B 33 22.37 -26.21 26.10
CA GLN B 33 21.99 -27.62 26.16
C GLN B 33 22.39 -28.25 27.49
N LYS B 34 23.59 -27.89 27.98
CA LYS B 34 24.06 -28.31 29.30
C LYS B 34 23.19 -27.69 30.40
N ALA B 35 22.71 -26.47 30.18
CA ALA B 35 22.05 -25.72 31.22
C ALA B 35 20.59 -26.17 31.42
N ALA B 36 20.11 -27.08 30.57
CA ALA B 36 18.76 -27.62 30.66
C ALA B 36 18.37 -28.32 29.36
N ASP B 37 17.47 -29.31 29.47
CA ASP B 37 16.87 -29.96 28.32
C ASP B 37 15.43 -29.46 28.16
N GLU B 38 14.75 -29.98 27.13
CA GLU B 38 13.39 -29.56 26.84
C GLU B 38 12.52 -29.68 28.11
N THR B 39 12.69 -30.75 28.90
CA THR B 39 11.81 -31.04 30.02
C THR B 39 12.01 -30.00 31.13
N THR B 40 13.27 -29.83 31.60
CA THR B 40 13.53 -28.93 32.70
C THR B 40 13.15 -27.51 32.26
N LEU B 41 13.32 -27.25 30.97
CA LEU B 41 12.95 -25.97 30.40
C LEU B 41 11.47 -25.70 30.66
N LYS B 42 10.62 -26.67 30.34
CA LYS B 42 9.17 -26.58 30.55
C LYS B 42 8.84 -26.11 31.97
N ASN B 43 9.58 -26.60 32.96
CA ASN B 43 9.25 -26.36 34.36
C ASN B 43 9.54 -24.92 34.77
N VAL B 44 10.34 -24.18 33.98
CA VAL B 44 10.92 -22.91 34.43
C VAL B 44 10.43 -21.72 33.61
N LEU B 45 9.97 -21.99 32.37
CA LEU B 45 9.37 -21.00 31.48
C LEU B 45 8.28 -20.24 32.19
N VAL B 46 8.16 -18.93 31.88
CA VAL B 46 7.17 -18.06 32.48
C VAL B 46 6.08 -17.76 31.45
N MET B 47 4.86 -18.21 31.71
CA MET B 47 3.79 -18.17 30.72
C MET B 47 2.97 -16.90 30.91
N LYS B 48 2.08 -16.63 29.95
CA LYS B 48 1.15 -15.50 29.96
C LYS B 48 1.89 -14.17 30.08
N GLN B 49 3.13 -14.12 29.57
CA GLN B 49 3.85 -12.86 29.40
C GLN B 49 4.08 -12.19 30.75
N ALA B 50 4.23 -12.97 31.83
CA ALA B 50 4.40 -12.42 33.16
C ALA B 50 5.82 -11.92 33.34
N TRP B 51 6.73 -12.39 32.48
CA TRP B 51 8.13 -11.99 32.42
C TRP B 51 8.32 -10.53 32.01
N VAL B 52 7.28 -9.86 31.53
CA VAL B 52 7.50 -8.64 30.80
C VAL B 52 7.88 -7.54 31.79
N PRO B 53 9.08 -6.93 31.61
CA PRO B 53 9.63 -6.02 32.60
C PRO B 53 9.17 -4.58 32.50
N TYR B 54 8.34 -4.29 31.50
CA TYR B 54 7.83 -2.94 31.33
C TYR B 54 6.46 -2.92 32.00
N PRO B 55 5.94 -1.76 32.39
CA PRO B 55 4.57 -1.72 32.91
C PRO B 55 3.50 -2.22 31.92
N ALA B 56 2.27 -2.33 32.43
CA ALA B 56 1.08 -2.39 31.61
C ALA B 56 0.89 -1.02 30.96
N TYR B 57 0.33 -1.01 29.73
CA TYR B 57 0.13 0.21 28.96
C TYR B 57 -0.63 1.26 29.77
N THR B 58 -1.60 0.83 30.59
CA THR B 58 -2.64 1.72 31.12
C THR B 58 -2.19 2.35 32.45
N ASP B 59 -0.99 1.95 32.88
CA ASP B 59 -0.37 2.35 34.14
C ASP B 59 0.49 3.58 33.88
N ARG B 60 -0.15 4.75 33.77
CA ARG B 60 0.47 6.00 33.34
C ARG B 60 1.53 6.49 34.32
N ALA B 61 1.38 6.16 35.61
CA ALA B 61 2.30 6.63 36.63
C ALA B 61 3.62 5.88 36.53
N ALA B 62 3.54 4.56 36.25
CA ALA B 62 4.73 3.72 36.17
C ALA B 62 5.52 3.99 34.88
N TRP B 63 4.82 4.44 33.82
CA TRP B 63 5.46 4.90 32.61
C TRP B 63 6.06 6.30 32.79
N ASP B 64 5.51 7.10 33.70
CA ASP B 64 6.07 8.43 33.91
C ASP B 64 7.46 8.33 34.56
N SER B 65 7.62 7.32 35.44
CA SER B 65 8.82 7.08 36.24
C SER B 65 9.96 6.62 35.36
N LEU B 66 9.70 5.53 34.63
CA LEU B 66 10.66 4.91 33.74
C LEU B 66 11.20 5.91 32.71
N MET B 67 10.30 6.70 32.12
CA MET B 67 10.61 7.58 30.99
C MET B 67 11.45 8.78 31.42
N GLY B 68 11.04 9.45 32.50
CA GLY B 68 11.73 10.63 32.98
C GLY B 68 11.76 11.74 31.93
N SER B 69 12.97 12.06 31.43
CA SER B 69 13.14 13.13 30.46
C SER B 69 12.87 12.61 29.05
N ASN B 70 12.86 11.28 28.88
CA ASN B 70 12.53 10.68 27.60
C ASN B 70 11.12 11.09 27.17
N LYS B 71 10.15 11.04 28.09
CA LYS B 71 8.75 11.25 27.73
C LYS B 71 8.56 12.33 26.65
N GLN B 72 9.02 13.56 26.90
CA GLN B 72 8.54 14.67 26.10
C GLN B 72 9.17 14.62 24.71
N ARG B 73 10.30 13.92 24.56
CA ARG B 73 11.00 13.83 23.28
C ARG B 73 10.38 12.71 22.42
N LEU B 74 10.08 11.56 23.04
CA LEU B 74 9.38 10.46 22.40
C LEU B 74 8.02 10.93 21.89
N ILE B 75 7.34 11.75 22.69
CA ILE B 75 6.10 12.38 22.25
C ILE B 75 6.38 13.17 20.97
N ALA B 76 7.15 14.26 21.06
CA ALA B 76 7.53 15.06 19.92
C ALA B 76 7.84 14.22 18.70
N ALA B 77 8.47 13.05 18.92
CA ALA B 77 8.90 12.16 17.84
C ALA B 77 7.70 11.47 17.21
N GLY B 78 6.68 11.22 18.03
CA GLY B 78 5.38 10.75 17.58
C GLY B 78 4.63 11.87 16.85
N GLU B 79 4.70 13.08 17.38
CA GLU B 79 3.94 14.17 16.80
C GLU B 79 4.33 14.35 15.33
N LYS B 80 5.61 14.10 14.99
CA LYS B 80 6.10 14.29 13.64
C LYS B 80 5.56 13.23 12.69
N LEU B 81 5.09 12.11 13.23
CA LEU B 81 4.61 11.01 12.41
C LEU B 81 3.08 10.92 12.40
N LEU B 82 2.37 11.95 12.87
CA LEU B 82 0.92 11.91 12.92
C LEU B 82 0.34 11.86 11.51
N ASP B 83 1.05 12.44 10.54
CA ASP B 83 0.59 12.46 9.17
C ASP B 83 1.52 11.65 8.25
N TYR B 84 2.33 10.76 8.82
CA TYR B 84 3.18 9.91 8.01
C TYR B 84 2.37 9.01 7.09
N LYS B 85 2.70 8.98 5.79
CA LYS B 85 2.06 8.12 4.80
C LYS B 85 2.83 6.80 4.69
N TRP B 86 2.22 5.71 5.18
CA TRP B 86 2.86 4.40 5.15
C TRP B 86 3.17 4.07 3.69
N GLN B 87 4.45 3.74 3.47
CA GLN B 87 5.01 3.61 2.15
C GLN B 87 4.78 2.21 1.61
N LEU B 88 4.22 2.21 0.41
CA LEU B 88 4.07 1.02 -0.37
C LEU B 88 5.42 0.66 -0.97
N ILE B 89 5.63 -0.65 -1.15
CA ILE B 89 6.86 -1.20 -1.69
C ILE B 89 6.50 -1.94 -2.98
N PRO B 90 6.70 -1.32 -4.15
CA PRO B 90 6.17 -1.88 -5.38
C PRO B 90 6.96 -3.15 -5.67
N ALA B 91 6.40 -4.02 -6.51
CA ALA B 91 7.06 -5.24 -6.96
C ALA B 91 8.41 -4.94 -7.62
N THR B 92 8.49 -3.86 -8.41
CA THR B 92 9.69 -3.57 -9.16
C THR B 92 10.88 -3.35 -8.22
N ALA B 93 10.63 -2.82 -7.02
CA ALA B 93 11.69 -2.62 -6.06
C ALA B 93 12.39 -3.94 -5.67
N TYR B 94 11.64 -5.03 -5.55
CA TYR B 94 12.27 -6.33 -5.32
C TYR B 94 12.85 -6.90 -6.62
N LEU B 95 12.18 -6.61 -7.75
CA LEU B 95 12.68 -6.99 -9.07
C LEU B 95 14.07 -6.41 -9.31
N GLU B 96 14.29 -5.17 -8.87
CA GLU B 96 15.52 -4.44 -9.16
C GLU B 96 16.71 -5.17 -8.55
N TYR B 97 16.47 -6.00 -7.53
CA TYR B 97 17.57 -6.72 -6.90
C TYR B 97 18.15 -7.66 -7.94
N GLU B 98 17.30 -8.46 -8.58
CA GLU B 98 17.73 -9.35 -9.65
C GLU B 98 18.37 -8.60 -10.82
N ARG B 99 17.88 -7.40 -11.13
CA ARG B 99 18.23 -6.72 -12.37
C ARG B 99 19.58 -6.01 -12.22
N THR B 100 19.70 -5.12 -11.23
CA THR B 100 20.92 -4.33 -11.05
C THR B 100 21.58 -4.55 -9.70
N GLY B 101 20.99 -5.37 -8.82
CA GLY B 101 21.53 -5.59 -7.49
C GLY B 101 21.17 -4.49 -6.48
N ASN B 102 20.31 -3.54 -6.87
CA ASN B 102 19.95 -2.44 -5.98
C ASN B 102 19.11 -2.95 -4.81
N ARG B 103 19.58 -2.63 -3.60
CA ARG B 103 18.97 -3.09 -2.37
C ARG B 103 18.17 -1.97 -1.75
N LYS B 104 18.64 -0.72 -1.93
CA LYS B 104 18.14 0.38 -1.12
C LYS B 104 16.80 0.90 -1.62
N ILE B 105 16.47 0.61 -2.89
CA ILE B 105 15.20 1.00 -3.50
C ILE B 105 14.05 0.35 -2.73
N MET B 106 14.31 -0.87 -2.24
CA MET B 106 13.35 -1.63 -1.44
C MET B 106 13.57 -1.36 0.06
N GLU B 107 14.82 -1.26 0.52
CA GLU B 107 15.12 -1.21 1.94
C GLU B 107 14.77 0.12 2.61
N VAL B 108 14.72 1.21 1.85
CA VAL B 108 14.55 2.54 2.42
C VAL B 108 13.12 2.71 2.88
N PRO B 109 12.10 2.50 2.02
CA PRO B 109 10.71 2.64 2.44
C PRO B 109 10.33 1.63 3.52
N TYR B 110 10.83 0.39 3.37
CA TYR B 110 10.67 -0.65 4.37
C TYR B 110 11.14 -0.13 5.72
N ASP B 111 12.40 0.29 5.78
CA ASP B 111 13.06 0.66 7.02
C ASP B 111 12.46 1.91 7.60
N ALA B 112 12.02 2.83 6.73
CA ALA B 112 11.33 4.03 7.18
C ALA B 112 9.99 3.67 7.83
N ASN B 113 9.30 2.66 7.27
CA ASN B 113 8.05 2.19 7.85
C ASN B 113 8.32 1.55 9.21
N ARG B 114 9.36 0.70 9.30
CA ARG B 114 9.67 0.04 10.57
C ARG B 114 9.94 1.13 11.61
N GLN B 115 10.82 2.06 11.29
CA GLN B 115 11.22 3.09 12.23
C GLN B 115 9.97 3.81 12.74
N ALA B 116 9.07 4.19 11.83
CA ALA B 116 7.91 4.98 12.21
C ALA B 116 7.00 4.20 13.17
N LEU B 117 6.82 2.92 12.89
CA LEU B 117 6.02 2.07 13.76
C LEU B 117 6.65 2.07 15.14
N ASN B 118 7.98 1.91 15.19
CA ASN B 118 8.69 1.79 16.44
C ASN B 118 8.59 3.09 17.22
N THR B 119 8.89 4.21 16.54
CA THR B 119 8.75 5.53 17.12
C THR B 119 7.37 5.71 17.74
N LEU B 120 6.34 5.30 17.00
CA LEU B 120 4.95 5.50 17.37
C LEU B 120 4.63 4.68 18.60
N MET B 121 5.17 3.46 18.61
CA MET B 121 5.06 2.56 19.74
C MET B 121 5.60 3.24 20.99
N LEU B 122 6.81 3.79 20.87
CA LEU B 122 7.46 4.46 21.98
C LEU B 122 6.68 5.69 22.39
N ALA B 123 6.12 6.42 21.42
CA ALA B 123 5.44 7.67 21.73
C ALA B 123 4.17 7.40 22.52
N GLU B 124 3.39 6.39 22.11
CA GLU B 124 2.13 6.11 22.79
C GLU B 124 2.39 5.58 24.20
N LEU B 125 3.42 4.75 24.39
CA LEU B 125 3.76 4.31 25.73
C LEU B 125 4.15 5.51 26.58
N ALA B 126 4.66 6.57 25.94
CA ALA B 126 5.06 7.77 26.67
C ALA B 126 3.82 8.54 27.11
N GLU B 127 2.96 8.85 26.15
CA GLU B 127 1.85 9.79 26.31
C GLU B 127 0.59 9.15 26.91
N GLY B 128 0.26 7.92 26.48
CA GLY B 128 -0.82 7.14 27.07
C GLY B 128 -2.23 7.53 26.61
N LYS B 129 -2.39 8.62 25.84
CA LYS B 129 -3.68 9.26 25.72
C LYS B 129 -4.37 8.91 24.40
N GLY B 130 -4.04 7.74 23.84
CA GLY B 130 -4.70 7.17 22.68
C GLY B 130 -4.28 7.76 21.33
N ARG B 131 -3.51 8.86 21.35
CA ARG B 131 -3.43 9.79 20.24
C ARG B 131 -2.66 9.20 19.07
N PHE B 132 -1.89 8.13 19.29
CA PHE B 132 -1.07 7.56 18.22
C PHE B 132 -1.57 6.16 17.85
N ILE B 133 -2.69 5.75 18.45
CA ILE B 133 -3.26 4.46 18.17
C ILE B 133 -3.66 4.34 16.70
N ASP B 134 -4.35 5.35 16.15
CA ASP B 134 -4.84 5.27 14.78
C ASP B 134 -3.67 4.94 13.83
N GLN B 135 -2.52 5.59 14.03
CA GLN B 135 -1.39 5.36 13.15
C GLN B 135 -0.71 4.02 13.44
N LEU B 136 -0.64 3.62 14.71
CA LEU B 136 -0.12 2.31 15.10
C LEU B 136 -0.91 1.20 14.40
N LEU B 137 -2.20 1.47 14.24
CA LEU B 137 -3.17 0.55 13.67
C LEU B 137 -2.97 0.47 12.16
N ASN B 138 -2.83 1.62 11.49
CA ASN B 138 -2.50 1.66 10.07
C ASN B 138 -1.21 0.88 9.74
N GLY B 139 -0.14 1.21 10.45
CA GLY B 139 1.14 0.53 10.25
C GLY B 139 1.00 -0.99 10.38
N ALA B 140 0.36 -1.44 11.47
CA ALA B 140 0.17 -2.87 11.72
C ALA B 140 -0.68 -3.52 10.62
N TYR B 141 -1.65 -2.76 10.09
CA TYR B 141 -2.62 -3.29 9.17
C TYR B 141 -1.95 -3.39 7.82
N MET B 142 -1.19 -2.35 7.45
CA MET B 142 -0.41 -2.37 6.22
C MET B 142 0.57 -3.54 6.25
N SER B 143 1.30 -3.69 7.36
CA SER B 143 2.30 -4.76 7.50
C SER B 143 1.67 -6.15 7.31
N CYS B 144 0.40 -6.32 7.62
CA CYS B 144 -0.20 -7.63 7.47
C CYS B 144 -0.60 -7.78 6.02
N GLU B 145 -0.89 -6.66 5.35
CA GLU B 145 -1.27 -6.70 3.94
C GLU B 145 -0.12 -7.14 3.01
N MET B 146 1.12 -6.85 3.41
CA MET B 146 2.33 -7.19 2.68
C MET B 146 2.45 -8.70 2.60
N ASN B 147 2.98 -9.17 1.47
CA ASN B 147 3.15 -10.59 1.22
C ASN B 147 4.26 -11.14 2.09
N SER B 148 5.41 -10.45 2.16
CA SER B 148 6.50 -10.88 3.02
C SER B 148 7.06 -9.73 3.88
N TRP B 149 7.88 -10.07 4.88
CA TRP B 149 8.64 -9.08 5.63
C TRP B 149 10.12 -9.23 5.30
N VAL B 150 10.44 -10.09 4.32
CA VAL B 150 11.81 -10.41 4.01
C VAL B 150 12.37 -9.38 3.02
N LEU B 151 13.65 -9.01 3.21
CA LEU B 151 14.34 -8.05 2.36
C LEU B 151 14.51 -8.64 0.96
N SER B 152 14.62 -7.75 -0.06
CA SER B 152 14.76 -8.21 -1.44
C SER B 152 16.04 -9.05 -1.54
N ALA B 153 17.12 -8.55 -0.94
CA ALA B 153 18.43 -9.20 -1.07
C ALA B 153 18.44 -10.63 -0.50
N HIS B 154 17.50 -10.98 0.39
CA HIS B 154 17.53 -12.23 1.14
C HIS B 154 16.43 -13.18 0.65
N LEU B 155 15.37 -12.63 0.07
CA LEU B 155 14.32 -13.45 -0.52
C LEU B 155 14.84 -14.52 -1.48
N PRO B 156 15.95 -14.37 -2.25
CA PRO B 156 16.44 -15.46 -3.11
C PRO B 156 16.93 -16.74 -2.43
N ARG B 157 16.68 -16.90 -1.12
CA ARG B 157 16.98 -18.15 -0.44
C ARG B 157 15.75 -19.03 -0.47
N GLN B 158 14.61 -18.48 -0.88
CA GLN B 158 13.37 -19.25 -0.93
C GLN B 158 13.54 -20.27 -2.05
N SER B 159 12.68 -21.30 -2.02
CA SER B 159 12.66 -22.40 -2.98
C SER B 159 12.82 -21.91 -4.41
N SER B 160 12.03 -20.88 -4.76
CA SER B 160 11.99 -20.35 -6.11
C SER B 160 13.28 -19.61 -6.46
N LYS B 161 14.02 -19.15 -5.46
CA LYS B 161 15.26 -18.40 -5.63
C LYS B 161 14.99 -17.02 -6.25
N ARG B 162 13.82 -16.43 -5.93
CA ARG B 162 13.41 -15.18 -6.54
C ARG B 162 13.46 -14.06 -5.52
N SER B 163 13.48 -12.83 -6.02
CA SER B 163 13.71 -11.65 -5.23
C SER B 163 12.35 -11.11 -4.79
N LEU B 164 11.29 -11.62 -5.42
CA LEU B 164 9.96 -11.13 -5.13
C LEU B 164 9.29 -12.06 -4.12
N PRO B 165 8.51 -11.55 -3.14
CA PRO B 165 7.77 -12.40 -2.21
C PRO B 165 6.78 -13.33 -2.91
N ASP B 166 6.79 -14.60 -2.47
CA ASP B 166 5.88 -15.63 -2.94
C ASP B 166 4.91 -15.96 -1.80
N PHE B 167 3.64 -15.61 -1.98
CA PHE B 167 2.61 -15.82 -0.96
C PHE B 167 2.63 -17.26 -0.44
N ARG B 168 3.03 -18.20 -1.29
CA ARG B 168 3.07 -19.61 -0.93
C ARG B 168 4.05 -19.89 0.21
N GLU B 169 5.15 -19.14 0.35
CA GLU B 169 6.26 -19.57 1.20
C GLU B 169 6.82 -18.40 2.01
N GLN B 170 7.15 -18.69 3.28
CA GLN B 170 7.82 -17.71 4.10
C GLN B 170 9.16 -18.29 4.51
N ILE B 171 10.17 -17.44 4.55
CA ILE B 171 11.46 -17.75 5.14
C ILE B 171 11.73 -16.65 6.18
N ILE B 172 12.83 -16.77 6.94
CA ILE B 172 13.20 -15.70 7.85
C ILE B 172 14.60 -15.19 7.46
N ASP B 173 14.71 -13.85 7.46
CA ASP B 173 15.96 -13.14 7.36
C ASP B 173 15.97 -12.12 8.49
N LEU B 174 17.04 -11.31 8.54
CA LEU B 174 17.28 -10.36 9.62
C LEU B 174 16.10 -9.43 9.75
N GLY B 175 15.65 -8.89 8.61
CA GLY B 175 14.53 -7.96 8.58
C GLY B 175 13.22 -8.57 9.10
N SER B 176 12.80 -9.68 8.48
CA SER B 176 11.52 -10.28 8.82
C SER B 176 11.45 -10.53 10.33
N GLY B 177 12.58 -10.95 10.90
CA GLY B 177 12.65 -11.22 12.32
C GLY B 177 12.44 -9.98 13.16
N GLY B 178 13.08 -8.87 12.76
CA GLY B 178 12.91 -7.63 13.51
C GLY B 178 11.47 -7.11 13.42
N TYR B 179 10.88 -7.25 12.22
CA TYR B 179 9.53 -6.78 11.91
C TYR B 179 8.53 -7.56 12.78
N GLY B 180 8.68 -8.89 12.77
CA GLY B 180 7.86 -9.80 13.54
C GLY B 180 7.91 -9.44 15.03
N ALA B 181 9.13 -9.17 15.52
CA ALA B 181 9.31 -8.80 16.91
C ALA B 181 8.57 -7.50 17.28
N LEU B 182 8.74 -6.44 16.48
CA LEU B 182 8.05 -5.17 16.73
C LEU B 182 6.53 -5.35 16.60
N MET B 183 6.06 -6.17 15.66
CA MET B 183 4.63 -6.41 15.50
C MET B 183 4.12 -7.13 16.74
N ALA B 184 4.91 -8.08 17.28
CA ALA B 184 4.55 -8.72 18.53
C ALA B 184 4.42 -7.68 19.64
N TRP B 185 5.41 -6.80 19.80
CA TRP B 185 5.37 -5.94 20.97
C TRP B 185 4.16 -5.02 20.84
N VAL B 186 3.92 -4.48 19.64
CA VAL B 186 2.76 -3.65 19.35
C VAL B 186 1.45 -4.43 19.57
N HIS B 187 1.43 -5.70 19.20
CA HIS B 187 0.30 -6.56 19.55
C HIS B 187 0.14 -6.64 21.07
N TYR B 188 1.24 -6.91 21.79
CA TYR B 188 1.22 -7.11 23.23
C TYR B 188 0.73 -5.86 23.95
N PHE B 189 1.27 -4.70 23.61
CA PHE B 189 0.89 -3.45 24.26
C PHE B 189 -0.48 -2.93 23.84
N PHE B 190 -0.87 -3.16 22.58
CA PHE B 190 -1.94 -2.35 22.01
C PHE B 190 -3.17 -3.17 21.61
N ARG B 191 -3.18 -4.48 21.89
CA ARG B 191 -4.31 -5.30 21.50
C ARG B 191 -5.64 -4.68 21.95
N LYS B 192 -5.70 -4.11 23.16
CA LYS B 192 -6.98 -3.79 23.79
C LYS B 192 -7.59 -2.55 23.15
N PRO B 193 -6.85 -1.42 22.95
CA PRO B 193 -7.38 -0.30 22.17
C PRO B 193 -7.53 -0.56 20.67
N PHE B 194 -6.72 -1.48 20.12
CA PHE B 194 -6.92 -2.01 18.77
C PHE B 194 -8.22 -2.82 18.69
N ASP B 195 -8.53 -3.56 19.76
CA ASP B 195 -9.66 -4.48 19.72
C ASP B 195 -10.95 -3.67 19.92
N LYS B 196 -10.87 -2.55 20.63
CA LYS B 196 -12.04 -1.68 20.79
C LYS B 196 -12.42 -1.10 19.44
N ILE B 197 -11.43 -0.59 18.71
CA ILE B 197 -11.64 -0.01 17.39
C ILE B 197 -12.17 -1.09 16.43
N ASN B 198 -11.44 -2.21 16.26
CA ASN B 198 -11.90 -3.33 15.46
C ASN B 198 -11.04 -4.55 15.76
N PRO B 199 -11.58 -5.64 16.36
CA PRO B 199 -10.74 -6.80 16.70
C PRO B 199 -10.16 -7.57 15.51
N VAL B 200 -10.38 -7.14 14.26
CA VAL B 200 -9.83 -7.87 13.11
C VAL B 200 -8.35 -7.55 12.92
N VAL B 201 -7.93 -6.37 13.39
CA VAL B 201 -6.55 -5.93 13.22
C VAL B 201 -5.62 -6.80 14.07
N SER B 202 -5.93 -6.99 15.35
CA SER B 202 -5.09 -7.85 16.17
C SER B 202 -5.17 -9.30 15.69
N LEU B 203 -6.33 -9.75 15.22
CA LEU B 203 -6.46 -11.12 14.73
C LEU B 203 -5.50 -11.38 13.56
N GLN B 204 -5.44 -10.41 12.64
CA GLN B 204 -4.60 -10.53 11.46
C GLN B 204 -3.14 -10.53 11.91
N MET B 205 -2.80 -9.66 12.85
CA MET B 205 -1.45 -9.59 13.38
C MET B 205 -1.02 -10.97 13.91
N ARG B 206 -1.90 -11.70 14.60
CA ARG B 206 -1.49 -12.97 15.17
C ARG B 206 -1.33 -13.99 14.05
N LYS B 207 -2.12 -13.88 12.97
CA LYS B 207 -1.97 -14.77 11.81
C LYS B 207 -0.65 -14.52 11.08
N ALA B 208 -0.30 -13.26 10.89
CA ALA B 208 0.92 -12.87 10.21
C ALA B 208 2.13 -13.39 10.95
N ILE B 209 2.16 -13.19 12.27
CA ILE B 209 3.34 -13.55 13.05
C ILE B 209 3.49 -15.07 13.06
N LYS B 210 2.35 -15.76 13.11
CA LYS B 210 2.31 -17.21 13.07
C LYS B 210 2.98 -17.68 11.77
N GLU B 211 2.51 -17.14 10.64
CA GLU B 211 2.82 -17.69 9.32
C GLU B 211 4.18 -17.24 8.78
N ARG B 212 4.81 -16.26 9.43
CA ARG B 212 6.02 -15.64 8.92
C ARG B 212 7.19 -15.82 9.89
N ILE B 213 6.88 -16.01 11.18
CA ILE B 213 7.88 -16.35 12.17
C ILE B 213 7.64 -17.75 12.73
N LEU B 214 6.62 -17.88 13.61
CA LEU B 214 6.49 -19.07 14.47
C LEU B 214 6.51 -20.34 13.62
N ASP B 215 5.76 -20.36 12.52
CA ASP B 215 5.61 -21.60 11.77
C ASP B 215 6.87 -21.92 10.99
N PRO B 216 7.43 -21.02 10.16
CA PRO B 216 8.64 -21.37 9.42
C PRO B 216 9.76 -21.69 10.41
N TYR B 217 9.77 -21.05 11.59
CA TYR B 217 10.85 -21.28 12.55
C TYR B 217 10.80 -22.69 13.16
N MET B 218 9.64 -23.35 13.13
CA MET B 218 9.52 -24.69 13.69
C MET B 218 9.57 -25.71 12.56
N ASN B 219 9.05 -25.35 11.37
CA ASN B 219 8.81 -26.35 10.34
C ASN B 219 9.97 -26.41 9.33
N ASP B 220 10.85 -25.40 9.35
CA ASP B 220 11.94 -25.35 8.39
C ASP B 220 13.24 -25.52 9.18
N ASP B 221 14.01 -26.57 8.83
CA ASP B 221 15.28 -26.91 9.47
C ASP B 221 16.45 -26.26 8.76
N ASP B 222 16.24 -25.94 7.47
CA ASP B 222 17.32 -25.80 6.51
C ASP B 222 17.78 -24.35 6.37
N MET B 223 17.08 -23.40 7.01
CA MET B 223 17.53 -22.03 6.95
C MET B 223 19.00 -22.01 7.42
N TRP B 224 19.86 -21.30 6.68
CA TRP B 224 21.30 -21.49 6.84
C TRP B 224 21.80 -21.00 8.20
N TRP B 225 21.20 -19.91 8.70
CA TRP B 225 21.67 -19.19 9.88
C TRP B 225 21.30 -19.92 11.16
N MET B 226 20.40 -20.90 11.06
CA MET B 226 20.03 -21.71 12.20
C MET B 226 21.20 -22.61 12.59
N ALA B 227 21.91 -23.08 11.56
CA ALA B 227 23.17 -23.79 11.72
C ALA B 227 22.95 -25.22 12.22
N PHE B 228 21.72 -25.76 12.10
CA PHE B 228 21.54 -27.20 12.02
C PHE B 228 22.01 -27.61 10.63
N ASN B 229 22.76 -28.72 10.54
CA ASN B 229 23.41 -29.16 9.31
C ASN B 229 24.74 -28.44 9.07
N TRP B 230 25.32 -27.82 10.10
CA TRP B 230 26.60 -27.16 9.95
C TRP B 230 27.72 -28.20 9.90
N GLN B 231 28.60 -28.05 8.90
CA GLN B 231 29.83 -28.84 8.80
C GLN B 231 30.99 -27.88 8.59
N PRO B 232 32.18 -28.12 9.21
CA PRO B 232 33.31 -27.18 9.14
C PRO B 232 33.48 -26.51 7.77
N GLY B 233 33.96 -25.26 7.79
CA GLY B 233 34.14 -24.44 6.59
C GLY B 233 33.04 -23.38 6.44
N GLU B 234 31.79 -23.86 6.41
CA GLU B 234 30.59 -23.04 6.36
C GLU B 234 30.60 -21.99 7.48
N ILE B 235 29.97 -20.85 7.19
CA ILE B 235 29.99 -19.71 8.09
C ILE B 235 28.80 -19.80 9.05
N ILE B 236 29.05 -19.43 10.31
CA ILE B 236 28.02 -19.03 11.26
C ILE B 236 28.44 -17.66 11.78
N ASN B 237 27.50 -16.70 11.81
CA ASN B 237 27.85 -15.30 12.07
C ASN B 237 26.76 -14.62 12.90
N ASN B 238 26.62 -13.30 12.74
CA ASN B 238 25.73 -12.49 13.55
C ASN B 238 24.29 -12.82 13.23
N TRP B 239 24.02 -13.39 12.06
CA TRP B 239 22.65 -13.76 11.73
C TRP B 239 22.01 -14.58 12.85
N ASN B 240 22.81 -15.44 13.49
CA ASN B 240 22.33 -16.55 14.30
C ASN B 240 21.78 -16.04 15.64
N PRO B 241 22.57 -15.44 16.55
CA PRO B 241 22.00 -14.81 17.74
C PRO B 241 20.96 -13.73 17.45
N TRP B 242 21.07 -13.06 16.29
CA TRP B 242 20.15 -11.97 15.93
C TRP B 242 18.74 -12.51 15.64
N CYS B 243 18.61 -13.38 14.63
CA CYS B 243 17.35 -13.97 14.23
C CYS B 243 16.74 -14.76 15.39
N ASN B 244 17.58 -15.58 16.06
CA ASN B 244 17.13 -16.37 17.19
C ASN B 244 16.61 -15.46 18.29
N SER B 245 17.24 -14.29 18.49
CA SER B 245 16.83 -13.39 19.55
C SER B 245 15.41 -12.90 19.28
N ASN B 246 15.11 -12.73 17.97
CA ASN B 246 13.84 -12.14 17.55
C ASN B 246 12.77 -13.22 17.54
N ALA B 247 13.06 -14.36 16.88
CA ALA B 247 12.20 -15.53 16.96
C ALA B 247 11.74 -15.73 18.41
N LEU B 248 12.69 -15.76 19.36
CA LEU B 248 12.38 -16.08 20.74
C LEU B 248 11.38 -15.08 21.30
N GLN B 249 11.57 -13.78 21.02
CA GLN B 249 10.67 -12.75 21.52
C GLN B 249 9.24 -13.00 21.04
N CYS B 250 9.13 -13.43 19.77
CA CYS B 250 7.84 -13.65 19.15
C CYS B 250 7.14 -14.79 19.89
N PHE B 251 7.81 -15.95 19.91
CA PHE B 251 7.35 -17.11 20.65
C PHE B 251 7.02 -16.76 22.11
N LEU B 252 7.86 -15.96 22.77
CA LEU B 252 7.60 -15.62 24.17
C LEU B 252 6.38 -14.70 24.26
N LEU B 253 6.06 -13.96 23.20
CA LEU B 253 5.01 -12.96 23.30
C LEU B 253 3.68 -13.46 22.74
N MET B 254 3.76 -14.44 21.83
CA MET B 254 2.64 -14.80 20.98
C MET B 254 2.22 -16.26 21.20
N GLU B 255 3.11 -17.14 21.66
CA GLU B 255 2.80 -18.55 21.85
C GLU B 255 2.48 -18.82 23.32
N ASN B 256 1.26 -19.35 23.58
CA ASN B 256 0.74 -19.54 24.93
C ASN B 256 0.57 -21.02 25.29
N ASN B 257 0.75 -21.92 24.33
CA ASN B 257 0.71 -23.35 24.61
C ASN B 257 2.10 -23.78 25.09
N LYS B 258 2.13 -24.48 26.23
CA LYS B 258 3.33 -24.72 27.03
C LYS B 258 4.26 -25.72 26.36
N ASP B 259 3.73 -26.84 25.86
CA ASP B 259 4.54 -27.78 25.09
C ASP B 259 5.13 -27.10 23.86
N ARG B 260 4.34 -26.28 23.16
CA ARG B 260 4.80 -25.66 21.92
C ARG B 260 5.96 -24.72 22.22
N LEU B 261 5.78 -23.87 23.25
CA LEU B 261 6.77 -22.89 23.65
C LEU B 261 8.11 -23.53 23.94
N ALA B 262 8.07 -24.52 24.84
CA ALA B 262 9.24 -25.27 25.25
C ALA B 262 9.94 -25.87 24.05
N LYS B 263 9.18 -26.43 23.11
CA LYS B 263 9.80 -27.00 21.90
C LYS B 263 10.58 -25.91 21.14
N ALA B 264 10.02 -24.70 21.01
CA ALA B 264 10.64 -23.64 20.21
C ALA B 264 11.85 -23.05 20.93
N VAL B 265 11.68 -22.74 22.23
CA VAL B 265 12.75 -22.16 23.02
C VAL B 265 13.96 -23.09 23.07
N TYR B 266 13.71 -24.40 23.09
CA TYR B 266 14.79 -25.39 23.11
C TYR B 266 15.49 -25.41 21.76
N ARG B 267 14.69 -25.43 20.68
CA ARG B 267 15.21 -25.40 19.32
C ARG B 267 16.11 -24.17 19.15
N SER B 268 15.81 -23.06 19.85
CA SER B 268 16.58 -21.84 19.68
C SER B 268 17.93 -22.00 20.37
N MET B 269 17.92 -22.80 21.45
CA MET B 269 19.08 -23.03 22.29
C MET B 269 20.05 -23.98 21.59
N LYS B 270 19.50 -24.95 20.85
CA LYS B 270 20.29 -25.87 20.03
C LYS B 270 20.89 -25.15 18.82
N SER B 271 20.26 -24.04 18.41
CA SER B 271 20.74 -23.24 17.29
C SER B 271 21.80 -22.27 17.77
N VAL B 272 21.54 -21.57 18.88
CA VAL B 272 22.45 -20.55 19.38
C VAL B 272 23.66 -21.17 20.07
N ASP B 273 23.56 -22.43 20.50
CA ASP B 273 24.74 -23.20 20.90
C ASP B 273 25.67 -23.39 19.71
N LYS B 274 25.16 -23.43 18.48
CA LYS B 274 26.05 -23.63 17.35
C LYS B 274 26.91 -22.39 17.07
N PHE B 275 26.41 -21.21 17.46
CA PHE B 275 27.18 -19.99 17.34
C PHE B 275 28.25 -19.94 18.42
N ILE B 276 27.85 -20.33 19.64
CA ILE B 276 28.71 -20.33 20.81
C ILE B 276 29.90 -21.29 20.62
N ASN B 277 29.66 -22.43 19.94
CA ASN B 277 30.68 -23.44 19.67
C ASN B 277 31.54 -23.14 18.44
N PHE B 278 31.39 -21.95 17.86
CA PHE B 278 32.13 -21.58 16.66
C PHE B 278 33.02 -20.37 16.95
N VAL B 279 32.60 -19.50 17.87
CA VAL B 279 33.37 -18.31 18.22
C VAL B 279 34.39 -18.68 19.28
N LYS B 280 35.46 -17.90 19.33
CA LYS B 280 36.64 -18.21 20.12
C LYS B 280 36.33 -17.93 21.58
N SER B 281 36.93 -18.69 22.50
CA SER B 281 36.71 -18.47 23.91
C SER B 281 37.29 -17.12 24.37
N ASP B 282 38.45 -16.71 23.83
CA ASP B 282 39.11 -15.47 24.23
C ASP B 282 38.13 -14.30 24.06
N GLY B 283 37.20 -14.45 23.12
CA GLY B 283 36.03 -13.57 23.05
C GLY B 283 36.27 -12.30 22.24
N ALA B 284 37.27 -12.32 21.35
CA ALA B 284 37.44 -11.24 20.40
C ALA B 284 36.46 -11.49 19.25
N CYS B 285 35.81 -10.39 18.81
CA CYS B 285 35.09 -10.33 17.53
C CYS B 285 36.12 -10.00 16.44
N GLU B 286 36.45 -10.98 15.60
CA GLU B 286 37.59 -10.84 14.69
C GLU B 286 37.21 -10.07 13.42
N GLU B 287 36.00 -9.50 13.35
CA GLU B 287 35.59 -8.64 12.25
C GLU B 287 35.62 -7.18 12.66
N GLY B 288 35.71 -6.92 13.96
CA GLY B 288 35.93 -5.56 14.47
C GLY B 288 34.75 -5.04 15.28
N THR B 289 34.85 -3.77 15.70
CA THR B 289 33.97 -3.19 16.69
C THR B 289 32.66 -2.71 16.07
N SER B 290 32.63 -2.58 14.74
CA SER B 290 31.38 -2.25 14.07
C SER B 290 30.45 -3.47 14.06
N ALA B 291 31.00 -4.68 13.81
CA ALA B 291 30.23 -5.91 13.80
C ALA B 291 29.73 -6.33 15.19
N TRP B 292 30.24 -5.70 16.26
CA TRP B 292 30.15 -6.23 17.62
C TRP B 292 28.74 -6.14 18.16
N GLY B 293 28.06 -5.01 17.91
CA GLY B 293 26.75 -4.72 18.47
C GLY B 293 25.68 -5.69 17.96
N HIS B 294 25.91 -6.34 16.82
CA HIS B 294 24.94 -7.24 16.24
C HIS B 294 25.45 -8.68 16.24
N ALA B 295 26.70 -8.90 16.68
CA ALA B 295 27.21 -10.25 16.80
C ALA B 295 27.17 -10.63 18.28
N ALA B 296 28.11 -10.09 19.04
CA ALA B 296 28.18 -10.39 20.45
C ALA B 296 27.03 -9.67 21.18
N GLY B 297 26.67 -8.48 20.69
CA GLY B 297 25.58 -7.68 21.24
C GLY B 297 24.22 -8.37 21.11
N LYS B 298 24.06 -9.21 20.08
CA LYS B 298 22.82 -9.92 19.90
C LYS B 298 22.83 -11.26 20.64
N LEU B 299 24.00 -11.90 20.75
CA LEU B 299 24.14 -13.03 21.66
C LEU B 299 23.74 -12.59 23.07
N TYR B 300 24.14 -11.38 23.46
CA TYR B 300 23.75 -10.89 24.75
C TYR B 300 22.23 -10.76 24.82
N ASP B 301 21.61 -10.22 23.75
CA ASP B 301 20.18 -9.92 23.78
C ASP B 301 19.39 -11.23 23.86
N TYR B 302 19.84 -12.24 23.12
CA TYR B 302 19.24 -13.56 23.16
C TYR B 302 19.29 -14.13 24.58
N LEU B 303 20.43 -13.98 25.28
CA LEU B 303 20.61 -14.53 26.61
C LEU B 303 19.85 -13.69 27.63
N GLN B 304 19.64 -12.42 27.32
CA GLN B 304 18.84 -11.55 28.16
C GLN B 304 17.40 -12.04 28.14
N ILE B 305 16.89 -12.19 26.92
CA ILE B 305 15.50 -12.51 26.67
C ILE B 305 15.22 -13.90 27.24
N LEU B 306 16.17 -14.83 27.07
CA LEU B 306 16.05 -16.19 27.61
C LEU B 306 15.99 -16.16 29.14
N SER B 307 16.83 -15.34 29.78
CA SER B 307 16.83 -15.26 31.23
C SER B 307 15.53 -14.66 31.73
N ASP B 308 15.17 -13.48 31.22
CA ASP B 308 13.90 -12.85 31.56
C ASP B 308 12.78 -13.89 31.50
N GLY B 309 12.77 -14.72 30.44
CA GLY B 309 11.66 -15.63 30.17
C GLY B 309 11.79 -17.01 30.82
N THR B 310 12.77 -17.16 31.72
CA THR B 310 12.86 -18.30 32.62
C THR B 310 13.08 -17.79 34.05
N GLY B 311 12.73 -16.53 34.31
CA GLY B 311 12.85 -15.92 35.63
C GLY B 311 14.26 -15.95 36.20
N GLY B 312 15.28 -16.09 35.34
CA GLY B 312 16.66 -16.08 35.77
C GLY B 312 17.31 -17.46 35.65
N LYS B 313 16.49 -18.51 35.70
CA LYS B 313 16.99 -19.84 35.99
C LYS B 313 17.76 -20.45 34.81
N ILE B 314 17.50 -20.03 33.57
CA ILE B 314 18.43 -20.31 32.48
C ILE B 314 19.09 -19.01 32.03
N SER B 315 20.37 -18.87 32.40
CA SER B 315 21.15 -17.66 32.25
C SER B 315 22.60 -18.09 32.06
N LEU B 316 23.25 -17.61 30.99
CA LEU B 316 24.68 -17.78 30.82
C LEU B 316 25.37 -16.45 31.07
N LEU B 317 24.65 -15.51 31.70
CA LEU B 317 25.14 -14.13 31.74
C LEU B 317 26.30 -14.00 32.72
N ASN B 318 26.59 -15.06 33.47
CA ASN B 318 27.65 -15.09 34.46
C ASN B 318 28.86 -15.83 33.91
N GLU B 319 28.77 -16.35 32.67
CA GLU B 319 29.82 -17.17 32.08
C GLU B 319 31.02 -16.29 31.74
N PRO B 320 32.24 -16.73 32.10
CA PRO B 320 33.45 -15.95 31.83
C PRO B 320 33.62 -15.47 30.38
N MET B 321 33.19 -16.32 29.43
CA MET B 321 33.41 -16.09 28.02
C MET B 321 32.50 -14.96 27.48
N ILE B 322 31.34 -14.76 28.12
CA ILE B 322 30.37 -13.77 27.67
C ILE B 322 30.88 -12.39 28.07
N ARG B 323 31.46 -12.30 29.26
CA ARG B 323 32.06 -11.07 29.74
C ARG B 323 33.28 -10.65 28.90
N ARG B 324 34.03 -11.63 28.36
CA ARG B 324 35.16 -11.36 27.48
C ARG B 324 34.69 -10.80 26.15
N MET B 325 33.62 -11.41 25.62
CA MET B 325 32.99 -11.02 24.37
C MET B 325 32.44 -9.60 24.48
N GLY B 326 31.93 -9.26 25.65
CA GLY B 326 31.49 -7.91 25.95
C GLY B 326 32.65 -6.92 26.04
N GLU B 327 33.72 -7.29 26.76
CA GLU B 327 34.76 -6.33 27.07
C GLU B 327 35.61 -6.00 25.84
N TYR B 328 35.57 -6.84 24.80
CA TYR B 328 36.23 -6.56 23.51
C TYR B 328 35.86 -5.17 22.95
N MET B 329 34.65 -4.71 23.23
CA MET B 329 34.19 -3.45 22.70
C MET B 329 34.92 -2.30 23.38
N SER B 330 35.15 -2.42 24.70
CA SER B 330 35.96 -1.47 25.47
C SER B 330 37.44 -1.57 25.09
N ARG B 331 37.97 -2.79 25.02
CA ARG B 331 39.39 -2.99 24.78
C ARG B 331 39.78 -2.39 23.43
N SER B 332 38.92 -2.57 22.41
CA SER B 332 39.28 -2.26 21.03
C SER B 332 39.10 -0.76 20.76
N TYR B 333 38.51 -0.02 21.71
CA TYR B 333 38.26 1.40 21.53
C TYR B 333 39.40 2.26 22.10
N VAL B 334 40.21 2.83 21.20
CA VAL B 334 41.36 3.59 21.64
C VAL B 334 40.91 4.94 22.18
N GLY B 335 40.15 5.71 21.39
CA GLY B 335 39.65 7.02 21.82
C GLY B 335 39.28 7.93 20.64
N ASN B 336 38.51 8.99 20.92
CA ASN B 336 38.07 9.95 19.91
C ASN B 336 37.66 9.25 18.60
N GLY B 337 36.88 8.17 18.72
CA GLY B 337 36.31 7.49 17.57
C GLY B 337 37.25 6.49 16.93
N TRP B 338 38.52 6.47 17.40
CA TRP B 338 39.55 5.61 16.84
C TRP B 338 39.51 4.21 17.47
N VAL B 339 39.40 3.19 16.61
CA VAL B 339 39.23 1.82 17.04
C VAL B 339 40.30 0.98 16.36
N VAL B 340 40.68 -0.13 17.00
CA VAL B 340 41.59 -1.08 16.39
C VAL B 340 40.88 -1.76 15.24
N ASN B 341 41.42 -1.62 14.02
CA ASN B 341 40.68 -1.92 12.82
C ASN B 341 41.48 -2.90 11.97
N PHE B 342 41.62 -4.12 12.49
CA PHE B 342 42.19 -5.22 11.73
C PHE B 342 41.19 -5.73 10.69
N ALA B 343 41.71 -6.39 9.66
CA ALA B 343 40.88 -6.95 8.60
C ALA B 343 40.15 -5.80 7.89
N ASP B 344 39.03 -6.11 7.24
CA ASP B 344 38.33 -5.12 6.43
C ASP B 344 37.38 -4.33 7.33
N ALA B 345 37.91 -3.36 8.06
CA ALA B 345 37.10 -2.62 9.01
C ALA B 345 37.49 -1.15 8.94
N SER B 346 36.72 -0.31 9.64
CA SER B 346 36.94 1.13 9.65
C SER B 346 37.76 1.53 10.87
N ALA B 347 38.64 2.51 10.70
CA ALA B 347 39.50 2.99 11.77
C ALA B 347 38.69 3.85 12.75
N GLN B 348 37.60 4.41 12.20
CA GLN B 348 36.58 5.11 12.97
C GLN B 348 35.45 4.13 13.24
N GLY B 349 34.78 4.36 14.37
CA GLY B 349 33.75 3.47 14.85
C GLY B 349 33.26 3.95 16.20
N GLY B 350 32.39 3.16 16.80
CA GLY B 350 31.78 3.57 18.05
C GLY B 350 30.85 2.48 18.56
N GLY B 351 29.87 2.89 19.34
CA GLY B 351 29.01 1.91 19.96
C GLY B 351 27.72 2.55 20.44
N ASP B 352 26.75 1.68 20.72
CA ASP B 352 25.53 2.09 21.38
C ASP B 352 25.88 2.15 22.87
N PRO B 353 26.11 3.32 23.50
CA PRO B 353 26.44 3.36 24.92
C PRO B 353 25.38 2.58 25.68
N LEU B 354 24.12 2.83 25.32
CA LEU B 354 23.01 2.24 26.08
C LEU B 354 23.05 0.72 26.05
N LEU B 355 23.53 0.10 24.96
CA LEU B 355 23.67 -1.35 24.89
C LEU B 355 24.87 -1.82 25.70
N ILE B 356 26.01 -1.19 25.47
CA ILE B 356 27.25 -1.47 26.17
C ILE B 356 27.00 -1.45 27.68
N TYR B 357 26.30 -0.42 28.14
CA TYR B 357 25.98 -0.30 29.55
C TYR B 357 25.15 -1.49 30.02
N ARG B 358 24.13 -1.89 29.25
CA ARG B 358 23.22 -2.95 29.64
C ARG B 358 23.96 -4.28 29.60
N PHE B 359 24.80 -4.42 28.57
CA PHE B 359 25.60 -5.62 28.42
C PHE B 359 26.51 -5.68 29.65
N GLY B 360 27.22 -4.58 29.95
CA GLY B 360 28.07 -4.52 31.13
C GLY B 360 27.35 -4.99 32.40
N LYS B 361 26.38 -4.20 32.87
CA LYS B 361 25.59 -4.46 34.07
C LYS B 361 25.20 -5.94 34.19
N ALA B 362 24.65 -6.53 33.13
CA ALA B 362 24.16 -7.90 33.10
C ALA B 362 25.26 -8.91 33.43
N VAL B 363 26.45 -8.74 32.85
CA VAL B 363 27.61 -9.60 33.09
C VAL B 363 28.47 -9.04 34.22
N ASN B 364 28.08 -7.88 34.79
CA ASN B 364 28.75 -7.26 35.93
C ASN B 364 30.17 -6.78 35.61
N SER B 365 30.35 -6.11 34.46
CA SER B 365 31.61 -5.47 34.10
C SER B 365 31.54 -4.00 34.46
N ASN B 366 32.29 -3.57 35.50
CA ASN B 366 32.35 -2.16 35.85
C ASN B 366 33.07 -1.40 34.73
N GLU B 367 33.94 -2.13 34.00
CA GLU B 367 34.68 -1.54 32.91
C GLU B 367 33.72 -1.24 31.76
N MET B 368 32.82 -2.18 31.46
CA MET B 368 31.86 -1.97 30.40
C MET B 368 30.92 -0.81 30.76
N MET B 369 30.58 -0.70 32.05
CA MET B 369 29.54 0.24 32.49
C MET B 369 30.06 1.67 32.48
N HIS B 370 31.26 1.87 33.06
CA HIS B 370 31.93 3.17 33.04
C HIS B 370 32.32 3.54 31.61
N PHE B 371 32.71 2.55 30.79
CA PHE B 371 33.10 2.83 29.41
C PHE B 371 31.96 3.46 28.62
N ALA B 372 30.75 2.92 28.80
CA ALA B 372 29.57 3.42 28.10
C ALA B 372 29.27 4.85 28.54
N ALA B 373 29.42 5.15 29.83
CA ALA B 373 29.23 6.51 30.29
C ALA B 373 30.28 7.45 29.67
N TYR B 374 31.53 6.97 29.52
CA TYR B 374 32.60 7.72 28.87
C TYR B 374 32.21 8.00 27.41
N LEU B 375 31.59 7.01 26.76
CA LEU B 375 31.24 7.06 25.35
C LEU B 375 30.17 8.11 25.10
N LEU B 376 29.34 8.42 26.13
CA LEU B 376 28.32 9.46 26.04
C LEU B 376 28.97 10.81 25.77
N ASN B 377 30.19 11.01 26.30
CA ASN B 377 30.98 12.18 25.99
C ASN B 377 30.29 13.40 26.56
N GLY B 378 29.75 13.26 27.78
CA GLY B 378 29.06 14.36 28.47
C GLY B 378 27.64 14.63 27.98
N ARG B 379 27.12 13.80 27.06
CA ARG B 379 25.73 13.91 26.62
C ARG B 379 24.81 13.24 27.63
N LYS B 380 23.54 13.68 27.70
CA LYS B 380 22.51 12.94 28.44
C LYS B 380 22.04 11.78 27.56
N PRO B 381 21.86 10.55 28.10
CA PRO B 381 21.48 9.39 27.31
C PRO B 381 19.98 9.45 27.11
N TYR B 382 19.55 9.23 25.87
CA TYR B 382 18.13 9.17 25.57
C TYR B 382 17.84 7.82 24.94
N ALA B 383 16.55 7.53 24.79
CA ALA B 383 16.08 6.22 24.38
C ALA B 383 16.53 5.95 22.95
N THR B 384 16.95 4.70 22.72
CA THR B 384 17.32 4.20 21.39
C THR B 384 16.07 4.25 20.51
N MET B 385 16.19 4.88 19.33
CA MET B 385 15.09 5.00 18.39
C MET B 385 15.21 3.84 17.39
N GLY B 386 15.52 4.12 16.11
CA GLY B 386 15.83 3.04 15.21
C GLY B 386 14.64 2.10 15.03
N ASN B 387 14.91 0.80 14.90
CA ASN B 387 13.86 -0.14 14.54
C ASN B 387 13.90 -1.45 15.33
N ASP B 388 14.81 -1.60 16.31
CA ASP B 388 14.92 -2.82 17.11
C ASP B 388 14.09 -2.67 18.38
N ALA B 389 12.83 -3.09 18.36
CA ALA B 389 11.92 -2.70 19.43
C ALA B 389 12.50 -3.09 20.78
N PHE B 390 13.14 -4.25 20.84
CA PHE B 390 13.68 -4.76 22.09
C PHE B 390 14.63 -3.71 22.64
N ARG B 391 15.62 -3.34 21.82
CA ARG B 391 16.66 -2.43 22.27
C ARG B 391 16.02 -1.11 22.68
N SER B 392 15.06 -0.64 21.91
CA SER B 392 14.39 0.61 22.27
C SER B 392 13.69 0.50 23.62
N LEU B 393 13.08 -0.66 23.89
CA LEU B 393 12.40 -0.86 25.16
C LEU B 393 13.42 -0.98 26.29
N GLN B 394 14.47 -1.78 26.07
CA GLN B 394 15.50 -2.02 27.07
C GLN B 394 16.26 -0.73 27.37
N SER B 395 16.28 0.20 26.40
CA SER B 395 16.96 1.47 26.57
C SER B 395 16.22 2.37 27.55
N LEU B 396 14.94 2.10 27.82
CA LEU B 396 14.16 2.94 28.72
C LEU B 396 14.46 2.52 30.16
N LEU B 397 14.53 1.21 30.39
CA LEU B 397 15.00 0.64 31.66
C LEU B 397 16.30 1.28 32.12
N CYS B 398 17.33 1.24 31.27
CA CYS B 398 18.69 1.57 31.67
C CYS B 398 18.88 3.06 31.94
N CYS B 399 18.03 3.93 31.37
CA CYS B 399 18.37 5.35 31.20
C CYS B 399 18.83 6.05 32.48
N ASN B 400 18.07 5.90 33.56
CA ASN B 400 18.29 6.69 34.76
C ASN B 400 19.44 6.10 35.59
N ASP B 401 19.92 4.91 35.19
CA ASP B 401 21.11 4.29 35.77
C ASP B 401 22.36 4.85 35.09
N LEU B 402 22.39 4.76 33.75
CA LEU B 402 23.54 5.19 32.97
C LEU B 402 23.71 6.71 33.04
N ALA B 403 22.59 7.44 33.23
CA ALA B 403 22.66 8.89 33.37
C ALA B 403 23.46 9.28 34.61
N LYS B 404 23.52 8.38 35.60
CA LYS B 404 24.08 8.65 36.91
C LYS B 404 25.44 7.97 37.11
N GLU B 405 25.80 7.08 36.17
CA GLU B 405 27.10 6.41 36.12
C GLU B 405 28.17 7.37 35.64
N THR B 406 29.41 7.10 36.08
CA THR B 406 30.49 8.07 36.03
C THR B 406 31.42 7.69 34.89
N PRO B 407 31.91 8.68 34.09
CA PRO B 407 32.62 8.41 32.83
C PRO B 407 34.11 8.15 32.96
N LYS B 408 34.52 6.91 32.67
CA LYS B 408 35.93 6.57 32.73
C LYS B 408 36.21 5.40 31.78
N HIS B 409 37.30 5.53 31.02
CA HIS B 409 37.82 4.43 30.23
C HIS B 409 39.18 3.99 30.77
N ASP B 410 39.17 3.23 31.87
CA ASP B 410 40.39 2.65 32.42
C ASP B 410 40.43 1.21 31.92
N MET B 411 41.65 0.68 31.67
CA MET B 411 41.83 -0.72 31.27
C MET B 411 43.28 -1.15 31.44
N PRO B 412 43.56 -2.48 31.55
CA PRO B 412 44.91 -2.98 31.74
C PRO B 412 45.86 -2.58 30.62
N ASP B 413 47.16 -2.60 30.92
CA ASP B 413 48.17 -2.15 29.97
C ASP B 413 48.23 -3.15 28.83
N VAL B 414 47.82 -4.39 29.10
CA VAL B 414 47.86 -5.43 28.09
C VAL B 414 46.54 -6.15 28.03
N THR B 415 46.10 -6.45 26.81
CA THR B 415 45.03 -7.40 26.55
C THR B 415 45.58 -8.42 25.56
N TRP B 416 45.42 -9.72 25.83
CA TRP B 416 45.98 -10.73 24.95
C TRP B 416 44.97 -11.83 24.65
N TYR B 417 44.42 -11.79 23.42
CA TYR B 417 43.50 -12.78 22.89
C TYR B 417 44.30 -13.90 22.23
N PRO B 418 44.63 -15.01 22.95
CA PRO B 418 45.59 -15.99 22.46
C PRO B 418 45.16 -16.85 21.29
N GLU B 419 43.85 -17.07 21.13
CA GLU B 419 43.34 -17.88 20.02
C GLU B 419 43.16 -17.01 18.77
N THR B 420 42.42 -15.89 18.90
CA THR B 420 42.23 -14.94 17.83
C THR B 420 43.59 -14.35 17.42
N GLU B 421 44.47 -14.18 18.42
CA GLU B 421 45.87 -13.77 18.27
C GLU B 421 45.95 -12.26 18.07
N PHE B 422 45.14 -11.54 18.84
CA PHE B 422 45.15 -10.09 18.88
C PHE B 422 45.81 -9.67 20.19
N CYS B 423 46.63 -8.61 20.15
CA CYS B 423 47.37 -8.13 21.31
C CYS B 423 47.31 -6.62 21.35
N TYR B 424 46.70 -6.06 22.38
CA TYR B 424 46.74 -4.62 22.61
C TYR B 424 47.70 -4.31 23.76
N MET B 425 48.60 -3.34 23.60
CA MET B 425 49.49 -2.91 24.68
C MET B 425 49.56 -1.37 24.73
N LYS B 426 49.50 -0.79 25.95
CA LYS B 426 49.63 0.65 26.11
C LYS B 426 50.55 1.02 27.29
N ASN B 427 50.89 2.31 27.38
CA ASN B 427 51.74 2.85 28.42
C ASN B 427 51.09 4.13 28.91
N LYS B 428 51.63 4.74 29.96
CA LYS B 428 50.96 5.86 30.61
C LYS B 428 51.17 7.17 29.83
N ASN B 429 52.00 7.18 28.79
CA ASN B 429 52.27 8.39 28.03
C ASN B 429 51.57 8.36 26.67
N GLY B 430 50.47 7.58 26.55
CA GLY B 430 49.51 7.75 25.48
C GLY B 430 49.77 6.83 24.28
N MET B 431 50.80 5.97 24.38
CA MET B 431 51.05 5.04 23.29
C MET B 431 50.19 3.80 23.47
N PHE B 432 49.53 3.41 22.38
CA PHE B 432 48.72 2.22 22.30
C PHE B 432 49.21 1.44 21.08
N VAL B 433 49.46 0.13 21.25
CA VAL B 433 49.91 -0.72 20.16
C VAL B 433 48.97 -1.91 20.03
N ALA B 434 48.44 -2.11 18.84
CA ALA B 434 47.80 -3.36 18.50
C ALA B 434 48.68 -4.16 17.55
N ALA B 435 48.66 -5.47 17.78
CA ALA B 435 49.50 -6.41 17.08
C ALA B 435 48.67 -7.66 16.89
N LYS B 436 48.95 -8.42 15.83
CA LYS B 436 48.20 -9.63 15.57
C LYS B 436 49.09 -10.65 14.90
N GLY B 437 48.77 -11.92 15.16
CA GLY B 437 49.24 -13.04 14.37
C GLY B 437 48.15 -13.46 13.38
N GLY B 438 47.54 -14.63 13.66
CA GLY B 438 46.43 -15.13 12.88
C GLY B 438 46.86 -15.81 11.57
N PHE B 439 45.92 -15.80 10.61
CA PHE B 439 45.99 -16.55 9.37
C PHE B 439 45.29 -15.77 8.26
N ASN B 440 45.73 -16.00 7.02
CA ASN B 440 45.30 -15.25 5.85
C ASN B 440 44.02 -15.87 5.25
N ASN B 441 43.03 -16.05 6.12
CA ASN B 441 41.65 -16.32 5.72
C ASN B 441 40.76 -16.04 6.92
N GLU B 442 41.12 -15.01 7.70
CA GLU B 442 40.27 -14.50 8.76
C GLU B 442 38.97 -13.97 8.13
N SER B 443 37.92 -13.82 8.95
CA SER B 443 36.73 -13.13 8.51
C SER B 443 37.12 -11.78 7.93
N HIS B 444 36.59 -11.49 6.73
CA HIS B 444 36.84 -10.23 6.01
C HIS B 444 38.35 -10.00 5.93
N ASN B 445 39.04 -11.05 5.50
CA ASN B 445 40.48 -11.18 5.62
C ASN B 445 41.20 -9.93 5.10
N HIS B 446 42.31 -9.57 5.75
CA HIS B 446 43.38 -8.82 5.11
C HIS B 446 44.64 -9.67 5.20
N ASN B 447 45.56 -9.53 4.26
CA ASN B 447 46.81 -10.26 4.34
C ASN B 447 47.75 -9.49 5.26
N ASP B 448 47.70 -9.79 6.56
CA ASP B 448 48.28 -8.90 7.56
C ASP B 448 48.79 -9.65 8.80
N VAL B 449 49.31 -10.87 8.61
CA VAL B 449 49.83 -11.64 9.72
C VAL B 449 51.07 -10.95 10.27
N GLY B 450 51.07 -10.63 11.57
CA GLY B 450 52.19 -9.97 12.20
C GLY B 450 52.09 -8.43 12.23
N THR B 451 51.06 -7.84 11.60
CA THR B 451 51.02 -6.39 11.43
C THR B 451 50.88 -5.75 12.79
N PHE B 452 51.15 -4.43 12.86
CA PHE B 452 50.81 -3.62 14.01
C PHE B 452 50.24 -2.26 13.58
N SER B 453 49.62 -1.58 14.55
CA SER B 453 49.06 -0.24 14.46
C SER B 453 49.52 0.51 15.71
N LEU B 454 50.00 1.75 15.57
CA LEU B 454 50.37 2.55 16.73
C LEU B 454 49.55 3.83 16.84
N TYR B 455 48.90 4.02 17.99
CA TYR B 455 48.15 5.23 18.29
C TYR B 455 48.94 6.04 19.33
N VAL B 456 48.87 7.37 19.23
CA VAL B 456 49.48 8.25 20.20
C VAL B 456 48.39 9.22 20.62
N ASN B 457 48.01 9.17 21.90
CA ASN B 457 46.92 9.95 22.48
C ASN B 457 45.67 9.80 21.61
N THR B 458 45.40 8.55 21.21
CA THR B 458 44.21 8.15 20.45
C THR B 458 44.49 8.25 18.94
N ILE B 459 45.45 9.09 18.55
CA ILE B 459 45.58 9.40 17.15
C ILE B 459 46.48 8.36 16.47
N PRO B 460 46.02 7.70 15.37
CA PRO B 460 46.86 6.80 14.58
C PRO B 460 48.11 7.49 14.08
N VAL B 461 49.23 6.79 14.17
CA VAL B 461 50.50 7.32 13.69
C VAL B 461 51.11 6.31 12.71
N ILE B 462 51.11 5.03 13.08
CA ILE B 462 51.30 3.97 12.10
C ILE B 462 49.94 3.28 11.96
N LEU B 463 49.34 3.32 10.77
CA LEU B 463 47.93 3.02 10.66
C LEU B 463 47.64 1.75 9.86
N ASP B 464 46.42 1.24 10.06
CA ASP B 464 45.86 0.20 9.22
C ASP B 464 44.74 0.84 8.38
N ALA B 465 44.87 0.79 7.05
CA ALA B 465 44.04 1.58 6.15
C ALA B 465 42.55 1.36 6.41
N GLY B 466 42.13 0.10 6.28
CA GLY B 466 40.78 -0.29 6.63
C GLY B 466 39.95 -0.58 5.38
N VAL B 467 38.67 -0.17 5.47
CA VAL B 467 37.64 -0.68 4.59
C VAL B 467 37.33 0.34 3.50
N GLY B 468 37.46 -0.11 2.23
CA GLY B 468 36.95 0.56 1.03
C GLY B 468 35.57 0.04 0.63
N THR B 469 34.82 0.85 -0.14
CA THR B 469 33.39 0.67 -0.37
C THR B 469 33.08 -0.73 -0.91
N TYR B 480 42.29 -9.36 -3.54
CA TYR B 480 43.64 -8.97 -3.04
C TYR B 480 44.40 -8.15 -4.08
N THR B 481 43.71 -7.78 -5.17
CA THR B 481 44.20 -6.77 -6.09
C THR B 481 43.71 -5.40 -5.62
N ILE B 482 42.82 -5.37 -4.61
CA ILE B 482 42.54 -4.14 -3.88
C ILE B 482 43.67 -3.90 -2.90
N TRP B 483 44.24 -2.69 -2.91
CA TRP B 483 45.50 -2.44 -2.23
C TRP B 483 45.32 -2.59 -0.71
N THR B 484 44.16 -2.21 -0.18
CA THR B 484 43.96 -2.22 1.26
C THR B 484 44.08 -3.64 1.79
N MET B 485 44.00 -4.64 0.90
CA MET B 485 43.90 -6.03 1.29
C MET B 485 45.30 -6.65 1.41
N GLN B 486 46.29 -6.03 0.76
CA GLN B 486 47.62 -6.60 0.59
C GLN B 486 48.50 -6.30 1.81
N SER B 487 49.50 -7.19 2.02
CA SER B 487 50.53 -7.04 3.04
C SER B 487 51.40 -5.85 2.69
N ASN B 488 51.48 -5.60 1.38
CA ASN B 488 52.22 -4.47 0.82
C ASN B 488 51.80 -3.18 1.54
N TYR B 489 50.51 -3.07 1.92
CA TYR B 489 49.99 -1.87 2.55
C TYR B 489 49.52 -2.18 3.97
N HIS B 490 50.31 -3.06 4.62
CA HIS B 490 50.28 -3.23 6.06
C HIS B 490 51.71 -3.04 6.57
N ASN B 491 51.82 -3.03 7.91
CA ASN B 491 53.07 -2.72 8.58
C ASN B 491 53.88 -4.00 8.71
N LEU B 492 54.59 -4.35 7.62
CA LEU B 492 55.14 -5.68 7.44
C LEU B 492 56.24 -5.66 6.40
N PRO B 493 57.11 -6.69 6.39
CA PRO B 493 58.13 -6.82 5.36
C PRO B 493 57.64 -7.58 4.14
N MET B 494 58.38 -7.32 3.06
CA MET B 494 58.33 -8.08 1.82
C MET B 494 59.62 -8.90 1.79
N ILE B 495 59.48 -10.21 2.02
CA ILE B 495 60.61 -11.09 2.27
C ILE B 495 61.09 -11.61 0.91
N ASN B 496 62.38 -11.41 0.64
CA ASN B 496 62.99 -11.53 -0.68
C ASN B 496 62.16 -10.76 -1.72
N GLY B 497 61.47 -9.69 -1.28
CA GLY B 497 60.69 -8.82 -2.14
C GLY B 497 59.26 -9.30 -2.36
N ILE B 498 58.86 -10.37 -1.69
CA ILE B 498 57.62 -11.05 -2.03
C ILE B 498 56.61 -10.86 -0.91
N PRO B 499 55.34 -10.48 -1.23
CA PRO B 499 54.32 -10.22 -0.21
C PRO B 499 53.74 -11.48 0.42
N GLN B 500 52.73 -11.29 1.29
CA GLN B 500 51.97 -12.40 1.85
C GLN B 500 50.94 -12.87 0.84
N LYS B 501 50.74 -14.21 0.79
CA LYS B 501 49.71 -14.84 -0.01
C LYS B 501 48.45 -15.02 0.84
N TYR B 502 47.28 -15.02 0.17
CA TYR B 502 46.02 -15.34 0.81
C TYR B 502 45.97 -16.85 1.09
N GLY B 503 45.18 -17.27 2.11
CA GLY B 503 44.94 -18.68 2.38
C GLY B 503 44.86 -19.06 3.86
N GLN B 504 44.26 -20.23 4.13
CA GLN B 504 44.13 -20.79 5.47
C GLN B 504 45.52 -21.15 6.02
N GLU B 505 46.36 -21.74 5.17
CA GLU B 505 47.62 -22.31 5.62
C GLU B 505 48.76 -21.30 5.45
N TYR B 506 48.43 -20.01 5.33
CA TYR B 506 49.40 -18.93 5.35
C TYR B 506 49.23 -18.18 6.66
N LYS B 507 50.10 -18.51 7.62
CA LYS B 507 49.75 -18.34 9.02
C LYS B 507 50.97 -17.99 9.85
N ALA B 508 50.69 -17.39 11.00
CA ALA B 508 51.66 -17.20 12.06
C ALA B 508 52.01 -18.56 12.64
N THR B 509 53.27 -18.74 13.05
CA THR B 509 53.57 -19.77 14.03
C THR B 509 54.11 -19.12 15.30
N ASN B 510 53.79 -19.76 16.44
CA ASN B 510 54.46 -19.49 17.69
C ASN B 510 54.20 -18.04 18.12
N THR B 511 52.99 -17.55 17.94
CA THR B 511 52.65 -16.25 18.50
C THR B 511 52.75 -16.33 20.03
N THR B 512 53.49 -15.40 20.65
CA THR B 512 53.57 -15.29 22.11
C THR B 512 53.39 -13.84 22.57
N CYS B 513 52.84 -13.68 23.78
CA CYS B 513 52.72 -12.40 24.45
C CYS B 513 53.22 -12.52 25.88
N ASN B 514 54.11 -11.62 26.30
CA ASN B 514 54.52 -11.48 27.67
C ASN B 514 53.79 -10.26 28.24
N GLU B 515 52.91 -10.49 29.23
CA GLU B 515 51.94 -9.48 29.62
C GLU B 515 52.56 -8.44 30.56
N LYS B 516 53.65 -8.79 31.26
CA LYS B 516 54.29 -7.88 32.22
C LYS B 516 55.36 -7.05 31.55
N LYS B 517 56.05 -7.66 30.56
CA LYS B 517 57.11 -6.99 29.82
C LYS B 517 56.53 -6.11 28.71
N ARG B 518 55.33 -6.45 28.21
CA ARG B 518 54.70 -5.78 27.07
C ARG B 518 55.43 -6.15 25.77
N VAL B 519 55.72 -7.46 25.60
CA VAL B 519 56.36 -7.99 24.42
C VAL B 519 55.37 -8.88 23.71
N PHE B 520 55.04 -8.50 22.46
CA PHE B 520 54.41 -9.38 21.49
C PHE B 520 55.49 -9.98 20.59
N SER B 521 55.26 -11.19 20.10
CA SER B 521 56.18 -11.81 19.14
C SER B 521 55.47 -12.89 18.35
N THR B 522 55.86 -13.03 17.07
CA THR B 522 55.40 -14.12 16.24
C THR B 522 56.35 -14.35 15.08
N ASP B 523 56.23 -15.53 14.47
CA ASP B 523 57.00 -15.96 13.32
C ASP B 523 56.10 -15.98 12.08
N ILE B 524 56.34 -15.04 11.17
CA ILE B 524 55.35 -14.73 10.15
C ILE B 524 55.66 -15.53 8.89
N ALA B 525 56.71 -16.37 8.98
CA ALA B 525 57.38 -16.93 7.82
C ALA B 525 56.41 -17.64 6.87
N ALA B 526 55.47 -18.39 7.44
CA ALA B 526 54.61 -19.31 6.70
C ALA B 526 53.40 -18.58 6.11
N ALA B 527 53.25 -17.30 6.44
CA ALA B 527 52.35 -16.41 5.74
C ALA B 527 52.88 -16.10 4.34
N TYR B 528 54.11 -16.49 4.01
CA TYR B 528 54.71 -16.12 2.75
C TYR B 528 54.85 -17.36 1.85
N PRO B 529 54.80 -17.20 0.53
CA PRO B 529 54.80 -18.34 -0.38
C PRO B 529 56.22 -18.86 -0.51
N SER B 530 56.35 -20.01 -1.20
CA SER B 530 57.61 -20.71 -1.41
C SER B 530 58.71 -19.79 -1.91
N GLU B 531 58.46 -19.03 -2.98
CA GLU B 531 59.46 -18.13 -3.54
C GLU B 531 60.03 -17.15 -2.51
N ALA B 532 59.34 -16.94 -1.38
CA ALA B 532 59.89 -16.17 -0.29
C ALA B 532 61.16 -16.85 0.20
N LYS B 533 61.14 -18.19 0.29
CA LYS B 533 62.30 -18.97 0.69
C LYS B 533 62.81 -18.46 2.03
N VAL B 534 62.06 -18.79 3.08
CA VAL B 534 62.26 -18.24 4.42
C VAL B 534 61.94 -19.32 5.45
N LYS B 535 62.92 -19.65 6.32
CA LYS B 535 62.71 -20.66 7.34
C LYS B 535 62.01 -19.97 8.51
N ASN B 536 62.61 -18.86 8.96
CA ASN B 536 62.07 -18.09 10.07
C ASN B 536 62.14 -16.61 9.74
N TRP B 537 61.05 -15.91 10.06
CA TRP B 537 61.08 -14.46 10.16
C TRP B 537 60.32 -14.04 11.42
N ILE B 538 61.05 -13.64 12.45
CA ILE B 538 60.39 -13.29 13.69
C ILE B 538 60.21 -11.78 13.75
N ARG B 539 58.95 -11.36 13.77
CA ARG B 539 58.55 -9.98 13.99
C ARG B 539 58.22 -9.82 15.47
N SER B 540 58.73 -8.77 16.11
CA SER B 540 58.45 -8.61 17.52
C SER B 540 58.26 -7.13 17.88
N TYR B 541 57.34 -6.90 18.85
CA TYR B 541 56.94 -5.58 19.33
C TYR B 541 57.13 -5.49 20.85
N THR B 542 57.83 -4.45 21.32
CA THR B 542 58.10 -4.24 22.73
C THR B 542 57.82 -2.79 23.06
N LEU B 543 56.75 -2.58 23.83
CA LEU B 543 56.37 -1.27 24.36
C LEU B 543 56.87 -1.04 25.78
N ASP B 544 57.76 -0.06 25.93
CA ASP B 544 58.15 0.44 27.24
C ASP B 544 57.55 1.82 27.37
N ASP B 545 57.84 2.53 28.47
CA ASP B 545 57.07 3.72 28.85
C ASP B 545 57.31 4.90 27.90
N ARG B 546 58.30 4.79 27.00
CA ARG B 546 58.77 5.93 26.24
C ARG B 546 58.97 5.59 24.76
N LYS B 547 59.06 4.30 24.39
CA LYS B 547 59.22 3.97 22.98
C LYS B 547 58.69 2.57 22.69
N LEU B 548 58.56 2.29 21.38
CA LEU B 548 58.11 1.03 20.84
C LEU B 548 59.25 0.47 19.99
N THR B 549 59.66 -0.77 20.25
CA THR B 549 60.81 -1.31 19.52
C THR B 549 60.33 -2.47 18.64
N ILE B 550 60.37 -2.24 17.32
CA ILE B 550 60.02 -3.25 16.35
C ILE B 550 61.28 -3.96 15.84
N THR B 551 61.29 -5.29 15.97
CA THR B 551 62.41 -6.07 15.46
C THR B 551 61.89 -7.09 14.47
N ASP B 552 62.70 -7.31 13.45
CA ASP B 552 62.60 -8.43 12.57
C ASP B 552 63.88 -9.19 12.76
N SER B 553 63.77 -10.52 12.62
CA SER B 553 64.89 -11.42 12.78
C SER B 553 64.65 -12.65 11.91
N TYR B 554 65.52 -12.85 10.91
CA TYR B 554 65.18 -13.73 9.79
C TYR B 554 66.32 -14.69 9.47
N THR B 555 65.91 -15.88 8.97
CA THR B 555 66.78 -16.85 8.33
C THR B 555 66.15 -17.23 6.99
N LEU B 556 66.84 -16.89 5.89
CA LEU B 556 66.37 -17.28 4.57
C LEU B 556 66.97 -18.64 4.20
N GLU B 557 66.25 -19.32 3.30
CA GLU B 557 66.76 -20.53 2.66
C GLU B 557 67.70 -20.08 1.53
N GLU B 558 67.50 -18.85 1.07
CA GLU B 558 68.33 -18.27 0.01
C GLU B 558 68.00 -16.78 -0.11
N ALA B 559 69.04 -15.97 -0.34
CA ALA B 559 68.87 -14.54 -0.50
C ALA B 559 68.66 -14.24 -1.99
N VAL B 560 67.40 -14.10 -2.40
CA VAL B 560 67.10 -13.96 -3.82
C VAL B 560 67.13 -12.48 -4.18
N ALA B 561 66.43 -11.65 -3.40
CA ALA B 561 66.23 -10.23 -3.66
C ALA B 561 66.10 -9.46 -2.36
N PRO B 562 66.47 -8.16 -2.30
CA PRO B 562 66.44 -7.39 -1.05
C PRO B 562 65.09 -7.45 -0.34
N ASN B 563 65.15 -7.41 1.00
CA ASN B 563 63.95 -7.27 1.81
C ASN B 563 63.44 -5.85 1.66
N GLN B 564 62.12 -5.68 1.75
CA GLN B 564 61.58 -4.34 1.79
C GLN B 564 60.62 -4.30 2.98
N VAL B 565 60.73 -3.25 3.81
CA VAL B 565 59.87 -3.09 4.95
C VAL B 565 59.06 -1.82 4.77
N ASN B 566 57.76 -1.88 5.11
CA ASN B 566 56.87 -0.77 4.87
C ASN B 566 56.23 -0.31 6.17
N PHE B 567 55.85 0.97 6.18
CA PHE B 567 54.98 1.52 7.20
C PHE B 567 53.95 2.45 6.56
N MET B 568 52.70 2.42 7.07
CA MET B 568 51.63 3.30 6.63
C MET B 568 51.50 4.43 7.65
N THR B 569 51.22 5.66 7.18
CA THR B 569 51.00 6.77 8.10
C THR B 569 50.24 7.89 7.38
N TRP B 570 50.19 9.06 8.03
CA TRP B 570 49.50 10.21 7.48
C TRP B 570 49.98 11.48 8.18
N GLY B 571 49.53 12.64 7.68
CA GLY B 571 49.89 13.93 8.24
C GLY B 571 51.11 14.49 7.53
N ASN B 572 52.09 14.97 8.33
CA ASN B 572 53.29 15.62 7.85
C ASN B 572 54.54 14.79 8.13
N VAL B 573 54.92 14.03 7.10
CA VAL B 573 56.05 13.11 7.19
C VAL B 573 57.30 13.82 6.65
N THR B 574 58.34 13.85 7.48
CA THR B 574 59.60 14.48 7.13
C THR B 574 60.73 13.44 7.20
N PHE B 575 61.88 13.78 6.62
CA PHE B 575 63.06 12.94 6.70
C PHE B 575 64.25 13.80 7.11
N PRO B 576 64.39 14.21 8.40
CA PRO B 576 65.40 15.20 8.80
C PRO B 576 66.89 14.81 8.82
N SER B 577 67.14 13.49 8.78
CA SER B 577 68.47 12.91 8.60
C SER B 577 68.35 11.42 8.31
N GLN B 578 69.41 10.81 7.77
CA GLN B 578 69.45 9.37 7.52
C GLN B 578 69.20 8.63 8.83
N GLY B 579 68.34 7.60 8.74
CA GLY B 579 67.96 6.77 9.88
C GLY B 579 66.81 7.36 10.70
N LYS B 580 66.22 8.48 10.25
CA LYS B 580 65.23 9.20 11.02
C LYS B 580 64.09 9.71 10.15
N ILE B 581 62.86 9.20 10.40
CA ILE B 581 61.59 9.72 9.92
C ILE B 581 60.83 10.40 11.06
N GLN B 582 60.20 11.53 10.73
CA GLN B 582 59.44 12.30 11.71
C GLN B 582 58.01 12.42 11.20
N ILE B 583 57.04 12.20 12.11
CA ILE B 583 55.62 12.27 11.78
C ILE B 583 54.90 13.20 12.76
N GLU B 584 54.27 14.24 12.20
CA GLU B 584 53.43 15.17 12.94
C GLU B 584 52.00 15.13 12.39
N VAL B 585 51.05 14.79 13.26
CA VAL B 585 49.68 14.61 12.80
C VAL B 585 48.73 14.84 13.97
N LYS B 586 47.65 15.58 13.68
CA LYS B 586 46.67 15.99 14.66
C LYS B 586 47.33 16.23 16.01
N GLY B 587 48.47 16.92 16.02
CA GLY B 587 49.08 17.44 17.25
C GLY B 587 50.10 16.51 17.90
N GLN B 588 50.29 15.30 17.35
CA GLN B 588 51.21 14.34 17.94
C GLN B 588 52.52 14.37 17.13
N LYS B 589 53.64 14.11 17.81
CA LYS B 589 54.92 14.14 17.13
C LYS B 589 55.79 12.94 17.54
N VAL B 590 56.16 12.07 16.59
CA VAL B 590 57.05 10.95 16.90
C VAL B 590 58.23 10.89 15.91
N GLU B 591 59.27 10.16 16.31
CA GLU B 591 60.39 9.86 15.44
C GLU B 591 60.46 8.36 15.25
N LEU B 592 60.64 7.93 14.00
CA LEU B 592 60.89 6.53 13.69
C LEU B 592 62.35 6.36 13.27
N ASP B 593 63.17 5.71 14.13
CA ASP B 593 64.56 5.38 13.80
C ASP B 593 64.60 4.06 13.03
N TYR B 594 65.28 4.04 11.87
CA TYR B 594 65.42 2.84 11.06
C TYR B 594 66.89 2.59 10.68
N PRO B 595 67.27 1.34 10.34
CA PRO B 595 68.66 1.03 10.01
C PRO B 595 69.16 1.74 8.74
N THR B 596 70.38 2.32 8.82
CA THR B 596 70.88 3.22 7.79
C THR B 596 71.17 2.51 6.47
N LEU B 597 71.13 1.17 6.47
CA LEU B 597 71.27 0.42 5.23
C LEU B 597 70.01 0.58 4.36
N PHE B 598 68.97 1.23 4.89
CA PHE B 598 67.73 1.45 4.16
C PHE B 598 67.67 2.88 3.62
N LYS B 599 67.14 2.99 2.40
CA LYS B 599 66.81 4.24 1.76
C LYS B 599 65.29 4.37 1.85
N ALA B 600 64.83 5.41 2.56
CA ALA B 600 63.40 5.64 2.75
C ALA B 600 62.84 6.54 1.63
N GLU B 601 61.67 6.16 1.12
CA GLU B 601 60.89 7.04 0.25
C GLU B 601 59.48 7.16 0.82
N LEU B 602 58.83 8.26 0.46
CA LEU B 602 57.43 8.47 0.80
C LEU B 602 56.61 8.36 -0.48
N GLU B 603 55.65 7.43 -0.48
CA GLU B 603 54.68 7.27 -1.54
C GLU B 603 53.39 7.92 -1.09
N THR B 604 52.74 8.72 -1.96
CA THR B 604 51.45 9.31 -1.61
C THR B 604 50.33 8.45 -2.22
N ILE B 605 49.27 8.28 -1.43
CA ILE B 605 48.09 7.53 -1.87
C ILE B 605 46.88 8.47 -1.79
N GLN B 606 46.37 8.92 -2.95
CA GLN B 606 45.11 9.67 -3.02
C GLN B 606 43.96 8.71 -2.77
N LEU B 607 43.12 9.06 -1.81
CA LEU B 607 41.91 8.30 -1.55
C LEU B 607 40.77 8.95 -2.34
N ASP B 608 40.35 8.27 -3.42
CA ASP B 608 39.18 8.66 -4.20
C ASP B 608 37.96 8.05 -3.51
N ASP B 609 38.10 6.81 -3.04
CA ASP B 609 37.05 6.11 -2.32
C ASP B 609 36.65 6.94 -1.10
N PRO B 610 35.40 7.48 -1.03
CA PRO B 610 35.00 8.32 0.10
C PRO B 610 34.89 7.58 1.44
N ARG B 611 34.77 6.25 1.42
CA ARG B 611 34.71 5.49 2.67
C ARG B 611 36.08 5.43 3.34
N LEU B 612 37.14 5.69 2.59
CA LEU B 612 38.47 5.88 3.13
C LEU B 612 38.74 7.35 3.38
N SER B 613 38.38 8.25 2.44
CA SER B 613 38.70 9.66 2.61
C SER B 613 37.86 10.34 3.70
N ASN B 614 36.73 9.73 4.11
CA ASN B 614 35.94 10.25 5.22
C ASN B 614 36.67 10.04 6.55
N VAL B 615 37.53 9.00 6.61
CA VAL B 615 38.31 8.66 7.80
C VAL B 615 39.61 9.46 7.84
N TRP B 616 40.44 9.28 6.81
CA TRP B 616 41.82 9.77 6.77
C TRP B 616 41.91 11.15 6.14
N GLY B 617 41.05 11.39 5.15
CA GLY B 617 41.11 12.59 4.35
C GLY B 617 41.52 12.23 2.93
N LYS B 618 42.27 13.16 2.32
CA LYS B 618 42.53 13.17 0.89
C LYS B 618 43.52 12.07 0.54
N GLU B 619 44.50 11.85 1.42
CA GLU B 619 45.66 11.05 1.09
C GLU B 619 46.37 10.54 2.34
N ILE B 620 46.85 9.29 2.26
CA ILE B 620 47.81 8.72 3.22
C ILE B 620 49.04 8.22 2.46
N TYR B 621 50.12 7.97 3.24
CA TYR B 621 51.42 7.56 2.70
C TYR B 621 51.80 6.16 3.16
N ARG B 622 52.42 5.42 2.22
CA ARG B 622 53.28 4.28 2.49
C ARG B 622 54.71 4.78 2.51
N ILE B 623 55.40 4.61 3.65
CA ILE B 623 56.85 4.70 3.69
C ILE B 623 57.42 3.38 3.17
N THR B 624 58.47 3.47 2.34
CA THR B 624 59.17 2.31 1.81
C THR B 624 60.64 2.39 2.21
N LEU B 625 61.10 1.31 2.86
CA LEU B 625 62.48 1.09 3.25
C LEU B 625 63.03 -0.01 2.36
N LYS B 626 64.04 0.32 1.52
CA LYS B 626 64.61 -0.59 0.53
C LYS B 626 66.14 -0.60 0.62
N THR B 627 66.75 -1.59 -0.04
CA THR B 627 68.19 -1.79 0.11
C THR B 627 68.75 -2.65 -1.03
N ASN B 628 70.08 -2.56 -1.16
CA ASN B 628 70.84 -3.38 -2.08
C ASN B 628 71.36 -4.64 -1.40
N GLU B 629 71.44 -4.60 -0.06
CA GLU B 629 71.95 -5.72 0.72
C GLU B 629 71.04 -6.93 0.58
N LYS B 630 71.61 -8.08 0.90
CA LYS B 630 71.03 -9.35 0.53
C LYS B 630 71.81 -10.43 1.27
N LYS B 631 71.34 -10.76 2.48
CA LYS B 631 72.01 -11.74 3.32
C LYS B 631 71.02 -12.85 3.66
N GLU B 632 71.54 -14.01 4.07
CA GLU B 632 70.72 -15.18 4.32
C GLU B 632 70.11 -15.08 5.71
N THR B 633 70.84 -14.41 6.61
CA THR B 633 70.50 -14.25 8.01
C THR B 633 70.67 -12.78 8.39
N GLY B 634 69.66 -12.19 9.05
CA GLY B 634 69.79 -10.80 9.47
C GLY B 634 68.70 -10.35 10.43
N ASN B 635 68.78 -9.08 10.82
CA ASN B 635 67.74 -8.45 11.64
C ASN B 635 67.72 -6.95 11.41
N TYR B 636 66.56 -6.34 11.71
CA TYR B 636 66.41 -4.89 11.73
C TYR B 636 65.79 -4.52 13.08
N LYS B 637 66.12 -3.31 13.55
CA LYS B 637 65.49 -2.73 14.75
C LYS B 637 64.91 -1.34 14.40
N PHE B 638 63.63 -1.12 14.73
CA PHE B 638 62.98 0.17 14.54
C PHE B 638 62.42 0.71 15.87
N VAL B 639 62.58 2.02 16.06
CA VAL B 639 62.20 2.64 17.33
C VAL B 639 61.31 3.84 17.01
N ILE B 640 60.09 3.84 17.58
CA ILE B 640 59.18 4.98 17.49
C ILE B 640 59.00 5.56 18.90
N GLN B 641 59.23 6.87 19.03
CA GLN B 641 58.99 7.55 20.30
C GLN B 641 58.51 8.97 20.06
N GLN B 642 57.81 9.54 21.05
CA GLN B 642 57.43 10.94 21.03
C GLN B 642 58.66 11.82 21.28
N ILE B 643 58.70 13.03 20.70
CA ILE B 643 59.83 13.95 20.90
C ILE B 643 59.35 15.37 21.27
C1 NAG C . 26.57 -13.15 2.53
C2 NAG C . 25.28 -12.45 3.00
C3 NAG C . 25.59 -11.53 4.20
C4 NAG C . 26.15 -12.47 5.30
C5 NAG C . 27.38 -13.24 4.74
C6 NAG C . 28.01 -14.17 5.77
C7 NAG C . 23.53 -11.73 1.45
C8 NAG C . 23.20 -10.77 0.35
N2 NAG C . 24.79 -11.61 1.92
O1 NAG C . 26.39 -13.87 1.32
O3 NAG C . 24.42 -10.78 4.63
O4 NAG C . 26.43 -11.80 6.55
O5 NAG C . 26.99 -14.00 3.59
O6 NAG C . 28.68 -15.31 5.20
O7 NAG C . 22.71 -12.55 1.87
H1 NAG C . 27.33 -12.37 2.36
H2 NAG C . 24.55 -13.21 3.30
H3 NAG C . 26.38 -10.83 3.92
H4 NAG C . 25.38 -13.23 5.51
H5 NAG C . 28.14 -12.49 4.44
H61 NAG C . 27.24 -14.52 6.44
H62 NAG C . 28.73 -13.60 6.37
H81 NAG C . 23.31 -9.77 0.71
H82 NAG C . 23.85 -10.92 -0.47
H83 NAG C . 22.20 -10.92 0.04
HO4 NAG C . 26.79 -12.45 7.17
HO6 NAG C . 29.06 -15.86 5.89
C1 BDP C . 24.52 -9.35 4.82
C2 BDP C . 23.11 -8.77 4.92
C3 BDP C . 23.02 -7.32 5.42
C4 BDP C . 23.83 -7.16 6.72
C5 BDP C . 25.22 -7.86 6.68
C6 BDP C . 25.66 -8.16 8.09
O2 BDP C . 22.48 -8.83 3.66
O3 BDP C . 21.64 -6.96 5.66
O4 BDP C . 23.99 -5.77 7.04
O5 BDP C . 25.25 -9.16 6.04
O6A BDP C . 25.84 -9.36 8.39
O6B BDP C . 25.81 -7.21 8.89
H1 BDP C . 25.05 -8.89 3.98
H2 BDP C . 22.54 -9.39 5.63
H3 BDP C . 23.46 -6.66 4.65
H4 BDP C . 23.25 -7.65 7.51
H5 BDP C . 25.95 -7.19 6.21
HO2 BDP C . 22.52 -9.76 3.39
HO3 BDP C . 21.15 -7.08 4.82
C1 NAG C . 23.14 -5.26 8.08
C2 NAG C . 23.40 -3.74 8.19
C3 NAG C . 22.58 -3.11 9.32
C4 NAG C . 21.11 -3.38 8.96
C5 NAG C . 20.81 -4.87 8.74
C6 NAG C . 19.33 -5.03 8.35
C7 NAG C . 25.64 -2.64 7.83
C8 NAG C . 25.25 -1.86 6.82
N2 NAG C . 24.82 -3.51 8.46
O3 NAG C . 22.92 -1.70 9.53
O4 NAG C . 20.22 -3.02 10.00
O5 NAG C . 21.74 -5.51 7.82
O6 NAG C . 19.23 -5.51 7.01
O7 NAG C . 26.90 -2.62 8.29
H1 NAG C . 23.43 -5.72 9.04
H2 NAG C . 23.07 -3.28 7.24
H3 NAG C . 22.80 -3.68 10.24
H4 NAG C . 20.86 -2.83 8.04
H5 NAG C . 20.93 -5.36 9.72
H61 NAG C . 18.79 -4.08 8.42
H62 NAG C . 18.85 -5.74 9.02
H81 NAG C . 24.23 -1.86 6.46
H82 NAG C . 25.96 -1.19 6.36
HO4 NAG C . 19.29 -3.23 9.75
HO6 NAG C . 18.32 -5.61 6.77
C1 BDP C . 22.95 -1.26 10.92
C2 BDP C . 24.02 -0.21 11.25
C3 BDP C . 23.96 0.01 12.77
C4 BDP C . 22.56 0.42 13.25
C5 BDP C . 21.51 -0.58 12.72
C6 BDP C . 20.06 -0.23 12.98
O2 BDP C . 25.34 -0.65 10.90
O3 BDP C . 24.93 1.00 13.17
O4 BDP C . 22.61 0.49 14.68
O5 BDP C . 21.69 -0.68 11.30
O6A BDP C . 19.18 -1.10 12.85
O6B BDP C . 19.74 0.94 13.31
H1 BDP C . 23.15 -2.13 11.57
H2 BDP C . 23.77 0.72 10.74
H3 BDP C . 24.22 -0.93 13.26
H4 BDP C . 22.34 1.41 12.85
H5 BDP C . 21.71 -1.55 13.19
HO2 BDP C . 25.32 -0.67 10.06
HO3 BDP C . 25.59 0.83 13.07
C1 NAG D . -28.36 1.80 -0.31
C2 NAG D . -27.08 1.59 -1.10
C3 NAG D . -27.28 2.13 -2.51
C4 NAG D . -28.46 1.41 -3.14
C5 NAG D . -29.70 1.59 -2.29
C6 NAG D . -30.97 0.91 -2.83
C7 NAG D . -25.06 1.81 0.25
C8 NAG D . -24.07 2.73 0.91
N2 NAG D . -26.05 2.38 -0.44
O1 NAG D . -28.21 1.37 1.07
O3 NAG D . -26.07 1.90 -3.23
O4 NAG D . -28.63 1.93 -4.46
O5 NAG D . -29.40 1.06 -1.00
O6 NAG D . -31.34 -0.29 -2.14
O7 NAG D . -24.96 0.62 0.35
H1 NAG D . -28.61 2.87 -0.33
H2 NAG D . -26.83 0.53 -1.15
H3 NAG D . -27.52 3.21 -2.43
H4 NAG D . -28.23 0.33 -3.20
H5 NAG D . -29.91 2.67 -2.20
H61 NAG D . -30.82 0.68 -3.88
H62 NAG D . -31.80 1.62 -2.77
H81 NAG D . -23.25 2.15 1.25
H82 NAG D . -24.54 3.20 1.73
H83 NAG D . -23.74 3.46 0.22
HO4 NAG D . -29.35 1.54 -4.92
HO6 NAG D . -32.15 -0.66 -2.57
C1 BDP D . -25.47 3.06 -3.82
C2 BDP D . -23.96 2.94 -3.63
C3 BDP D . -23.13 3.77 -4.63
C4 BDP D . -23.75 3.95 -6.04
C5 BDP D . -25.26 4.22 -5.97
C6 BDP D . -25.94 4.29 -7.33
O2 BDP D . -23.63 3.31 -2.26
O3 BDP D . -21.83 3.15 -4.75
O4 BDP D . -23.08 5.01 -6.72
O5 BDP D . -25.88 3.18 -5.19
O6A BDP D . -26.26 3.24 -7.94
O6B BDP D . -26.19 5.43 -7.80
H1 BDP D . -25.79 3.97 -3.29
H2 BDP D . -23.69 1.89 -3.79
H3 BDP D . -23.00 4.78 -4.21
H4 BDP D . -23.60 3.00 -6.60
H5 BDP D . -25.41 5.18 -5.45
HO2 BDP D . -24.17 2.79 -1.65
HO3 BDP D . -21.45 3.03 -3.84
C1 NAG D . -22.06 4.68 -7.67
C2 NAG D . -21.64 6.00 -8.35
C3 NAG D . -20.74 5.73 -9.58
C4 NAG D . -19.52 4.95 -8.99
C5 NAG D . -19.77 3.85 -7.89
C6 NAG D . -18.53 3.67 -7.00
C7 NAG D . -23.27 7.94 -8.54
C8 NAG D . -22.39 8.93 -8.35
N2 NAG D . -22.95 6.63 -8.60
O3 NAG D . -20.36 6.97 -10.28
O4 NAG D . -18.82 4.28 -10.06
O5 NAG D . -20.92 4.06 -7.04
O6 NAG D . -18.48 4.60 -5.90
O7 NAG D . -24.55 8.16 -8.74
H1 NAG D . -22.47 4.01 -8.44
H2 NAG D . -21.07 6.59 -7.62
H3 NAG D . -21.29 5.08 -10.28
H4 NAG D . -18.85 5.69 -8.56
H5 NAG D . -19.92 2.90 -8.42
H61 NAG D . -17.63 3.78 -7.61
H62 NAG D . -18.53 2.65 -6.60
H81 NAG D . -22.74 9.96 -8.36
H82 NAG D . -21.35 8.72 -8.18
HO4 NAG D . -18.03 3.78 -9.73
HO6 NAG D . -17.68 4.43 -5.38
C1 BDP D . -20.14 6.94 -11.72
C2 BDP D . -19.82 8.30 -12.36
C3 BDP D . -19.84 8.16 -13.90
C4 BDP D . -19.05 6.97 -14.50
C5 BDP D . -18.94 5.74 -13.54
C6 BDP D . -17.69 4.85 -13.76
O2 BDP D . -20.74 9.35 -11.99
O3 BDP D . -19.29 9.35 -14.48
O4 BDP D . -19.63 6.65 -15.79
O5 BDP D . -19.02 6.13 -12.13
O6A BDP D . -17.85 3.62 -13.98
O6B BDP D . -16.50 5.31 -13.72
H1 BDP D . -21.05 6.54 -12.21
H2 BDP D . -18.81 8.58 -12.06
H3 BDP D . -20.88 8.06 -14.22
H4 BDP D . -18.02 7.33 -14.67
H5 BDP D . -19.81 5.11 -13.76
HO2 BDP D . -20.60 9.44 -11.01
HO3 BDP D . -19.62 10.12 -14.14
ZN ZN E . -40.55 16.88 -9.07
ZN ZN F . 44.36 -3.94 6.93
#